data_3A28
#
_entry.id   3A28
#
_cell.length_a   60.8
_cell.length_b   69.2
_cell.length_c   127.4
_cell.angle_alpha   96.1
_cell.angle_beta   100.2
_cell.angle_gamma   109.6
#
_symmetry.space_group_name_H-M   'P 1'
#
loop_
_entity.id
_entity.type
_entity.pdbx_description
1 polymer 'L-2.3-butanediol dehydrogenase'
2 non-polymer NICOTINAMIDE-ADENINE-DINUCLEOTIDE
3 non-polymer BETA-MERCAPTOETHANOL
4 non-polymer 'MAGNESIUM ION'
5 water water
#
_entity_poly.entity_id   1
_entity_poly.type   'polypeptide(L)'
_entity_poly.pdbx_seq_one_letter_code
;MSKVAMVTGGAQGIGRGISEKLAADGFDIAVADLPQQEEQAAETIKLIEAADQKAVFVGLDVTDKANFDSAIDEAAEKLG
GFDVLVNNAGIAQIKPLLEVTEEDLKQIYSVNVFSVFFGIQAASRKFDELGVKGKIINAASIAAIQGFPILSAYSTTKFA
VRGLTQAAAQELAPKGHTVNAYAPGIVGTGMWEQIDAELSKINGKPIGENFKEYSSSIALGRPSVPEDVAGLVSFLASEN
SNYVTGQVMLVDGGMLYN
;
_entity_poly.pdbx_strand_id   C,D,A,B,E,F,G,H
#
# COMPACT_ATOMS: atom_id res chain seq x y z
N SER A 2 -49.16 41.87 -6.63
CA SER A 2 -48.13 41.73 -5.56
C SER A 2 -47.88 40.25 -5.26
N LYS A 3 -46.65 39.92 -4.84
CA LYS A 3 -46.29 38.54 -4.51
C LYS A 3 -47.06 38.15 -3.24
N VAL A 4 -47.32 36.85 -3.06
CA VAL A 4 -48.08 36.39 -1.89
C VAL A 4 -47.34 35.41 -1.01
N ALA A 5 -47.47 35.60 0.30
CA ALA A 5 -46.84 34.72 1.27
C ALA A 5 -47.80 34.34 2.38
N MET A 6 -47.75 33.08 2.80
CA MET A 6 -48.59 32.60 3.90
C MET A 6 -47.67 32.40 5.08
N VAL A 7 -48.05 32.92 6.24
CA VAL A 7 -47.26 32.74 7.44
C VAL A 7 -48.15 32.00 8.45
N THR A 8 -47.81 30.75 8.73
CA THR A 8 -48.60 29.98 9.68
C THR A 8 -48.20 30.44 11.08
N GLY A 9 -49.14 30.40 12.01
CA GLY A 9 -48.85 30.85 13.37
C GLY A 9 -48.56 32.35 13.34
N GLY A 10 -49.12 33.04 12.36
CA GLY A 10 -48.89 34.47 12.24
C GLY A 10 -49.76 35.38 13.09
N ALA A 11 -50.58 34.82 13.97
CA ALA A 11 -51.46 35.62 14.81
C ALA A 11 -50.69 36.34 15.91
N GLN A 12 -49.46 35.90 16.16
CA GLN A 12 -48.67 36.52 17.21
C GLN A 12 -47.21 36.06 17.17
N GLY A 13 -46.40 36.62 18.06
CA GLY A 13 -45.01 36.25 18.16
C GLY A 13 -44.17 36.49 16.92
N ILE A 14 -43.23 35.59 16.66
CA ILE A 14 -42.36 35.71 15.51
C ILE A 14 -43.18 35.67 14.23
N GLY A 15 -44.27 34.91 14.22
CA GLY A 15 -45.11 34.84 13.04
C GLY A 15 -45.66 36.21 12.70
N ARG A 16 -46.07 36.96 13.71
CA ARG A 16 -46.61 38.29 13.50
C ARG A 16 -45.48 39.19 12.98
N GLY A 17 -44.30 39.05 13.58
CA GLY A 17 -43.17 39.86 13.17
C GLY A 17 -42.80 39.62 11.71
N ILE A 18 -42.88 38.37 11.28
CA ILE A 18 -42.57 38.01 9.90
C ILE A 18 -43.61 38.58 8.95
N SER A 19 -44.88 38.41 9.30
CA SER A 19 -45.96 38.92 8.46
C SER A 19 -45.79 40.41 8.21
N GLU A 20 -45.52 41.16 9.28
CA GLU A 20 -45.32 42.61 9.16
C GLU A 20 -44.14 42.93 8.26
N LYS A 21 -43.02 42.25 8.47
CA LYS A 21 -41.81 42.50 7.68
C LYS A 21 -42.03 42.19 6.19
N LEU A 22 -42.57 41.00 5.90
CA LEU A 22 -42.81 40.63 4.51
C LEU A 22 -43.77 41.63 3.87
N ALA A 23 -44.76 42.08 4.64
CA ALA A 23 -45.73 43.05 4.13
C ALA A 23 -44.93 44.29 3.73
N ALA A 24 -44.00 44.68 4.58
CA ALA A 24 -43.17 45.84 4.34
C ALA A 24 -42.28 45.64 3.11
N ASP A 25 -41.93 44.39 2.81
CA ASP A 25 -41.10 44.08 1.65
C ASP A 25 -41.91 44.07 0.36
N GLY A 26 -43.23 44.11 0.48
CA GLY A 26 -44.06 44.13 -0.71
C GLY A 26 -44.99 42.95 -0.96
N PHE A 27 -45.06 42.01 -0.01
CA PHE A 27 -45.94 40.85 -0.14
C PHE A 27 -47.33 41.06 0.45
N ASP A 28 -48.34 40.43 -0.16
CA ASP A 28 -49.69 40.46 0.37
C ASP A 28 -49.58 39.26 1.30
N ILE A 29 -50.22 39.30 2.47
CA ILE A 29 -50.07 38.22 3.43
C ILE A 29 -51.32 37.43 3.83
N ALA A 30 -51.14 36.13 3.97
CA ALA A 30 -52.20 35.26 4.41
C ALA A 30 -51.78 34.85 5.81
N VAL A 31 -52.49 35.36 6.81
CA VAL A 31 -52.16 35.02 8.19
C VAL A 31 -52.94 33.77 8.53
N ALA A 32 -52.23 32.65 8.63
CA ALA A 32 -52.86 31.37 8.94
C ALA A 32 -52.59 30.99 10.38
N ASP A 33 -53.65 30.67 11.12
CA ASP A 33 -53.52 30.31 12.53
C ASP A 33 -54.84 29.65 12.95
N LEU A 34 -54.87 29.13 14.17
CA LEU A 34 -56.06 28.48 14.70
C LEU A 34 -57.25 29.44 14.66
N PRO A 35 -58.44 28.91 14.34
CA PRO A 35 -59.61 29.79 14.29
C PRO A 35 -59.74 30.66 15.53
N GLN A 36 -59.56 30.08 16.71
CA GLN A 36 -59.67 30.84 17.95
C GLN A 36 -58.74 32.04 18.04
N GLN A 37 -57.70 32.04 17.22
CA GLN A 37 -56.73 33.13 17.21
C GLN A 37 -57.07 34.27 16.25
N GLU A 38 -58.19 34.15 15.54
CA GLU A 38 -58.56 35.19 14.58
C GLU A 38 -58.54 36.59 15.16
N GLU A 39 -59.27 36.79 16.25
CA GLU A 39 -59.33 38.10 16.89
C GLU A 39 -57.91 38.57 17.18
N GLN A 40 -57.11 37.67 17.74
CA GLN A 40 -55.72 37.97 18.07
C GLN A 40 -54.97 38.40 16.81
N ALA A 41 -55.20 37.67 15.72
CA ALA A 41 -54.54 37.96 14.45
C ALA A 41 -54.91 39.31 13.86
N ALA A 42 -56.03 39.88 14.32
CA ALA A 42 -56.47 41.18 13.83
C ALA A 42 -55.36 42.22 13.98
N GLU A 43 -54.47 42.01 14.94
CA GLU A 43 -53.35 42.92 15.17
C GLU A 43 -52.33 42.75 14.06
N THR A 44 -52.09 41.51 13.67
CA THR A 44 -51.14 41.20 12.60
C THR A 44 -51.67 41.78 11.30
N ILE A 45 -52.97 41.62 11.08
CA ILE A 45 -53.61 42.14 9.87
C ILE A 45 -53.45 43.65 9.78
N LYS A 46 -53.51 44.33 10.92
CA LYS A 46 -53.36 45.78 10.94
C LYS A 46 -51.95 46.18 10.52
N LEU A 47 -50.95 45.50 11.06
CA LEU A 47 -49.56 45.79 10.72
C LEU A 47 -49.30 45.58 9.22
N ILE A 48 -49.96 44.60 8.63
CA ILE A 48 -49.80 44.32 7.21
C ILE A 48 -50.47 45.38 6.33
N GLU A 49 -51.72 45.70 6.63
CA GLU A 49 -52.47 46.69 5.86
C GLU A 49 -51.84 48.07 5.97
N ALA A 50 -51.14 48.32 7.08
CA ALA A 50 -50.49 49.60 7.31
C ALA A 50 -49.34 49.79 6.32
N ALA A 51 -49.00 48.73 5.60
CA ALA A 51 -47.91 48.77 4.63
C ALA A 51 -48.50 48.85 3.22
N ASP A 52 -49.81 49.07 3.17
CA ASP A 52 -50.53 49.16 1.90
C ASP A 52 -50.44 47.85 1.14
N GLN A 53 -50.58 46.75 1.88
CA GLN A 53 -50.56 45.41 1.31
C GLN A 53 -51.85 44.75 1.74
N LYS A 54 -52.32 43.79 0.96
CA LYS A 54 -53.55 43.08 1.29
C LYS A 54 -53.25 41.96 2.27
N ALA A 55 -54.22 41.67 3.13
CA ALA A 55 -54.05 40.62 4.12
C ALA A 55 -55.37 39.92 4.36
N VAL A 56 -55.29 38.67 4.81
CA VAL A 56 -56.48 37.90 5.10
C VAL A 56 -56.12 36.86 6.14
N PHE A 57 -57.10 36.48 6.97
CA PHE A 57 -56.86 35.46 7.97
C PHE A 57 -57.38 34.15 7.41
N VAL A 58 -56.65 33.08 7.65
CA VAL A 58 -57.07 31.77 7.21
C VAL A 58 -57.02 30.86 8.41
N GLY A 59 -58.17 30.27 8.75
CA GLY A 59 -58.24 29.37 9.87
C GLY A 59 -57.52 28.09 9.53
N LEU A 60 -56.47 27.77 10.28
CA LEU A 60 -55.71 26.57 9.99
C LEU A 60 -55.05 25.92 11.19
N ASP A 61 -55.29 24.62 11.33
CA ASP A 61 -54.66 23.84 12.38
C ASP A 61 -53.65 23.06 11.53
N VAL A 62 -52.39 23.47 11.55
CA VAL A 62 -51.36 22.84 10.74
C VAL A 62 -51.21 21.33 10.89
N THR A 63 -51.74 20.76 11.98
CA THR A 63 -51.63 19.31 12.18
C THR A 63 -52.57 18.55 11.27
N ASP A 64 -53.54 19.25 10.70
CA ASP A 64 -54.53 18.66 9.81
C ASP A 64 -54.12 18.85 8.34
N LYS A 65 -53.71 17.77 7.68
CA LYS A 65 -53.30 17.89 6.27
C LYS A 65 -54.41 18.43 5.37
N ALA A 66 -55.63 17.92 5.55
CA ALA A 66 -56.75 18.39 4.72
C ALA A 66 -56.93 19.91 4.88
N ASN A 67 -56.87 20.37 6.11
CA ASN A 67 -57.03 21.79 6.41
C ASN A 67 -55.92 22.63 5.76
N PHE A 68 -54.71 22.08 5.72
CA PHE A 68 -53.58 22.80 5.13
C PHE A 68 -53.76 22.92 3.62
N ASP A 69 -54.30 21.88 2.99
CA ASP A 69 -54.51 21.96 1.55
C ASP A 69 -55.56 23.03 1.24
N SER A 70 -56.64 23.04 2.00
CA SER A 70 -57.71 24.02 1.77
C SER A 70 -57.28 25.44 2.13
N ALA A 71 -56.42 25.56 3.14
CA ALA A 71 -55.94 26.86 3.58
C ALA A 71 -55.09 27.52 2.50
N ILE A 72 -54.23 26.73 1.85
CA ILE A 72 -53.38 27.28 0.79
C ILE A 72 -54.27 27.60 -0.41
N ASP A 73 -55.27 26.77 -0.67
CA ASP A 73 -56.18 27.06 -1.77
C ASP A 73 -56.88 28.38 -1.48
N GLU A 74 -57.44 28.49 -0.28
CA GLU A 74 -58.14 29.69 0.12
C GLU A 74 -57.21 30.91 0.04
N ALA A 75 -55.99 30.74 0.53
CA ALA A 75 -55.01 31.82 0.49
C ALA A 75 -54.73 32.27 -0.94
N ALA A 76 -54.37 31.34 -1.80
CA ALA A 76 -54.07 31.66 -3.19
C ALA A 76 -55.27 32.27 -3.92
N GLU A 77 -56.46 31.81 -3.57
CA GLU A 77 -57.68 32.30 -4.20
C GLU A 77 -58.02 33.71 -3.73
N LYS A 78 -57.91 33.94 -2.43
CA LYS A 78 -58.21 35.24 -1.85
C LYS A 78 -57.21 36.33 -2.24
N LEU A 79 -55.92 35.96 -2.32
CA LEU A 79 -54.89 36.93 -2.66
C LEU A 79 -54.43 36.95 -4.11
N GLY A 80 -54.93 36.01 -4.91
CA GLY A 80 -54.56 35.96 -6.31
C GLY A 80 -53.15 35.50 -6.60
N GLY A 81 -52.62 34.62 -5.76
CA GLY A 81 -51.28 34.14 -5.98
C GLY A 81 -50.79 33.36 -4.77
N PHE A 82 -49.61 32.78 -4.90
CA PHE A 82 -49.01 32.00 -3.81
C PHE A 82 -47.57 31.73 -4.20
N ASP A 83 -46.64 32.48 -3.60
CA ASP A 83 -45.23 32.36 -3.93
C ASP A 83 -44.35 31.95 -2.76
N VAL A 84 -44.82 32.17 -1.55
CA VAL A 84 -44.03 31.84 -0.37
C VAL A 84 -44.86 31.23 0.76
N LEU A 85 -44.31 30.20 1.38
CA LEU A 85 -44.96 29.57 2.52
C LEU A 85 -43.99 29.54 3.69
N VAL A 86 -44.37 30.14 4.82
CA VAL A 86 -43.52 30.12 5.98
C VAL A 86 -44.16 29.20 7.04
N ASN A 87 -43.54 28.06 7.27
CA ASN A 87 -44.01 27.07 8.24
C ASN A 87 -43.44 27.48 9.58
N ASN A 88 -44.13 28.44 10.22
CA ASN A 88 -43.72 29.01 11.48
C ASN A 88 -44.47 28.44 12.69
N ALA A 89 -45.69 27.95 12.46
CA ALA A 89 -46.50 27.39 13.55
C ALA A 89 -45.77 26.27 14.27
N GLY A 90 -45.79 26.33 15.59
CA GLY A 90 -45.14 25.31 16.39
C GLY A 90 -45.35 25.53 17.87
N ILE A 91 -45.05 24.52 18.67
CA ILE A 91 -45.19 24.63 20.12
C ILE A 91 -43.92 24.18 20.79
N ALA A 92 -43.81 24.49 22.07
CA ALA A 92 -42.67 24.08 22.86
C ALA A 92 -43.17 23.24 24.02
N GLN A 93 -42.32 22.32 24.49
CA GLN A 93 -42.64 21.49 25.63
C GLN A 93 -41.42 21.59 26.53
N ILE A 94 -41.65 21.61 27.85
CA ILE A 94 -40.56 21.70 28.80
C ILE A 94 -40.77 20.59 29.81
N LYS A 95 -39.90 19.59 29.78
CA LYS A 95 -40.02 18.47 30.69
C LYS A 95 -38.81 17.55 30.65
N PRO A 96 -38.35 17.09 31.83
CA PRO A 96 -37.19 16.20 31.91
C PRO A 96 -37.38 14.99 31.00
N LEU A 97 -36.30 14.57 30.37
CA LEU A 97 -36.35 13.42 29.45
C LEU A 97 -37.04 12.20 30.06
N LEU A 98 -36.66 11.85 31.28
CA LEU A 98 -37.24 10.69 31.95
C LEU A 98 -38.74 10.78 32.19
N GLU A 99 -39.33 11.96 31.97
CA GLU A 99 -40.76 12.15 32.18
C GLU A 99 -41.56 12.28 30.89
N VAL A 100 -40.87 12.39 29.75
CA VAL A 100 -41.55 12.54 28.47
C VAL A 100 -42.43 11.32 28.18
N THR A 101 -43.68 11.57 27.84
CA THR A 101 -44.63 10.49 27.56
C THR A 101 -44.89 10.37 26.08
N GLU A 102 -45.48 9.25 25.67
CA GLU A 102 -45.78 9.04 24.27
C GLU A 102 -46.81 10.08 23.81
N GLU A 103 -47.68 10.49 24.73
CA GLU A 103 -48.69 11.48 24.40
C GLU A 103 -48.00 12.81 24.09
N ASP A 104 -46.96 13.12 24.84
CA ASP A 104 -46.22 14.36 24.61
C ASP A 104 -45.61 14.30 23.21
N LEU A 105 -44.96 13.20 22.89
CA LEU A 105 -44.31 13.00 21.60
C LEU A 105 -45.26 13.07 20.41
N LYS A 106 -46.36 12.31 20.47
CA LYS A 106 -47.33 12.33 19.37
C LYS A 106 -47.80 13.75 19.17
N GLN A 107 -48.06 14.43 20.28
CA GLN A 107 -48.52 15.79 20.24
C GLN A 107 -47.53 16.75 19.59
N ILE A 108 -46.33 16.82 20.13
CA ILE A 108 -45.33 17.76 19.60
C ILE A 108 -44.84 17.46 18.19
N TYR A 109 -44.80 16.19 17.80
CA TYR A 109 -44.36 15.87 16.45
C TYR A 109 -45.43 16.21 15.42
N SER A 110 -46.70 16.05 15.80
CA SER A 110 -47.78 16.37 14.88
C SER A 110 -47.74 17.85 14.54
N VAL A 111 -47.66 18.69 15.57
CA VAL A 111 -47.65 20.13 15.37
C VAL A 111 -46.34 20.69 14.82
N ASN A 112 -45.22 20.17 15.29
CA ASN A 112 -43.91 20.68 14.86
C ASN A 112 -43.23 20.02 13.66
N VAL A 113 -43.59 18.77 13.35
CA VAL A 113 -42.96 18.09 12.23
C VAL A 113 -43.91 17.68 11.11
N PHE A 114 -44.95 16.92 11.45
CA PHE A 114 -45.89 16.45 10.45
C PHE A 114 -46.52 17.62 9.68
N SER A 115 -46.82 18.69 10.41
CA SER A 115 -47.41 19.89 9.82
C SER A 115 -46.51 20.44 8.73
N VAL A 116 -45.20 20.38 8.95
CA VAL A 116 -44.23 20.90 7.99
C VAL A 116 -44.21 20.05 6.72
N PHE A 117 -44.35 18.74 6.87
CA PHE A 117 -44.43 17.85 5.72
C PHE A 117 -45.67 18.29 4.93
N PHE A 118 -46.78 18.46 5.65
CA PHE A 118 -48.06 18.86 5.05
C PHE A 118 -47.97 20.20 4.33
N GLY A 119 -47.32 21.17 4.96
CA GLY A 119 -47.18 22.48 4.36
C GLY A 119 -46.35 22.43 3.09
N ILE A 120 -45.21 21.73 3.15
CA ILE A 120 -44.33 21.60 1.99
C ILE A 120 -45.09 20.97 0.84
N GLN A 121 -45.85 19.91 1.12
CA GLN A 121 -46.61 19.23 0.09
C GLN A 121 -47.67 20.12 -0.52
N ALA A 122 -48.43 20.82 0.32
CA ALA A 122 -49.48 21.71 -0.17
C ALA A 122 -48.87 22.89 -0.93
N ALA A 123 -47.75 23.41 -0.43
CA ALA A 123 -47.07 24.52 -1.07
C ALA A 123 -46.58 24.11 -2.46
N SER A 124 -45.89 22.98 -2.52
CA SER A 124 -45.37 22.45 -3.77
C SER A 124 -46.49 22.27 -4.79
N ARG A 125 -47.58 21.64 -4.36
CA ARG A 125 -48.70 21.43 -5.26
C ARG A 125 -49.26 22.74 -5.78
N LYS A 126 -49.38 23.75 -4.92
CA LYS A 126 -49.91 25.04 -5.37
C LYS A 126 -48.93 25.76 -6.29
N PHE A 127 -47.64 25.73 -5.94
CA PHE A 127 -46.62 26.37 -6.77
C PHE A 127 -46.72 25.84 -8.19
N ASP A 128 -46.70 24.52 -8.34
CA ASP A 128 -46.79 23.93 -9.67
C ASP A 128 -48.09 24.27 -10.39
N GLU A 129 -49.20 24.25 -9.65
CA GLU A 129 -50.51 24.56 -10.23
C GLU A 129 -50.51 25.96 -10.84
N LEU A 130 -49.85 26.89 -10.17
CA LEU A 130 -49.78 28.27 -10.65
C LEU A 130 -48.64 28.45 -11.66
N GLY A 131 -47.82 27.41 -11.81
CA GLY A 131 -46.72 27.50 -12.75
C GLY A 131 -45.61 28.43 -12.30
N VAL A 132 -45.41 28.53 -11.00
CA VAL A 132 -44.37 29.39 -10.46
C VAL A 132 -43.33 28.60 -9.66
N LYS A 133 -42.20 29.25 -9.39
CA LYS A 133 -41.15 28.64 -8.58
C LYS A 133 -41.38 29.30 -7.23
N GLY A 134 -41.49 28.49 -6.19
CA GLY A 134 -41.76 29.05 -4.88
C GLY A 134 -40.67 28.86 -3.85
N LYS A 135 -40.86 29.51 -2.71
CA LYS A 135 -39.93 29.44 -1.61
C LYS A 135 -40.65 28.92 -0.38
N ILE A 136 -40.06 27.92 0.26
CA ILE A 136 -40.63 27.36 1.48
C ILE A 136 -39.62 27.67 2.58
N ILE A 137 -40.09 28.31 3.65
CA ILE A 137 -39.23 28.70 4.75
C ILE A 137 -39.75 28.10 6.05
N ASN A 138 -38.92 27.25 6.68
CA ASN A 138 -39.30 26.58 7.91
C ASN A 138 -38.68 27.15 9.19
N ALA A 139 -39.45 27.11 10.27
CA ALA A 139 -38.97 27.58 11.56
C ALA A 139 -38.19 26.48 12.28
N ALA A 140 -36.87 26.57 12.23
CA ALA A 140 -36.02 25.61 12.92
C ALA A 140 -35.78 26.27 14.26
N SER A 141 -34.56 26.19 14.77
CA SER A 141 -34.21 26.77 16.06
C SER A 141 -32.78 26.42 16.40
N ILE A 142 -32.21 27.06 17.41
CA ILE A 142 -30.86 26.69 17.81
C ILE A 142 -30.96 25.26 18.38
N ALA A 143 -32.17 24.90 18.81
CA ALA A 143 -32.40 23.56 19.35
C ALA A 143 -32.38 22.52 18.22
N ALA A 144 -32.30 23.00 16.98
CA ALA A 144 -32.22 22.11 15.83
C ALA A 144 -30.76 21.86 15.53
N ILE A 145 -29.89 22.69 16.12
CA ILE A 145 -28.43 22.58 15.92
C ILE A 145 -27.73 21.92 17.11
N GLN A 146 -28.27 22.13 18.30
CA GLN A 146 -27.72 21.49 19.48
C GLN A 146 -28.92 21.17 20.36
N GLY A 147 -29.05 19.90 20.73
CA GLY A 147 -30.16 19.49 21.57
C GLY A 147 -30.01 20.07 22.96
N PHE A 148 -31.12 20.57 23.52
CA PHE A 148 -31.10 21.15 24.85
C PHE A 148 -31.73 20.26 25.91
N PRO A 149 -31.06 20.13 27.06
CA PRO A 149 -31.59 19.30 28.16
C PRO A 149 -32.91 19.92 28.61
N ILE A 150 -33.83 19.08 29.07
CA ILE A 150 -35.14 19.52 29.55
C ILE A 150 -36.05 19.94 28.39
N LEU A 151 -35.49 20.01 27.19
CA LEU A 151 -36.25 20.39 26.01
C LEU A 151 -35.99 19.35 24.93
N SER A 152 -35.77 18.11 25.38
CA SER A 152 -35.49 17.00 24.49
C SER A 152 -36.53 16.78 23.41
N ALA A 153 -37.79 16.66 23.78
CA ALA A 153 -38.84 16.42 22.80
C ALA A 153 -38.83 17.52 21.74
N TYR A 154 -38.89 18.76 22.19
CA TYR A 154 -38.89 19.90 21.30
C TYR A 154 -37.63 19.94 20.41
N SER A 155 -36.47 19.71 21.01
CA SER A 155 -35.22 19.71 20.26
C SER A 155 -35.30 18.69 19.12
N THR A 156 -35.69 17.46 19.45
CA THR A 156 -35.76 16.42 18.44
C THR A 156 -36.68 16.80 17.28
N THR A 157 -37.76 17.53 17.55
CA THR A 157 -38.66 17.93 16.46
C THR A 157 -37.97 18.94 15.56
N LYS A 158 -37.20 19.84 16.16
CA LYS A 158 -36.52 20.86 15.38
C LYS A 158 -35.39 20.25 14.55
N PHE A 159 -34.76 19.20 15.05
CA PHE A 159 -33.70 18.52 14.31
C PHE A 159 -34.39 17.90 13.08
N ALA A 160 -35.56 17.33 13.31
CA ALA A 160 -36.33 16.72 12.22
C ALA A 160 -36.66 17.77 11.16
N VAL A 161 -37.00 18.98 11.61
CA VAL A 161 -37.32 20.05 10.67
C VAL A 161 -36.06 20.38 9.85
N ARG A 162 -34.91 20.35 10.53
CA ARG A 162 -33.62 20.60 9.90
C ARG A 162 -33.42 19.56 8.78
N GLY A 163 -33.55 18.29 9.14
CA GLY A 163 -33.40 17.22 8.16
C GLY A 163 -34.40 17.35 7.02
N LEU A 164 -35.64 17.64 7.36
CA LEU A 164 -36.70 17.79 6.37
C LEU A 164 -36.37 18.90 5.37
N THR A 165 -35.86 20.02 5.89
CA THR A 165 -35.50 21.15 5.06
C THR A 165 -34.46 20.76 4.02
N GLN A 166 -33.49 19.94 4.42
CA GLN A 166 -32.43 19.46 3.54
C GLN A 166 -32.97 18.51 2.47
N ALA A 167 -33.72 17.50 2.91
CA ALA A 167 -34.30 16.51 2.01
C ALA A 167 -35.30 17.11 1.03
N ALA A 168 -36.17 18.00 1.52
CA ALA A 168 -37.16 18.63 0.66
C ALA A 168 -36.48 19.51 -0.39
N ALA A 169 -35.46 20.24 0.05
CA ALA A 169 -34.70 21.11 -0.84
C ALA A 169 -34.18 20.30 -2.03
N GLN A 170 -33.55 19.15 -1.75
CA GLN A 170 -33.00 18.32 -2.81
C GLN A 170 -34.10 17.72 -3.69
N GLU A 171 -35.22 17.31 -3.10
CA GLU A 171 -36.30 16.73 -3.88
C GLU A 171 -37.09 17.71 -4.75
N LEU A 172 -37.25 18.94 -4.27
CA LEU A 172 -38.01 19.93 -5.02
C LEU A 172 -37.14 20.81 -5.91
N ALA A 173 -35.83 20.72 -5.77
CA ALA A 173 -34.90 21.54 -6.55
C ALA A 173 -35.11 21.44 -8.07
N PRO A 174 -35.38 20.23 -8.59
CA PRO A 174 -35.59 20.12 -10.03
C PRO A 174 -36.75 20.99 -10.54
N LYS A 175 -37.73 21.23 -9.69
CA LYS A 175 -38.87 22.07 -10.08
C LYS A 175 -38.58 23.55 -9.90
N GLY A 176 -37.46 23.86 -9.27
CA GLY A 176 -37.11 25.26 -9.08
C GLY A 176 -37.49 25.84 -7.72
N HIS A 177 -38.17 25.06 -6.88
CA HIS A 177 -38.55 25.54 -5.57
C HIS A 177 -37.39 25.33 -4.62
N THR A 178 -37.26 26.22 -3.63
CA THR A 178 -36.20 26.09 -2.65
C THR A 178 -36.85 25.92 -1.29
N VAL A 179 -36.09 25.34 -0.37
CA VAL A 179 -36.57 25.13 0.99
C VAL A 179 -35.42 25.46 1.93
N ASN A 180 -35.64 26.43 2.81
CA ASN A 180 -34.63 26.83 3.78
C ASN A 180 -35.31 26.96 5.15
N ALA A 181 -34.51 27.21 6.18
CA ALA A 181 -35.06 27.37 7.52
C ALA A 181 -34.29 28.41 8.31
N TYR A 182 -35.00 29.09 9.21
CA TYR A 182 -34.41 30.08 10.08
C TYR A 182 -34.31 29.45 11.46
N ALA A 183 -33.21 29.71 12.16
CA ALA A 183 -33.02 29.14 13.49
C ALA A 183 -32.85 30.25 14.52
N PRO A 184 -33.95 30.69 15.13
CA PRO A 184 -33.88 31.75 16.14
C PRO A 184 -33.19 31.29 17.41
N GLY A 185 -32.77 32.24 18.24
CA GLY A 185 -32.11 31.89 19.49
C GLY A 185 -33.09 31.94 20.65
N ILE A 186 -33.01 33.00 21.45
CA ILE A 186 -33.91 33.18 22.59
C ILE A 186 -34.80 34.38 22.27
N VAL A 187 -36.02 34.13 21.81
CA VAL A 187 -36.94 35.21 21.47
C VAL A 187 -37.99 35.35 22.57
N GLY A 188 -38.10 36.56 23.12
CA GLY A 188 -39.04 36.81 24.20
C GLY A 188 -40.50 36.91 23.80
N THR A 189 -41.05 35.80 23.36
CA THR A 189 -42.45 35.76 22.94
C THR A 189 -43.21 34.99 24.02
N GLY A 190 -44.48 34.72 23.76
CA GLY A 190 -45.26 33.96 24.72
C GLY A 190 -44.65 32.59 24.92
N MET A 191 -43.90 32.11 23.92
CA MET A 191 -43.28 30.79 24.02
C MET A 191 -42.22 30.73 25.10
N TRP A 192 -41.41 31.77 25.22
CA TRP A 192 -40.39 31.74 26.25
C TRP A 192 -40.98 32.10 27.61
N GLU A 193 -42.15 32.73 27.59
CA GLU A 193 -42.84 33.07 28.83
C GLU A 193 -43.17 31.72 29.45
N GLN A 194 -43.62 30.84 28.57
CA GLN A 194 -44.00 29.48 28.90
C GLN A 194 -42.78 28.67 29.32
N ILE A 195 -41.73 28.68 28.51
CA ILE A 195 -40.53 27.92 28.83
C ILE A 195 -39.94 28.33 30.17
N ASP A 196 -39.87 29.63 30.41
CA ASP A 196 -39.32 30.15 31.66
C ASP A 196 -40.21 29.70 32.82
N ALA A 197 -41.51 29.86 32.67
CA ALA A 197 -42.47 29.46 33.70
C ALA A 197 -42.31 27.99 34.05
N GLU A 198 -42.16 27.14 33.05
CA GLU A 198 -42.01 25.71 33.29
C GLU A 198 -40.65 25.36 33.89
N LEU A 199 -39.62 26.04 33.43
CA LEU A 199 -38.27 25.82 33.96
C LEU A 199 -38.28 26.20 35.44
N SER A 200 -38.96 27.29 35.76
CA SER A 200 -39.08 27.79 37.13
C SER A 200 -39.60 26.73 38.10
N LYS A 201 -40.66 26.04 37.69
CA LYS A 201 -41.27 24.99 38.52
C LYS A 201 -40.32 23.81 38.70
N ILE A 202 -39.40 23.63 37.75
CA ILE A 202 -38.47 22.52 37.81
C ILE A 202 -37.22 22.79 38.65
N ASN A 203 -36.55 23.91 38.40
CA ASN A 203 -35.34 24.23 39.14
C ASN A 203 -35.52 25.26 40.25
N GLY A 204 -36.77 25.64 40.48
CA GLY A 204 -37.07 26.58 41.54
C GLY A 204 -36.69 28.04 41.37
N LYS A 205 -35.85 28.35 40.37
CA LYS A 205 -35.44 29.73 40.14
C LYS A 205 -36.66 30.63 39.97
N PRO A 206 -36.59 31.87 40.48
CA PRO A 206 -37.72 32.80 40.37
C PRO A 206 -38.11 33.07 38.92
N ILE A 207 -39.33 33.55 38.72
CA ILE A 207 -39.82 33.88 37.39
C ILE A 207 -38.91 34.88 36.71
N GLY A 208 -38.65 34.67 35.41
CA GLY A 208 -37.81 35.56 34.65
C GLY A 208 -36.32 35.24 34.68
N GLU A 209 -35.86 34.61 35.75
CA GLU A 209 -34.45 34.26 35.89
C GLU A 209 -33.97 33.25 34.85
N ASN A 210 -34.82 32.31 34.48
CA ASN A 210 -34.44 31.31 33.50
C ASN A 210 -34.25 31.95 32.12
N PHE A 211 -35.07 32.95 31.82
CA PHE A 211 -34.97 33.65 30.56
C PHE A 211 -33.63 34.41 30.53
N LYS A 212 -33.32 35.10 31.62
CA LYS A 212 -32.06 35.84 31.70
C LYS A 212 -30.90 34.87 31.62
N GLU A 213 -30.98 33.81 32.41
CA GLU A 213 -29.93 32.79 32.46
C GLU A 213 -29.59 32.26 31.06
N TYR A 214 -30.61 31.82 30.33
CA TYR A 214 -30.40 31.30 28.98
C TYR A 214 -29.90 32.38 28.03
N SER A 215 -30.26 33.62 28.30
CA SER A 215 -29.86 34.74 27.46
C SER A 215 -28.45 35.23 27.74
N SER A 216 -27.99 35.06 28.97
CA SER A 216 -26.66 35.52 29.37
C SER A 216 -25.54 35.28 28.36
N SER A 217 -25.60 34.12 27.69
CA SER A 217 -24.58 33.73 26.73
C SER A 217 -24.61 34.36 25.32
N ILE A 218 -25.71 35.02 24.96
CA ILE A 218 -25.83 35.63 23.63
C ILE A 218 -24.72 36.64 23.33
N ALA A 219 -23.92 36.36 22.30
CA ALA A 219 -22.81 37.23 21.94
C ALA A 219 -23.18 38.71 21.83
N LEU A 220 -24.23 39.03 21.08
CA LEU A 220 -24.62 40.42 20.92
C LEU A 220 -25.18 41.08 22.17
N GLY A 221 -25.08 40.39 23.31
CA GLY A 221 -25.52 40.97 24.57
C GLY A 221 -26.99 41.20 24.90
N ARG A 222 -27.91 40.68 24.11
CA ARG A 222 -29.32 40.86 24.44
C ARG A 222 -30.22 39.85 23.74
N PRO A 223 -31.34 39.47 24.40
CA PRO A 223 -32.31 38.51 23.86
C PRO A 223 -32.90 39.03 22.55
N SER A 224 -33.57 38.14 21.82
CA SER A 224 -34.14 38.50 20.55
C SER A 224 -35.62 38.89 20.56
N VAL A 225 -36.01 39.69 19.57
CA VAL A 225 -37.40 40.09 19.40
C VAL A 225 -37.80 39.63 18.00
N PRO A 226 -39.10 39.45 17.74
CA PRO A 226 -39.59 39.00 16.43
C PRO A 226 -38.90 39.65 15.23
N GLU A 227 -38.65 40.95 15.31
CA GLU A 227 -38.02 41.67 14.23
C GLU A 227 -36.63 41.13 13.86
N ASP A 228 -35.89 40.64 14.86
CA ASP A 228 -34.56 40.09 14.62
C ASP A 228 -34.63 38.90 13.66
N VAL A 229 -35.66 38.09 13.86
CA VAL A 229 -35.91 36.89 13.06
C VAL A 229 -36.47 37.27 11.70
N ALA A 230 -37.39 38.23 11.69
CA ALA A 230 -38.00 38.70 10.46
C ALA A 230 -36.94 39.18 9.46
N GLY A 231 -35.83 39.67 9.98
CA GLY A 231 -34.75 40.15 9.12
C GLY A 231 -34.20 39.04 8.23
N LEU A 232 -33.98 37.87 8.80
CA LEU A 232 -33.48 36.73 8.04
C LEU A 232 -34.56 36.17 7.12
N VAL A 233 -35.80 36.12 7.61
CA VAL A 233 -36.90 35.60 6.80
C VAL A 233 -37.07 36.50 5.58
N SER A 234 -36.86 37.80 5.76
CA SER A 234 -36.98 38.74 4.65
C SER A 234 -36.00 38.31 3.54
N PHE A 235 -34.78 37.96 3.93
CA PHE A 235 -33.78 37.50 2.95
C PHE A 235 -34.29 36.22 2.30
N LEU A 236 -34.75 35.30 3.13
CA LEU A 236 -35.25 34.01 2.67
C LEU A 236 -36.45 34.08 1.74
N ALA A 237 -37.21 35.16 1.85
CA ALA A 237 -38.40 35.32 1.01
C ALA A 237 -38.08 36.15 -0.24
N SER A 238 -36.91 36.80 -0.26
CA SER A 238 -36.52 37.65 -1.38
C SER A 238 -35.75 36.91 -2.49
N GLU A 239 -35.59 37.60 -3.61
CA GLU A 239 -34.89 37.07 -4.76
C GLU A 239 -33.39 36.94 -4.45
N ASN A 240 -32.92 37.65 -3.43
CA ASN A 240 -31.50 37.58 -3.05
C ASN A 240 -31.10 36.17 -2.61
N SER A 241 -32.06 35.40 -2.13
CA SER A 241 -31.79 34.04 -1.67
C SER A 241 -32.06 32.96 -2.72
N ASN A 242 -32.24 33.36 -3.97
CA ASN A 242 -32.52 32.41 -5.04
C ASN A 242 -31.55 31.24 -5.21
N TYR A 243 -30.29 31.43 -4.86
CA TYR A 243 -29.31 30.35 -5.01
C TYR A 243 -28.94 29.70 -3.68
N VAL A 244 -29.81 29.86 -2.67
CA VAL A 244 -29.61 29.26 -1.36
C VAL A 244 -30.73 28.23 -1.15
N THR A 245 -30.38 27.01 -0.81
CA THR A 245 -31.41 26.01 -0.58
C THR A 245 -30.92 24.88 0.32
N GLY A 246 -31.82 24.33 1.12
CA GLY A 246 -31.50 23.24 2.03
C GLY A 246 -30.75 23.68 3.27
N GLN A 247 -30.68 24.98 3.49
CA GLN A 247 -29.94 25.52 4.61
C GLN A 247 -30.78 25.90 5.83
N VAL A 248 -30.15 25.83 7.00
CA VAL A 248 -30.79 26.21 8.24
C VAL A 248 -29.89 27.32 8.75
N MET A 249 -30.32 28.56 8.59
CA MET A 249 -29.52 29.70 9.01
C MET A 249 -29.88 30.22 10.39
N LEU A 250 -28.86 30.38 11.23
CA LEU A 250 -29.02 30.84 12.60
C LEU A 250 -29.10 32.36 12.74
N VAL A 251 -30.13 32.83 13.46
CA VAL A 251 -30.33 34.25 13.76
C VAL A 251 -30.47 34.22 15.27
N ASP A 252 -29.37 33.91 15.96
CA ASP A 252 -29.41 33.78 17.40
C ASP A 252 -28.58 34.79 18.18
N GLY A 253 -28.10 35.82 17.49
CA GLY A 253 -27.29 36.83 18.17
C GLY A 253 -25.93 36.28 18.58
N GLY A 254 -25.62 35.07 18.16
CA GLY A 254 -24.34 34.48 18.50
C GLY A 254 -24.40 33.52 19.68
N MET A 255 -25.02 32.36 19.44
CA MET A 255 -25.15 31.34 20.47
C MET A 255 -24.50 30.07 19.98
N LEU A 256 -24.86 29.66 18.77
CA LEU A 256 -24.30 28.46 18.15
C LEU A 256 -23.70 28.93 16.81
N TYR A 257 -22.70 28.20 16.31
CA TYR A 257 -22.05 28.57 15.07
C TYR A 257 -22.01 27.47 14.01
N ASN A 258 -22.34 26.25 14.42
CA ASN A 258 -22.40 25.13 13.49
C ASN A 258 -21.11 25.01 12.67
N SER B 2 -19.36 -11.21 33.41
CA SER B 2 -19.24 -10.42 32.15
C SER B 2 -20.16 -9.22 32.20
N LYS B 3 -19.84 -8.20 31.42
CA LYS B 3 -20.66 -7.01 31.34
C LYS B 3 -21.89 -7.45 30.54
N VAL B 4 -22.99 -6.72 30.68
CA VAL B 4 -24.21 -7.07 29.97
C VAL B 4 -24.69 -5.96 29.04
N ALA B 5 -25.01 -6.34 27.81
CA ALA B 5 -25.48 -5.37 26.83
C ALA B 5 -26.69 -5.92 26.07
N MET B 6 -27.66 -5.06 25.83
CA MET B 6 -28.83 -5.46 25.06
C MET B 6 -28.74 -4.81 23.68
N VAL B 7 -28.97 -5.59 22.64
CA VAL B 7 -28.96 -5.05 21.29
C VAL B 7 -30.33 -5.26 20.67
N THR B 8 -31.07 -4.18 20.49
CA THR B 8 -32.40 -4.29 19.88
C THR B 8 -32.18 -4.46 18.39
N GLY B 9 -33.10 -5.16 17.73
CA GLY B 9 -32.96 -5.42 16.31
C GLY B 9 -31.76 -6.32 16.10
N GLY B 10 -31.38 -7.04 17.15
CA GLY B 10 -30.23 -7.92 17.08
C GLY B 10 -30.45 -9.26 16.42
N ALA B 11 -31.66 -9.49 15.91
CA ALA B 11 -31.97 -10.74 15.24
C ALA B 11 -31.22 -10.89 13.92
N GLN B 12 -30.90 -9.76 13.29
CA GLN B 12 -30.20 -9.81 12.01
C GLN B 12 -29.46 -8.50 11.70
N GLY B 13 -28.94 -8.41 10.48
CA GLY B 13 -28.25 -7.22 10.02
C GLY B 13 -27.21 -6.63 10.95
N ILE B 14 -27.18 -5.30 11.02
CA ILE B 14 -26.22 -4.61 11.88
C ILE B 14 -26.35 -5.07 13.33
N GLY B 15 -27.58 -5.28 13.77
CA GLY B 15 -27.80 -5.73 15.15
C GLY B 15 -27.05 -7.01 15.48
N ARG B 16 -27.15 -8.01 14.60
CA ARG B 16 -26.46 -9.27 14.80
C ARG B 16 -24.94 -9.08 14.81
N GLY B 17 -24.46 -8.27 13.86
CA GLY B 17 -23.02 -8.02 13.78
C GLY B 17 -22.51 -7.39 15.07
N ILE B 18 -23.29 -6.46 15.60
CA ILE B 18 -22.91 -5.78 16.84
C ILE B 18 -22.91 -6.79 17.99
N SER B 19 -23.94 -7.62 18.04
CA SER B 19 -24.05 -8.64 19.08
C SER B 19 -22.84 -9.58 19.07
N GLU B 20 -22.45 -10.07 17.90
CA GLU B 20 -21.31 -10.96 17.79
C GLU B 20 -20.04 -10.27 18.27
N LYS B 21 -19.85 -9.02 17.84
CA LYS B 21 -18.67 -8.27 18.22
C LYS B 21 -18.62 -7.98 19.72
N LEU B 22 -19.71 -7.48 20.28
CA LEU B 22 -19.71 -7.18 21.72
C LEU B 22 -19.46 -8.45 22.54
N ALA B 23 -19.86 -9.59 22.01
CA ALA B 23 -19.64 -10.86 22.70
C ALA B 23 -18.14 -11.17 22.68
N ALA B 24 -17.51 -10.96 21.54
CA ALA B 24 -16.08 -11.21 21.42
C ALA B 24 -15.34 -10.29 22.40
N ASP B 25 -15.92 -9.14 22.69
CA ASP B 25 -15.32 -8.18 23.61
C ASP B 25 -15.53 -8.54 25.07
N GLY B 26 -16.30 -9.60 25.32
CA GLY B 26 -16.53 -10.02 26.69
C GLY B 26 -17.89 -9.70 27.29
N PHE B 27 -18.84 -9.28 26.45
CA PHE B 27 -20.18 -8.96 26.94
C PHE B 27 -21.12 -10.15 26.80
N ASP B 28 -22.01 -10.30 27.75
CA ASP B 28 -23.03 -11.33 27.65
C ASP B 28 -24.08 -10.54 26.91
N ILE B 29 -24.79 -11.16 25.98
CA ILE B 29 -25.76 -10.42 25.20
C ILE B 29 -27.23 -10.76 25.31
N ALA B 30 -28.05 -9.73 25.35
CA ALA B 30 -29.49 -9.86 25.40
C ALA B 30 -29.94 -9.46 24.01
N VAL B 31 -30.28 -10.45 23.19
CA VAL B 31 -30.73 -10.17 21.83
C VAL B 31 -32.21 -9.83 21.85
N ALA B 32 -32.53 -8.55 21.73
CA ALA B 32 -33.91 -8.09 21.75
C ALA B 32 -34.40 -7.80 20.33
N ASP B 33 -35.58 -8.30 19.99
CA ASP B 33 -36.14 -8.11 18.67
C ASP B 33 -37.59 -8.59 18.72
N LEU B 34 -38.35 -8.34 17.67
CA LEU B 34 -39.74 -8.77 17.63
C LEU B 34 -39.84 -10.28 17.95
N PRO B 35 -40.88 -10.68 18.70
CA PRO B 35 -41.05 -12.09 19.05
C PRO B 35 -41.00 -13.06 17.86
N GLN B 36 -41.58 -12.67 16.74
CA GLN B 36 -41.59 -13.50 15.54
C GLN B 36 -40.20 -13.72 14.96
N GLN B 37 -39.24 -12.87 15.35
CA GLN B 37 -37.87 -12.95 14.87
C GLN B 37 -36.98 -13.85 15.70
N GLU B 38 -37.55 -14.60 16.65
CA GLU B 38 -36.76 -15.47 17.50
C GLU B 38 -35.99 -16.54 16.74
N GLU B 39 -36.65 -17.18 15.77
CA GLU B 39 -36.00 -18.22 14.99
C GLU B 39 -34.84 -17.60 14.21
N GLN B 40 -35.08 -16.41 13.65
CA GLN B 40 -34.05 -15.70 12.91
C GLN B 40 -32.89 -15.38 13.83
N ALA B 41 -33.21 -15.02 15.07
CA ALA B 41 -32.22 -14.68 16.08
C ALA B 41 -31.33 -15.86 16.48
N ALA B 42 -31.80 -17.07 16.18
CA ALA B 42 -31.05 -18.27 16.52
C ALA B 42 -29.59 -18.16 16.11
N GLU B 43 -29.34 -17.75 14.87
CA GLU B 43 -27.98 -17.61 14.37
C GLU B 43 -27.20 -16.62 15.21
N THR B 44 -27.81 -15.46 15.47
CA THR B 44 -27.16 -14.44 16.27
C THR B 44 -26.76 -15.05 17.61
N ILE B 45 -27.67 -15.83 18.20
CA ILE B 45 -27.40 -16.49 19.46
C ILE B 45 -26.23 -17.45 19.32
N LYS B 46 -26.22 -18.22 18.24
CA LYS B 46 -25.14 -19.17 18.01
C LYS B 46 -23.80 -18.45 17.95
N LEU B 47 -23.80 -17.25 17.36
CA LEU B 47 -22.57 -16.47 17.24
C LEU B 47 -22.07 -15.97 18.59
N ILE B 48 -23.00 -15.55 19.43
CA ILE B 48 -22.64 -15.06 20.76
C ILE B 48 -22.02 -16.20 21.55
N GLU B 49 -22.63 -17.37 21.49
CA GLU B 49 -22.13 -18.53 22.23
C GLU B 49 -20.82 -19.07 21.67
N ALA B 50 -20.55 -18.82 20.39
CA ALA B 50 -19.30 -19.27 19.79
C ALA B 50 -18.18 -18.37 20.30
N ALA B 51 -18.55 -17.20 20.80
CA ALA B 51 -17.58 -16.24 21.35
C ALA B 51 -17.41 -16.49 22.84
N ASP B 52 -17.98 -17.59 23.31
CA ASP B 52 -17.88 -17.99 24.71
C ASP B 52 -18.57 -17.03 25.69
N GLN B 53 -19.74 -16.54 25.32
CA GLN B 53 -20.51 -15.63 26.19
C GLN B 53 -21.96 -16.10 26.32
N LYS B 54 -22.67 -15.55 27.30
CA LYS B 54 -24.07 -15.91 27.56
C LYS B 54 -25.03 -15.10 26.70
N ALA B 55 -25.96 -15.76 26.03
CA ALA B 55 -26.92 -15.06 25.19
C ALA B 55 -28.34 -15.47 25.46
N VAL B 56 -29.25 -14.51 25.38
CA VAL B 56 -30.67 -14.76 25.58
C VAL B 56 -31.48 -13.86 24.67
N PHE B 57 -32.54 -14.42 24.11
CA PHE B 57 -33.42 -13.67 23.23
C PHE B 57 -34.49 -13.05 24.12
N VAL B 58 -34.84 -11.79 23.84
CA VAL B 58 -35.86 -11.10 24.61
C VAL B 58 -36.86 -10.51 23.63
N GLY B 59 -38.10 -10.98 23.70
CA GLY B 59 -39.13 -10.48 22.80
C GLY B 59 -39.46 -9.03 23.09
N LEU B 60 -39.40 -8.19 22.06
CA LEU B 60 -39.68 -6.78 22.26
C LEU B 60 -40.10 -6.01 21.01
N ASP B 61 -41.07 -5.13 21.20
CA ASP B 61 -41.55 -4.25 20.14
C ASP B 61 -41.16 -2.90 20.75
N VAL B 62 -40.06 -2.34 20.28
CA VAL B 62 -39.54 -1.08 20.79
C VAL B 62 -40.49 0.10 20.75
N THR B 63 -41.57 -0.01 19.97
CA THR B 63 -42.54 1.07 19.88
C THR B 63 -43.41 1.13 21.13
N ASP B 64 -43.30 0.12 21.99
CA ASP B 64 -44.11 0.03 23.20
C ASP B 64 -43.26 0.17 24.47
N LYS B 65 -43.43 1.28 25.16
CA LYS B 65 -42.70 1.57 26.39
C LYS B 65 -42.76 0.44 27.41
N ALA B 66 -43.97 0.03 27.77
CA ALA B 66 -44.14 -1.03 28.75
C ALA B 66 -43.35 -2.27 28.35
N ASN B 67 -43.42 -2.63 27.07
CA ASN B 67 -42.70 -3.79 26.60
C ASN B 67 -41.19 -3.56 26.74
N PHE B 68 -40.74 -2.33 26.49
CA PHE B 68 -39.32 -2.01 26.60
C PHE B 68 -38.87 -2.12 28.05
N ASP B 69 -39.69 -1.63 28.98
CA ASP B 69 -39.34 -1.70 30.41
C ASP B 69 -39.20 -3.15 30.88
N SER B 70 -40.14 -4.01 30.52
CA SER B 70 -40.06 -5.41 30.93
C SER B 70 -38.98 -6.14 30.13
N ALA B 71 -38.72 -5.67 28.91
CA ALA B 71 -37.69 -6.28 28.08
C ALA B 71 -36.34 -6.08 28.77
N ILE B 72 -36.11 -4.90 29.32
CA ILE B 72 -34.85 -4.63 30.01
C ILE B 72 -34.77 -5.32 31.37
N ASP B 73 -35.89 -5.45 32.07
CA ASP B 73 -35.89 -6.13 33.36
C ASP B 73 -35.55 -7.60 33.14
N GLU B 74 -36.20 -8.20 32.14
CA GLU B 74 -35.95 -9.61 31.83
C GLU B 74 -34.49 -9.83 31.47
N ALA B 75 -33.96 -8.98 30.61
CA ALA B 75 -32.57 -9.09 30.19
C ALA B 75 -31.62 -9.03 31.39
N ALA B 76 -31.81 -8.04 32.26
CA ALA B 76 -30.96 -7.90 33.43
C ALA B 76 -31.08 -9.11 34.36
N GLU B 77 -32.30 -9.61 34.52
CA GLU B 77 -32.57 -10.76 35.37
C GLU B 77 -31.86 -12.01 34.86
N LYS B 78 -32.10 -12.35 33.59
CA LYS B 78 -31.48 -13.53 33.00
C LYS B 78 -29.96 -13.46 32.94
N LEU B 79 -29.41 -12.30 32.58
CA LEU B 79 -27.96 -12.17 32.46
C LEU B 79 -27.27 -11.64 33.71
N GLY B 80 -28.04 -11.27 34.72
CA GLY B 80 -27.48 -10.78 35.96
C GLY B 80 -26.77 -9.44 35.92
N GLY B 81 -27.33 -8.52 35.15
CA GLY B 81 -26.74 -7.19 35.04
C GLY B 81 -27.24 -6.45 33.81
N PHE B 82 -26.86 -5.18 33.70
CA PHE B 82 -27.26 -4.36 32.57
C PHE B 82 -26.32 -3.16 32.53
N ASP B 83 -25.46 -3.11 31.52
CA ASP B 83 -24.48 -2.04 31.42
C ASP B 83 -24.56 -1.22 30.14
N VAL B 84 -24.98 -1.85 29.05
CA VAL B 84 -25.07 -1.16 27.77
C VAL B 84 -26.40 -1.43 27.08
N LEU B 85 -26.93 -0.42 26.41
CA LEU B 85 -28.15 -0.53 25.65
C LEU B 85 -27.82 0.00 24.26
N VAL B 86 -28.08 -0.80 23.24
CA VAL B 86 -27.83 -0.37 21.88
C VAL B 86 -29.18 -0.29 21.18
N ASN B 87 -29.68 0.94 20.99
CA ASN B 87 -30.96 1.14 20.31
C ASN B 87 -30.71 1.03 18.82
N ASN B 88 -30.68 -0.20 18.34
CA ASN B 88 -30.41 -0.49 16.93
C ASN B 88 -31.66 -0.73 16.11
N ALA B 89 -32.72 -1.23 16.73
CA ALA B 89 -33.97 -1.50 16.02
C ALA B 89 -34.50 -0.28 15.28
N GLY B 90 -34.88 -0.49 14.02
CA GLY B 90 -35.41 0.60 13.22
C GLY B 90 -35.83 0.10 11.85
N ILE B 91 -36.57 0.92 11.13
CA ILE B 91 -37.02 0.55 9.79
C ILE B 91 -36.71 1.69 8.84
N ALA B 92 -36.89 1.40 7.55
CA ALA B 92 -36.66 2.40 6.52
C ALA B 92 -37.91 2.54 5.66
N GLN B 93 -38.10 3.74 5.14
CA GLN B 93 -39.21 3.99 4.25
C GLN B 93 -38.62 4.67 3.03
N ILE B 94 -39.06 4.24 1.85
CA ILE B 94 -38.58 4.84 0.61
C ILE B 94 -39.81 5.34 -0.11
N LYS B 95 -39.92 6.65 -0.27
CA LYS B 95 -41.08 7.22 -0.94
C LYS B 95 -40.91 8.71 -1.21
N PRO B 96 -41.25 9.15 -2.43
CA PRO B 96 -41.12 10.57 -2.76
C PRO B 96 -41.81 11.44 -1.72
N LEU B 97 -41.18 12.55 -1.40
CA LEU B 97 -41.70 13.49 -0.41
C LEU B 97 -43.19 13.84 -0.59
N LEU B 98 -43.58 14.16 -1.81
CA LEU B 98 -44.97 14.53 -2.08
C LEU B 98 -45.96 13.39 -1.91
N GLU B 99 -45.45 12.19 -1.65
CA GLU B 99 -46.31 11.03 -1.46
C GLU B 99 -46.39 10.53 -0.01
N VAL B 100 -45.54 11.05 0.86
CA VAL B 100 -45.52 10.66 2.26
C VAL B 100 -46.86 11.00 2.95
N THR B 101 -47.43 10.03 3.66
CA THR B 101 -48.72 10.23 4.34
C THR B 101 -48.53 10.38 5.85
N GLU B 102 -49.57 10.83 6.53
CA GLU B 102 -49.51 10.98 7.97
C GLU B 102 -49.33 9.58 8.57
N GLU B 103 -49.90 8.58 7.91
CA GLU B 103 -49.79 7.20 8.37
C GLU B 103 -48.32 6.78 8.36
N ASP B 104 -47.62 7.07 7.26
CA ASP B 104 -46.20 6.73 7.15
C ASP B 104 -45.46 7.37 8.32
N LEU B 105 -45.64 8.68 8.45
CA LEU B 105 -44.99 9.45 9.50
C LEU B 105 -45.20 8.86 10.89
N LYS B 106 -46.47 8.68 11.27
CA LYS B 106 -46.78 8.14 12.58
C LYS B 106 -46.01 6.85 12.84
N GLN B 107 -46.06 5.93 11.88
CA GLN B 107 -45.39 4.64 11.98
C GLN B 107 -43.86 4.70 12.11
N ILE B 108 -43.19 5.42 11.20
CA ILE B 108 -41.73 5.48 11.27
C ILE B 108 -41.22 6.25 12.49
N TYR B 109 -41.94 7.28 12.93
CA TYR B 109 -41.49 8.01 14.10
C TYR B 109 -41.65 7.18 15.36
N SER B 110 -42.63 6.29 15.34
CA SER B 110 -42.89 5.41 16.49
C SER B 110 -41.75 4.40 16.62
N VAL B 111 -41.40 3.75 15.52
CA VAL B 111 -40.34 2.75 15.51
C VAL B 111 -38.92 3.33 15.58
N ASN B 112 -38.70 4.47 14.95
CA ASN B 112 -37.36 5.05 14.91
C ASN B 112 -37.00 6.10 15.93
N VAL B 113 -37.99 6.81 16.45
CA VAL B 113 -37.72 7.88 17.40
C VAL B 113 -38.30 7.61 18.80
N PHE B 114 -39.61 7.43 18.87
CA PHE B 114 -40.26 7.19 20.15
C PHE B 114 -39.57 6.05 20.89
N SER B 115 -39.26 4.98 20.16
CA SER B 115 -38.60 3.80 20.71
C SER B 115 -37.29 4.18 21.41
N VAL B 116 -36.53 5.09 20.81
CA VAL B 116 -35.26 5.51 21.40
C VAL B 116 -35.49 6.25 22.71
N PHE B 117 -36.56 7.04 22.78
CA PHE B 117 -36.90 7.75 24.02
C PHE B 117 -37.20 6.71 25.10
N PHE B 118 -37.99 5.69 24.74
CA PHE B 118 -38.37 4.62 25.65
C PHE B 118 -37.18 3.80 26.11
N GLY B 119 -36.31 3.45 25.16
CA GLY B 119 -35.14 2.67 25.48
C GLY B 119 -34.18 3.43 26.37
N ILE B 120 -34.05 4.73 26.10
CA ILE B 120 -33.18 5.58 26.90
C ILE B 120 -33.71 5.66 28.34
N GLN B 121 -35.02 5.85 28.47
CA GLN B 121 -35.65 5.94 29.78
C GLN B 121 -35.52 4.64 30.56
N ALA B 122 -35.80 3.52 29.92
CA ALA B 122 -35.70 2.21 30.57
C ALA B 122 -34.27 1.88 30.96
N ALA B 123 -33.34 2.16 30.06
CA ALA B 123 -31.93 1.90 30.32
C ALA B 123 -31.49 2.68 31.55
N SER B 124 -31.92 3.93 31.62
CA SER B 124 -31.60 4.82 32.72
C SER B 124 -32.11 4.28 34.06
N ARG B 125 -33.37 3.85 34.08
CA ARG B 125 -33.97 3.31 35.32
C ARG B 125 -33.17 2.11 35.77
N LYS B 126 -32.90 1.21 34.85
CA LYS B 126 -32.15 0.01 35.18
C LYS B 126 -30.75 0.33 35.70
N PHE B 127 -30.00 1.14 34.95
CA PHE B 127 -28.65 1.54 35.36
C PHE B 127 -28.65 1.98 36.82
N ASP B 128 -29.49 2.97 37.14
CA ASP B 128 -29.55 3.48 38.49
C ASP B 128 -29.95 2.41 39.49
N GLU B 129 -30.99 1.66 39.16
CA GLU B 129 -31.46 0.57 40.02
C GLU B 129 -30.29 -0.33 40.42
N LEU B 130 -29.51 -0.77 39.43
CA LEU B 130 -28.38 -1.65 39.67
C LEU B 130 -27.21 -0.88 40.26
N GLY B 131 -27.33 0.43 40.34
CA GLY B 131 -26.26 1.25 40.89
C GLY B 131 -25.00 1.22 40.05
N VAL B 132 -25.13 1.50 38.76
CA VAL B 132 -23.99 1.49 37.85
C VAL B 132 -24.09 2.59 36.80
N LYS B 133 -22.96 2.92 36.19
CA LYS B 133 -22.91 3.93 35.13
C LYS B 133 -23.06 3.15 33.83
N GLY B 134 -24.08 3.50 33.04
CA GLY B 134 -24.30 2.78 31.81
C GLY B 134 -23.95 3.52 30.52
N LYS B 135 -24.01 2.77 29.43
CA LYS B 135 -23.74 3.31 28.10
C LYS B 135 -24.93 3.05 27.19
N ILE B 136 -25.46 4.11 26.61
CA ILE B 136 -26.58 4.02 25.69
C ILE B 136 -26.03 4.38 24.30
N ILE B 137 -26.25 3.49 23.34
CA ILE B 137 -25.75 3.66 21.99
C ILE B 137 -26.91 3.59 21.00
N ASN B 138 -27.16 4.69 20.29
CA ASN B 138 -28.25 4.73 19.33
C ASN B 138 -27.77 4.64 17.88
N ALA B 139 -28.62 4.07 17.04
CA ALA B 139 -28.30 3.94 15.63
C ALA B 139 -28.76 5.17 14.86
N ALA B 140 -27.82 6.02 14.49
CA ALA B 140 -28.12 7.19 13.69
C ALA B 140 -27.91 6.68 12.26
N SER B 141 -27.33 7.52 11.40
CA SER B 141 -27.11 7.15 10.01
C SER B 141 -26.55 8.36 9.30
N ILE B 142 -26.05 8.15 8.09
CA ILE B 142 -25.54 9.27 7.31
C ILE B 142 -26.77 10.16 7.01
N ALA B 143 -27.96 9.56 7.08
CA ALA B 143 -29.20 10.28 6.82
C ALA B 143 -29.58 11.15 8.02
N ALA B 144 -28.78 11.07 9.07
CA ALA B 144 -28.99 11.90 10.26
C ALA B 144 -28.09 13.13 10.12
N ILE B 145 -27.12 13.07 9.20
CA ILE B 145 -26.19 14.17 8.98
C ILE B 145 -26.55 14.99 7.74
N GLN B 146 -27.11 14.31 6.74
CA GLN B 146 -27.55 14.95 5.52
C GLN B 146 -28.87 14.30 5.12
N GLY B 147 -29.91 15.09 4.94
CA GLY B 147 -31.19 14.55 4.54
C GLY B 147 -31.06 13.94 3.15
N PHE B 148 -31.69 12.80 2.92
CA PHE B 148 -31.61 12.16 1.61
C PHE B 148 -32.94 12.16 0.87
N PRO B 149 -32.94 12.64 -0.39
CA PRO B 149 -34.13 12.70 -1.23
C PRO B 149 -34.72 11.30 -1.35
N ILE B 150 -36.04 11.24 -1.44
CA ILE B 150 -36.78 9.98 -1.57
C ILE B 150 -36.83 9.22 -0.25
N LEU B 151 -35.98 9.62 0.70
CA LEU B 151 -35.96 8.99 2.02
C LEU B 151 -36.15 10.08 3.08
N SER B 152 -37.00 11.06 2.78
CA SER B 152 -37.26 12.18 3.69
C SER B 152 -37.81 11.79 5.07
N ALA B 153 -38.80 10.91 5.10
CA ALA B 153 -39.37 10.49 6.38
C ALA B 153 -38.28 9.83 7.23
N TYR B 154 -37.58 8.87 6.63
CA TYR B 154 -36.51 8.17 7.32
C TYR B 154 -35.43 9.15 7.80
N SER B 155 -34.97 10.01 6.89
CA SER B 155 -33.95 10.99 7.23
C SER B 155 -34.35 11.82 8.45
N THR B 156 -35.58 12.34 8.46
CA THR B 156 -36.03 13.16 9.58
C THR B 156 -36.02 12.42 10.92
N THR B 157 -36.32 11.12 10.92
CA THR B 157 -36.31 10.38 12.18
C THR B 157 -34.86 10.19 12.68
N LYS B 158 -33.93 10.05 11.74
CA LYS B 158 -32.53 9.89 12.11
C LYS B 158 -31.97 11.20 12.62
N PHE B 159 -32.43 12.32 12.05
CA PHE B 159 -31.98 13.62 12.54
C PHE B 159 -32.50 13.71 13.99
N ALA B 160 -33.74 13.29 14.19
CA ALA B 160 -34.35 13.33 15.52
C ALA B 160 -33.51 12.52 16.52
N VAL B 161 -33.01 11.36 16.06
CA VAL B 161 -32.19 10.51 16.92
C VAL B 161 -30.90 11.23 17.28
N ARG B 162 -30.35 11.94 16.30
CA ARG B 162 -29.13 12.71 16.50
C ARG B 162 -29.38 13.74 17.60
N GLY B 163 -30.47 14.48 17.46
CA GLY B 163 -30.83 15.50 18.44
C GLY B 163 -31.12 14.92 19.81
N LEU B 164 -31.70 13.73 19.83
CA LEU B 164 -32.03 13.04 21.08
C LEU B 164 -30.75 12.59 21.78
N THR B 165 -29.79 12.09 20.99
CA THR B 165 -28.52 11.64 21.52
C THR B 165 -27.83 12.78 22.28
N GLN B 166 -27.92 13.98 21.72
CA GLN B 166 -27.30 15.16 22.31
C GLN B 166 -28.00 15.61 23.59
N ALA B 167 -29.31 15.75 23.53
CA ALA B 167 -30.09 16.20 24.68
C ALA B 167 -30.03 15.19 25.82
N ALA B 168 -30.21 13.91 25.49
CA ALA B 168 -30.20 12.86 26.49
C ALA B 168 -28.83 12.73 27.17
N ALA B 169 -27.75 12.87 26.42
CA ALA B 169 -26.42 12.76 27.00
C ALA B 169 -26.19 13.87 28.01
N GLN B 170 -26.76 15.03 27.74
CA GLN B 170 -26.63 16.16 28.65
C GLN B 170 -27.47 15.98 29.91
N GLU B 171 -28.66 15.41 29.78
CA GLU B 171 -29.51 15.21 30.95
C GLU B 171 -29.05 14.05 31.83
N LEU B 172 -28.47 13.03 31.21
CA LEU B 172 -28.03 11.87 31.97
C LEU B 172 -26.57 11.94 32.44
N ALA B 173 -25.81 12.92 31.92
CA ALA B 173 -24.40 13.07 32.28
C ALA B 173 -24.12 13.17 33.78
N PRO B 174 -24.87 14.03 34.51
CA PRO B 174 -24.59 14.11 35.96
C PRO B 174 -24.70 12.77 36.69
N LYS B 175 -25.47 11.83 36.13
CA LYS B 175 -25.60 10.52 36.76
C LYS B 175 -24.47 9.60 36.29
N GLY B 176 -23.64 10.09 35.37
CA GLY B 176 -22.52 9.29 34.87
C GLY B 176 -22.81 8.40 33.68
N HIS B 177 -24.01 8.50 33.11
CA HIS B 177 -24.38 7.70 31.95
C HIS B 177 -24.01 8.49 30.69
N THR B 178 -23.61 7.79 29.63
CA THR B 178 -23.26 8.47 28.40
C THR B 178 -24.16 8.00 27.27
N VAL B 179 -24.42 8.89 26.31
CA VAL B 179 -25.27 8.56 25.18
C VAL B 179 -24.58 9.01 23.91
N ASN B 180 -24.32 8.07 23.02
CA ASN B 180 -23.66 8.35 21.75
C ASN B 180 -24.41 7.58 20.68
N ALA B 181 -24.09 7.85 19.42
CA ALA B 181 -24.75 7.16 18.33
C ALA B 181 -23.74 6.88 17.23
N TYR B 182 -24.00 5.83 16.47
CA TYR B 182 -23.13 5.46 15.35
C TYR B 182 -23.92 5.75 14.08
N ALA B 183 -23.22 6.23 13.05
CA ALA B 183 -23.90 6.55 11.80
C ALA B 183 -23.28 5.79 10.65
N PRO B 184 -23.85 4.63 10.30
CA PRO B 184 -23.27 3.90 9.17
C PRO B 184 -23.65 4.48 7.81
N GLY B 185 -22.95 4.03 6.78
CA GLY B 185 -23.22 4.51 5.43
C GLY B 185 -24.18 3.61 4.70
N ILE B 186 -23.64 2.85 3.74
CA ILE B 186 -24.43 1.93 2.94
C ILE B 186 -24.00 0.52 3.34
N VAL B 187 -24.85 -0.13 4.15
CA VAL B 187 -24.56 -1.47 4.64
C VAL B 187 -25.46 -2.48 3.95
N GLY B 188 -24.85 -3.43 3.25
CA GLY B 188 -25.61 -4.44 2.52
C GLY B 188 -26.42 -5.40 3.37
N THR B 189 -27.49 -4.91 3.99
CA THR B 189 -28.36 -5.71 4.82
C THR B 189 -29.73 -5.78 4.18
N GLY B 190 -30.69 -6.38 4.89
CA GLY B 190 -32.04 -6.48 4.37
C GLY B 190 -32.64 -5.10 4.18
N MET B 191 -32.20 -4.15 4.99
CA MET B 191 -32.72 -2.79 4.88
C MET B 191 -32.38 -2.21 3.51
N TRP B 192 -31.20 -2.53 2.99
CA TRP B 192 -30.85 -1.99 1.68
C TRP B 192 -31.41 -2.82 0.53
N GLU B 193 -31.67 -4.10 0.77
CA GLU B 193 -32.26 -4.92 -0.28
C GLU B 193 -33.63 -4.31 -0.51
N GLN B 194 -34.26 -3.86 0.57
CA GLN B 194 -35.57 -3.22 0.51
C GLN B 194 -35.44 -1.84 -0.15
N ILE B 195 -34.50 -1.03 0.32
CA ILE B 195 -34.31 0.30 -0.23
C ILE B 195 -34.04 0.21 -1.73
N ASP B 196 -33.10 -0.64 -2.10
CA ASP B 196 -32.74 -0.84 -3.49
C ASP B 196 -33.94 -1.33 -4.29
N ALA B 197 -34.74 -2.20 -3.67
CA ALA B 197 -35.93 -2.74 -4.34
C ALA B 197 -36.97 -1.65 -4.55
N GLU B 198 -37.18 -0.82 -3.53
CA GLU B 198 -38.16 0.25 -3.63
C GLU B 198 -37.68 1.37 -4.57
N LEU B 199 -36.38 1.58 -4.61
CA LEU B 199 -35.80 2.59 -5.48
C LEU B 199 -36.01 2.16 -6.93
N SER B 200 -35.78 0.89 -7.19
CA SER B 200 -35.92 0.30 -8.51
C SER B 200 -37.33 0.52 -9.05
N LYS B 201 -38.33 0.35 -8.20
CA LYS B 201 -39.71 0.53 -8.59
C LYS B 201 -39.99 1.97 -9.00
N ILE B 202 -39.13 2.89 -8.57
CA ILE B 202 -39.30 4.29 -8.91
C ILE B 202 -38.47 4.75 -10.10
N ASN B 203 -37.15 4.55 -10.05
CA ASN B 203 -36.29 4.99 -11.14
C ASN B 203 -36.11 3.98 -12.27
N GLY B 204 -36.59 2.76 -12.06
CA GLY B 204 -36.48 1.75 -13.10
C GLY B 204 -35.16 1.01 -13.21
N LYS B 205 -34.14 1.45 -12.47
CA LYS B 205 -32.85 0.78 -12.51
C LYS B 205 -33.05 -0.66 -12.06
N PRO B 206 -32.33 -1.61 -12.66
CA PRO B 206 -32.45 -3.02 -12.28
C PRO B 206 -32.06 -3.28 -10.83
N ILE B 207 -32.64 -4.33 -10.25
CA ILE B 207 -32.36 -4.70 -8.87
C ILE B 207 -30.86 -4.76 -8.56
N GLY B 208 -30.47 -4.18 -7.42
CA GLY B 208 -29.08 -4.16 -7.02
C GLY B 208 -28.31 -2.99 -7.59
N GLU B 209 -28.81 -2.41 -8.68
CA GLU B 209 -28.15 -1.28 -9.32
C GLU B 209 -28.15 0.00 -8.50
N ASN B 210 -29.23 0.25 -7.78
CA ASN B 210 -29.30 1.45 -6.96
C ASN B 210 -28.29 1.32 -5.82
N PHE B 211 -28.19 0.13 -5.25
CA PHE B 211 -27.23 -0.13 -4.18
C PHE B 211 -25.82 0.26 -4.62
N LYS B 212 -25.47 -0.12 -5.85
CA LYS B 212 -24.15 0.17 -6.41
C LYS B 212 -23.90 1.66 -6.62
N GLU B 213 -24.92 2.38 -7.09
CA GLU B 213 -24.80 3.82 -7.34
C GLU B 213 -24.62 4.58 -6.03
N TYR B 214 -25.45 4.28 -5.03
CA TYR B 214 -25.34 4.95 -3.75
C TYR B 214 -24.02 4.58 -3.09
N SER B 215 -23.42 3.48 -3.53
CA SER B 215 -22.14 2.98 -3.01
C SER B 215 -20.91 3.48 -3.76
N SER B 216 -21.12 4.05 -4.95
CA SER B 216 -20.01 4.53 -5.77
C SER B 216 -19.21 5.69 -5.22
N SER B 217 -19.75 6.36 -4.19
CA SER B 217 -19.08 7.52 -3.60
C SER B 217 -18.24 7.24 -2.36
N ILE B 218 -18.32 6.03 -1.81
CA ILE B 218 -17.55 5.72 -0.61
C ILE B 218 -16.05 5.86 -0.86
N ALA B 219 -15.40 6.70 -0.06
CA ALA B 219 -13.97 6.95 -0.20
C ALA B 219 -13.14 5.67 -0.23
N LEU B 220 -13.39 4.78 0.74
CA LEU B 220 -12.66 3.53 0.82
C LEU B 220 -13.00 2.56 -0.30
N GLY B 221 -13.87 3.01 -1.22
CA GLY B 221 -14.25 2.21 -2.38
C GLY B 221 -14.92 0.86 -2.16
N ARG B 222 -15.68 0.74 -1.09
CA ARG B 222 -16.34 -0.51 -0.79
C ARG B 222 -17.59 -0.33 0.07
N PRO B 223 -18.70 -0.99 -0.30
CA PRO B 223 -19.92 -0.85 0.51
C PRO B 223 -19.62 -1.46 1.87
N SER B 224 -20.50 -1.24 2.84
CA SER B 224 -20.26 -1.74 4.19
C SER B 224 -20.95 -3.05 4.57
N VAL B 225 -20.39 -3.71 5.59
CA VAL B 225 -20.93 -4.94 6.15
C VAL B 225 -21.04 -4.65 7.64
N PRO B 226 -21.95 -5.34 8.35
CA PRO B 226 -22.16 -5.15 9.78
C PRO B 226 -20.89 -5.07 10.62
N GLU B 227 -19.87 -5.84 10.23
CA GLU B 227 -18.61 -5.84 10.96
C GLU B 227 -17.99 -4.44 11.03
N ASP B 228 -18.08 -3.68 9.93
CA ASP B 228 -17.53 -2.33 9.92
C ASP B 228 -18.20 -1.49 11.01
N VAL B 229 -19.53 -1.57 11.08
CA VAL B 229 -20.26 -0.81 12.08
C VAL B 229 -19.95 -1.33 13.47
N ALA B 230 -19.79 -2.65 13.57
CA ALA B 230 -19.49 -3.27 14.86
C ALA B 230 -18.23 -2.70 15.48
N GLY B 231 -17.23 -2.43 14.65
CA GLY B 231 -15.98 -1.89 15.13
C GLY B 231 -16.13 -0.60 15.91
N LEU B 232 -17.00 0.29 15.43
CA LEU B 232 -17.23 1.55 16.12
C LEU B 232 -18.05 1.32 17.37
N VAL B 233 -19.07 0.48 17.26
CA VAL B 233 -19.91 0.20 18.42
C VAL B 233 -19.09 -0.48 19.51
N SER B 234 -18.10 -1.28 19.10
CA SER B 234 -17.23 -1.94 20.07
C SER B 234 -16.59 -0.84 20.92
N PHE B 235 -16.09 0.20 20.26
CA PHE B 235 -15.46 1.31 20.95
C PHE B 235 -16.47 2.03 21.86
N LEU B 236 -17.67 2.25 21.35
CA LEU B 236 -18.70 2.95 22.11
C LEU B 236 -19.18 2.18 23.34
N ALA B 237 -18.95 0.87 23.36
CA ALA B 237 -19.37 0.07 24.50
C ALA B 237 -18.21 -0.17 25.47
N SER B 238 -16.97 0.03 25.00
CA SER B 238 -15.80 -0.19 25.84
C SER B 238 -15.48 0.99 26.76
N GLU B 239 -14.54 0.76 27.67
CA GLU B 239 -14.12 1.80 28.61
C GLU B 239 -13.37 2.93 27.90
N ASN B 240 -12.82 2.63 26.72
CA ASN B 240 -12.06 3.62 25.95
C ASN B 240 -12.90 4.83 25.54
N SER B 241 -14.22 4.69 25.56
CA SER B 241 -15.11 5.79 25.17
C SER B 241 -15.75 6.48 26.35
N ASN B 242 -15.25 6.21 27.55
CA ASN B 242 -15.82 6.81 28.77
C ASN B 242 -15.94 8.33 28.76
N TYR B 243 -15.08 9.01 28.02
CA TYR B 243 -15.14 10.47 28.00
C TYR B 243 -15.81 11.04 26.74
N VAL B 244 -16.46 10.18 25.97
CA VAL B 244 -17.18 10.60 24.77
C VAL B 244 -18.68 10.52 25.06
N THR B 245 -19.39 11.62 24.87
CA THR B 245 -20.83 11.60 25.09
C THR B 245 -21.56 12.67 24.28
N GLY B 246 -22.75 12.33 23.81
CA GLY B 246 -23.54 13.26 23.02
C GLY B 246 -23.10 13.34 21.56
N GLN B 247 -22.24 12.43 21.13
CA GLN B 247 -21.75 12.45 19.76
C GLN B 247 -22.41 11.42 18.83
N VAL B 248 -22.39 11.73 17.54
CA VAL B 248 -22.93 10.84 16.51
C VAL B 248 -21.72 10.61 15.61
N MET B 249 -21.11 9.43 15.72
CA MET B 249 -19.93 9.13 14.93
C MET B 249 -20.17 8.37 13.64
N LEU B 250 -19.62 8.89 12.55
CA LEU B 250 -19.76 8.28 11.24
C LEU B 250 -18.80 7.13 11.00
N VAL B 251 -19.33 6.02 10.51
CA VAL B 251 -18.57 4.81 10.15
C VAL B 251 -19.10 4.56 8.76
N ASP B 252 -18.80 5.45 7.82
CA ASP B 252 -19.34 5.31 6.47
C ASP B 252 -18.33 5.07 5.37
N GLY B 253 -17.11 4.70 5.74
CA GLY B 253 -16.09 4.45 4.73
C GLY B 253 -15.69 5.70 3.98
N GLY B 254 -16.17 6.84 4.46
CA GLY B 254 -15.87 8.11 3.83
C GLY B 254 -16.99 8.57 2.91
N MET B 255 -18.05 9.13 3.48
CA MET B 255 -19.18 9.64 2.68
C MET B 255 -19.53 11.06 3.10
N LEU B 256 -19.69 11.27 4.40
CA LEU B 256 -19.98 12.60 4.93
C LEU B 256 -18.86 12.87 5.93
N TYR B 257 -18.58 14.13 6.21
CA TYR B 257 -17.50 14.43 7.13
C TYR B 257 -17.89 15.30 8.30
N ASN B 258 -19.12 15.80 8.29
CA ASN B 258 -19.68 16.64 9.36
C ASN B 258 -18.66 17.51 10.08
N SER C 2 4.99 -7.28 14.62
CA SER C 2 4.19 -6.35 15.47
C SER C 2 3.75 -5.12 14.67
N LYS C 3 3.15 -4.16 15.37
CA LYS C 3 2.69 -2.93 14.73
C LYS C 3 3.47 -1.75 15.30
N VAL C 4 3.82 -0.81 14.43
CA VAL C 4 4.61 0.35 14.82
C VAL C 4 3.84 1.66 14.65
N ALA C 5 3.93 2.51 15.68
CA ALA C 5 3.25 3.80 15.64
C ALA C 5 4.17 4.91 16.12
N MET C 6 4.09 6.07 15.47
CA MET C 6 4.87 7.23 15.87
C MET C 6 3.91 8.24 16.49
N VAL C 7 4.32 8.81 17.61
CA VAL C 7 3.50 9.81 18.29
C VAL C 7 4.34 11.07 18.46
N THR C 8 4.06 12.10 17.68
CA THR C 8 4.80 13.34 17.80
C THR C 8 4.33 14.05 19.06
N GLY C 9 5.22 14.81 19.69
CA GLY C 9 4.86 15.49 20.92
C GLY C 9 4.57 14.44 21.99
N GLY C 10 5.21 13.28 21.85
CA GLY C 10 5.00 12.19 22.79
C GLY C 10 5.83 12.23 24.07
N ALA C 11 6.63 13.27 24.24
CA ALA C 11 7.47 13.40 25.43
C ALA C 11 6.67 13.76 26.67
N GLN C 12 5.43 14.23 26.47
CA GLN C 12 4.61 14.63 27.61
C GLN C 12 3.15 14.85 27.26
N GLY C 13 2.38 15.24 28.26
CA GLY C 13 0.97 15.51 28.10
C GLY C 13 0.18 14.44 27.37
N ILE C 14 -0.76 14.88 26.55
CA ILE C 14 -1.59 13.97 25.78
C ILE C 14 -0.74 13.00 24.96
N GLY C 15 0.37 13.50 24.41
CA GLY C 15 1.25 12.65 23.62
C GLY C 15 1.79 11.46 24.40
N ARG C 16 2.18 11.68 25.64
CA ARG C 16 2.71 10.59 26.48
C ARG C 16 1.61 9.56 26.73
N GLY C 17 0.44 10.04 27.14
CA GLY C 17 -0.68 9.14 27.41
C GLY C 17 -1.03 8.28 26.21
N ILE C 18 -1.00 8.87 25.02
CA ILE C 18 -1.31 8.15 23.80
C ILE C 18 -0.27 7.05 23.56
N SER C 19 0.99 7.38 23.84
CA SER C 19 2.09 6.44 23.64
C SER C 19 1.95 5.26 24.60
N GLU C 20 1.59 5.55 25.84
CA GLU C 20 1.42 4.52 26.86
C GLU C 20 0.24 3.63 26.49
N LYS C 21 -0.84 4.26 26.03
CA LYS C 21 -2.05 3.52 25.65
C LYS C 21 -1.79 2.57 24.49
N LEU C 22 -1.20 3.10 23.43
CA LEU C 22 -0.91 2.29 22.25
C LEU C 22 0.11 1.19 22.58
N ALA C 23 0.98 1.44 23.55
CA ALA C 23 1.97 0.45 23.95
C ALA C 23 1.18 -0.71 24.55
N ALA C 24 0.24 -0.38 25.42
CA ALA C 24 -0.60 -1.38 26.07
C ALA C 24 -1.37 -2.15 25.01
N ASP C 25 -1.71 -1.48 23.92
CA ASP C 25 -2.45 -2.12 22.83
C ASP C 25 -1.55 -3.06 22.03
N GLY C 26 -0.26 -3.02 22.33
CA GLY C 26 0.67 -3.89 21.63
C GLY C 26 1.42 -3.22 20.49
N PHE C 27 1.64 -1.91 20.59
CA PHE C 27 2.36 -1.17 19.55
C PHE C 27 3.79 -0.84 20.00
N ASP C 28 4.74 -0.99 19.09
CA ASP C 28 6.11 -0.58 19.39
C ASP C 28 6.01 0.92 19.08
N ILE C 29 6.54 1.76 19.96
CA ILE C 29 6.43 3.21 19.80
C ILE C 29 7.69 4.02 19.50
N ALA C 30 7.52 5.03 18.65
CA ALA C 30 8.60 5.93 18.31
C ALA C 30 8.14 7.26 18.89
N VAL C 31 8.78 7.68 19.97
CA VAL C 31 8.43 8.94 20.62
C VAL C 31 9.16 10.07 19.93
N ALA C 32 8.45 10.77 19.05
CA ALA C 32 9.02 11.89 18.31
C ALA C 32 8.73 13.19 19.02
N ASP C 33 9.78 13.96 19.33
CA ASP C 33 9.60 15.24 19.99
C ASP C 33 10.86 16.07 19.74
N LEU C 34 10.88 17.29 20.28
CA LEU C 34 12.04 18.15 20.10
C LEU C 34 13.25 17.56 20.82
N PRO C 35 14.43 17.59 20.18
CA PRO C 35 15.65 17.04 20.79
C PRO C 35 15.75 17.41 22.27
N GLN C 36 15.48 18.67 22.58
CA GLN C 36 15.52 19.20 23.95
C GLN C 36 14.66 18.41 24.93
N GLN C 37 13.66 17.72 24.42
CA GLN C 37 12.75 16.94 25.25
C GLN C 37 13.11 15.46 25.41
N GLU C 38 14.25 15.05 24.85
CA GLU C 38 14.67 13.65 24.95
C GLU C 38 14.72 13.17 26.39
N GLU C 39 15.05 14.07 27.30
CA GLU C 39 15.12 13.72 28.70
C GLU C 39 13.70 13.60 29.25
N GLN C 40 12.90 14.64 28.99
CA GLN C 40 11.51 14.67 29.43
C GLN C 40 10.77 13.45 28.90
N ALA C 41 11.23 12.95 27.75
CA ALA C 41 10.62 11.80 27.10
C ALA C 41 11.10 10.47 27.69
N ALA C 42 12.03 10.53 28.63
CA ALA C 42 12.55 9.31 29.25
C ALA C 42 11.41 8.55 29.90
N GLU C 43 10.62 9.26 30.71
CA GLU C 43 9.48 8.65 31.40
C GLU C 43 8.54 7.97 30.41
N THR C 44 8.22 8.66 29.32
CA THR C 44 7.33 8.10 28.31
C THR C 44 7.85 6.76 27.81
N ILE C 45 9.13 6.70 27.45
CA ILE C 45 9.73 5.47 26.96
C ILE C 45 9.74 4.42 28.07
N LYS C 46 9.77 4.89 29.30
CA LYS C 46 9.76 4.02 30.48
C LYS C 46 8.40 3.36 30.59
N LEU C 47 7.36 4.14 30.39
CA LEU C 47 5.99 3.66 30.45
C LEU C 47 5.70 2.66 29.34
N ILE C 48 6.36 2.85 28.20
CA ILE C 48 6.18 1.99 27.04
C ILE C 48 6.84 0.62 27.26
N GLU C 49 8.11 0.64 27.66
CA GLU C 49 8.85 -0.59 27.90
C GLU C 49 8.24 -1.39 29.05
N ALA C 50 7.55 -0.69 29.94
CA ALA C 50 6.89 -1.33 31.07
C ALA C 50 5.70 -2.16 30.58
N ALA C 51 5.16 -1.78 29.43
CA ALA C 51 4.03 -2.49 28.84
C ALA C 51 4.60 -3.53 27.87
N ASP C 52 5.91 -3.75 28.01
CA ASP C 52 6.65 -4.71 27.20
C ASP C 52 6.59 -4.51 25.69
N GLN C 53 6.85 -3.29 25.26
CA GLN C 53 6.89 -2.95 23.85
C GLN C 53 8.20 -2.22 23.59
N LYS C 54 8.63 -2.17 22.34
CA LYS C 54 9.87 -1.50 22.00
C LYS C 54 9.64 0.01 21.84
N ALA C 55 10.53 0.81 22.42
CA ALA C 55 10.41 2.26 22.33
C ALA C 55 11.74 2.93 22.02
N VAL C 56 11.71 3.89 21.10
CA VAL C 56 12.91 4.62 20.72
C VAL C 56 12.58 6.10 20.56
N PHE C 57 13.50 6.96 20.98
CA PHE C 57 13.29 8.40 20.86
C PHE C 57 13.77 8.85 19.50
N VAL C 58 13.05 9.79 18.91
CA VAL C 58 13.40 10.32 17.61
C VAL C 58 13.32 11.85 17.67
N GLY C 59 14.47 12.49 17.46
CA GLY C 59 14.51 13.94 17.48
C GLY C 59 13.70 14.48 16.31
N LEU C 60 12.70 15.29 16.60
CA LEU C 60 11.89 15.83 15.51
C LEU C 60 11.24 17.17 15.80
N ASP C 61 11.42 18.08 14.86
CA ASP C 61 10.80 19.40 14.94
C ASP C 61 9.81 19.23 13.80
N VAL C 62 8.56 19.00 14.15
CA VAL C 62 7.53 18.79 13.16
C VAL C 62 7.38 19.90 12.12
N THR C 63 7.95 21.07 12.39
CA THR C 63 7.85 22.19 11.46
C THR C 63 8.84 22.07 10.31
N ASP C 64 9.78 21.14 10.45
CA ASP C 64 10.80 20.94 9.42
C ASP C 64 10.51 19.68 8.61
N LYS C 65 10.06 19.89 7.37
CA LYS C 65 9.72 18.77 6.49
C LYS C 65 10.80 17.70 6.41
N ALA C 66 12.03 18.11 6.14
CA ALA C 66 13.15 17.18 6.01
C ALA C 66 13.31 16.32 7.25
N ASN C 67 13.24 16.96 8.41
CA ASN C 67 13.38 16.25 9.67
C ASN C 67 12.26 15.22 9.83
N PHE C 68 11.07 15.54 9.34
CA PHE C 68 9.93 14.63 9.46
C PHE C 68 10.13 13.43 8.53
N ASP C 69 10.70 13.66 7.36
CA ASP C 69 10.93 12.55 6.43
C ASP C 69 11.94 11.58 7.05
N SER C 70 13.07 12.10 7.49
CA SER C 70 14.10 11.26 8.09
C SER C 70 13.65 10.68 9.43
N ALA C 71 12.82 11.42 10.17
CA ALA C 71 12.32 10.95 11.46
C ALA C 71 11.57 9.64 11.29
N ILE C 72 10.73 9.59 10.25
CA ILE C 72 9.95 8.40 9.96
C ILE C 72 10.81 7.28 9.37
N ASP C 73 11.83 7.64 8.62
CA ASP C 73 12.72 6.62 8.08
C ASP C 73 13.39 5.93 9.26
N GLU C 74 13.85 6.73 10.21
CA GLU C 74 14.52 6.24 11.40
C GLU C 74 13.61 5.35 12.25
N ALA C 75 12.38 5.81 12.48
CA ALA C 75 11.43 5.05 13.27
C ALA C 75 11.12 3.72 12.63
N ALA C 76 10.97 3.72 11.31
CA ALA C 76 10.66 2.50 10.57
C ALA C 76 11.83 1.53 10.55
N GLU C 77 13.05 2.08 10.66
CA GLU C 77 14.25 1.26 10.64
C GLU C 77 14.55 0.68 12.03
N LYS C 78 14.39 1.51 13.05
CA LYS C 78 14.63 1.09 14.42
C LYS C 78 13.61 0.06 14.91
N LEU C 79 12.34 0.32 14.62
CA LEU C 79 11.27 -0.57 15.08
C LEU C 79 10.84 -1.65 14.09
N GLY C 80 11.43 -1.63 12.89
CA GLY C 80 11.10 -2.64 11.89
C GLY C 80 9.77 -2.49 11.19
N GLY C 81 9.13 -1.33 11.32
CA GLY C 81 7.85 -1.14 10.66
C GLY C 81 7.29 0.26 10.89
N PHE C 82 6.18 0.56 10.22
CA PHE C 82 5.52 1.86 10.35
C PHE C 82 4.06 1.68 9.92
N ASP C 83 3.15 1.68 10.89
CA ASP C 83 1.75 1.47 10.58
C ASP C 83 0.82 2.61 11.00
N VAL C 84 1.23 3.37 12.01
CA VAL C 84 0.40 4.46 12.50
C VAL C 84 1.20 5.71 12.84
N LEU C 85 0.65 6.87 12.47
CA LEU C 85 1.29 8.15 12.77
C LEU C 85 0.27 9.01 13.48
N VAL C 86 0.68 9.58 14.61
CA VAL C 86 -0.21 10.44 15.38
C VAL C 86 0.38 11.84 15.43
N ASN C 87 -0.16 12.75 14.61
CA ASN C 87 0.31 14.13 14.57
C ASN C 87 -0.25 14.87 15.78
N ASN C 88 0.37 14.60 16.93
CA ASN C 88 -0.05 15.19 18.21
C ASN C 88 0.69 16.47 18.58
N ALA C 89 1.95 16.58 18.17
CA ALA C 89 2.74 17.77 18.47
C ALA C 89 1.95 19.01 18.08
N GLY C 90 2.00 20.03 18.93
CA GLY C 90 1.28 21.27 18.65
C GLY C 90 1.45 22.26 19.79
N ILE C 91 1.07 23.52 19.55
CA ILE C 91 1.19 24.54 20.58
C ILE C 91 -0.05 25.40 20.67
N ALA C 92 -0.15 26.15 21.77
CA ALA C 92 -1.28 27.03 21.98
C ALA C 92 -0.82 28.47 22.12
N GLN C 93 -1.67 29.39 21.71
CA GLN C 93 -1.40 30.82 21.86
C GLN C 93 -2.64 31.38 22.50
N ILE C 94 -2.44 32.34 23.41
CA ILE C 94 -3.55 32.99 24.10
C ILE C 94 -3.32 34.48 23.88
N LYS C 95 -4.19 35.10 23.09
CA LYS C 95 -4.04 36.53 22.80
C LYS C 95 -5.28 37.09 22.12
N PRO C 96 -5.73 38.28 22.55
CA PRO C 96 -6.91 38.90 21.95
C PRO C 96 -6.68 39.08 20.45
N LEU C 97 -7.70 38.82 19.66
CA LEU C 97 -7.62 38.91 18.21
C LEU C 97 -6.89 40.16 17.74
N LEU C 98 -7.34 41.32 18.20
CA LEU C 98 -6.75 42.59 17.82
C LEU C 98 -5.26 42.74 18.14
N GLU C 99 -4.70 41.79 18.90
CA GLU C 99 -3.29 41.84 19.25
C GLU C 99 -2.45 40.81 18.49
N VAL C 100 -3.11 39.87 17.82
CA VAL C 100 -2.41 38.84 17.06
C VAL C 100 -1.53 39.45 15.97
N THR C 101 -0.27 39.02 15.92
CA THR C 101 0.69 39.53 14.94
C THR C 101 0.93 38.52 13.82
N GLU C 102 1.56 38.98 12.75
CA GLU C 102 1.86 38.11 11.62
C GLU C 102 2.85 37.04 12.07
N GLU C 103 3.72 37.41 13.02
CA GLU C 103 4.71 36.48 13.53
C GLU C 103 4.02 35.38 14.35
N ASP C 104 2.99 35.76 15.11
CA ASP C 104 2.25 34.79 15.90
C ASP C 104 1.66 33.80 14.92
N LEU C 105 1.05 34.33 13.86
CA LEU C 105 0.41 33.51 12.84
C LEU C 105 1.39 32.57 12.14
N LYS C 106 2.53 33.10 11.69
CA LYS C 106 3.51 32.28 11.01
C LYS C 106 3.99 31.15 11.93
N GLN C 107 4.24 31.48 13.20
CA GLN C 107 4.72 30.51 14.16
C GLN C 107 3.71 29.39 14.42
N ILE C 108 2.50 29.77 14.81
CA ILE C 108 1.51 28.77 15.12
C ILE C 108 1.07 27.93 13.94
N TYR C 109 0.92 28.53 12.76
CA TYR C 109 0.52 27.75 11.60
C TYR C 109 1.60 26.75 11.17
N SER C 110 2.86 27.07 11.43
CA SER C 110 3.93 26.17 11.06
C SER C 110 3.88 24.91 11.93
N VAL C 111 3.78 25.10 13.23
CA VAL C 111 3.75 23.98 14.19
C VAL C 111 2.42 23.21 14.22
N ASN C 112 1.31 23.93 14.09
CA ASN C 112 0.00 23.31 14.17
C ASN C 112 -0.64 22.83 12.88
N VAL C 113 -0.22 23.38 11.75
CA VAL C 113 -0.80 23.01 10.47
C VAL C 113 0.17 22.47 9.43
N PHE C 114 1.21 23.22 9.10
CA PHE C 114 2.17 22.77 8.09
C PHE C 114 2.78 21.42 8.47
N SER C 115 2.98 21.24 9.77
CA SER C 115 3.57 20.02 10.31
C SER C 115 2.70 18.80 10.02
N VAL C 116 1.38 18.97 10.11
CA VAL C 116 0.46 17.87 9.85
C VAL C 116 0.53 17.51 8.36
N PHE C 117 0.71 18.51 7.50
CA PHE C 117 0.84 18.24 6.07
C PHE C 117 2.11 17.40 5.86
N PHE C 118 3.20 17.84 6.47
CA PHE C 118 4.48 17.13 6.35
C PHE C 118 4.38 15.70 6.88
N GLY C 119 3.78 15.55 8.05
CA GLY C 119 3.62 14.22 8.62
C GLY C 119 2.76 13.34 7.74
N ILE C 120 1.64 13.86 7.27
CA ILE C 120 0.76 13.08 6.41
C ILE C 120 1.49 12.60 5.14
N GLN C 121 2.31 13.48 4.56
CA GLN C 121 3.06 13.13 3.34
C GLN C 121 4.10 12.05 3.58
N ALA C 122 4.92 12.23 4.63
CA ALA C 122 5.95 11.25 4.95
C ALA C 122 5.33 9.89 5.30
N ALA C 123 4.30 9.90 6.13
CA ALA C 123 3.62 8.67 6.54
C ALA C 123 3.07 7.92 5.35
N SER C 124 2.38 8.64 4.46
CA SER C 124 1.79 8.07 3.27
C SER C 124 2.85 7.41 2.37
N ARG C 125 4.00 8.07 2.24
CA ARG C 125 5.08 7.53 1.42
C ARG C 125 5.68 6.29 2.07
N LYS C 126 5.85 6.31 3.39
CA LYS C 126 6.40 5.17 4.12
C LYS C 126 5.44 3.98 4.08
N PHE C 127 4.13 4.26 4.15
CA PHE C 127 3.14 3.18 4.10
C PHE C 127 3.26 2.50 2.73
N ASP C 128 3.30 3.29 1.68
CA ASP C 128 3.40 2.77 0.32
C ASP C 128 4.68 1.96 0.06
N GLU C 129 5.81 2.42 0.58
CA GLU C 129 7.09 1.72 0.39
C GLU C 129 7.02 0.34 1.04
N LEU C 130 6.48 0.29 2.25
CA LEU C 130 6.37 -0.95 3.01
C LEU C 130 5.26 -1.88 2.52
N GLY C 131 4.28 -1.30 1.83
CA GLY C 131 3.17 -2.11 1.34
C GLY C 131 2.15 -2.27 2.45
N VAL C 132 1.96 -1.20 3.22
CA VAL C 132 1.01 -1.22 4.32
C VAL C 132 -0.09 -0.18 4.15
N LYS C 133 -1.26 -0.48 4.71
CA LYS C 133 -2.38 0.46 4.68
C LYS C 133 -2.33 1.10 6.06
N GLY C 134 -1.84 2.33 6.12
CA GLY C 134 -1.69 3.00 7.40
C GLY C 134 -2.83 3.85 7.94
N LYS C 135 -2.65 4.28 9.18
CA LYS C 135 -3.62 5.11 9.86
C LYS C 135 -2.92 6.39 10.33
N ILE C 136 -3.48 7.52 9.94
CA ILE C 136 -2.94 8.81 10.35
C ILE C 136 -3.99 9.42 11.28
N ILE C 137 -3.55 9.85 12.46
CA ILE C 137 -4.42 10.41 13.48
C ILE C 137 -3.94 11.80 13.85
N ASN C 138 -4.79 12.81 13.63
CA ASN C 138 -4.41 14.18 13.93
C ASN C 138 -5.04 14.74 15.18
N ALA C 139 -4.31 15.62 15.85
CA ALA C 139 -4.81 16.25 17.05
C ALA C 139 -5.66 17.48 16.74
N ALA C 140 -6.98 17.31 16.76
CA ALA C 140 -7.88 18.43 16.53
C ALA C 140 -8.16 19.01 17.93
N SER C 141 -9.39 19.46 18.17
CA SER C 141 -9.75 20.04 19.46
C SER C 141 -11.15 20.63 19.36
N ILE C 142 -11.79 20.88 20.50
CA ILE C 142 -13.13 21.48 20.47
C ILE C 142 -13.00 22.83 19.74
N ALA C 143 -11.82 23.43 19.82
CA ALA C 143 -11.54 24.70 19.16
C ALA C 143 -11.54 24.57 17.64
N ALA C 144 -11.64 23.34 17.15
CA ALA C 144 -11.68 23.05 15.72
C ALA C 144 -13.16 22.92 15.28
N ILE C 145 -14.05 22.93 16.26
CA ILE C 145 -15.47 22.79 16.00
C ILE C 145 -16.19 24.10 16.29
N GLN C 146 -15.72 24.83 17.30
CA GLN C 146 -16.27 26.13 17.64
C GLN C 146 -15.10 27.02 17.98
N GLY C 147 -14.95 28.11 17.21
CA GLY C 147 -13.87 29.02 17.46
C GLY C 147 -13.99 29.63 18.84
N PHE C 148 -12.87 29.84 19.51
CA PHE C 148 -12.89 30.43 20.83
C PHE C 148 -12.24 31.80 20.89
N PRO C 149 -12.90 32.75 21.55
CA PRO C 149 -12.39 34.12 21.68
C PRO C 149 -11.11 34.04 22.50
N ILE C 150 -10.17 34.94 22.21
CA ILE C 150 -8.88 35.02 22.89
C ILE C 150 -7.93 33.91 22.44
N LEU C 151 -8.48 32.89 21.77
CA LEU C 151 -7.68 31.79 21.25
C LEU C 151 -7.97 31.62 19.76
N SER C 152 -8.21 32.74 19.08
CA SER C 152 -8.52 32.75 17.66
C SER C 152 -7.44 32.12 16.78
N ALA C 153 -6.19 32.52 16.96
CA ALA C 153 -5.11 31.96 16.14
C ALA C 153 -5.08 30.44 16.32
N TYR C 154 -5.13 30.01 17.58
CA TYR C 154 -5.13 28.57 17.88
C TYR C 154 -6.34 27.90 17.24
N SER C 155 -7.53 28.49 17.47
CA SER C 155 -8.76 27.95 16.91
C SER C 155 -8.66 27.77 15.40
N THR C 156 -8.18 28.79 14.70
CA THR C 156 -8.08 28.70 13.26
C THR C 156 -7.17 27.55 12.79
N THR C 157 -6.04 27.32 13.46
CA THR C 157 -5.17 26.23 13.05
C THR C 157 -5.86 24.88 13.25
N LYS C 158 -6.62 24.74 14.33
CA LYS C 158 -7.31 23.50 14.58
C LYS C 158 -8.43 23.28 13.56
N PHE C 159 -9.06 24.35 13.12
CA PHE C 159 -10.09 24.26 12.10
C PHE C 159 -9.37 23.78 10.83
N ALA C 160 -8.15 24.26 10.62
CA ALA C 160 -7.38 23.87 9.42
C ALA C 160 -7.08 22.37 9.46
N VAL C 161 -6.76 21.86 10.64
CA VAL C 161 -6.47 20.44 10.83
C VAL C 161 -7.71 19.62 10.53
N ARG C 162 -8.85 20.16 10.93
CA ARG C 162 -10.13 19.50 10.69
C ARG C 162 -10.32 19.38 9.18
N GLY C 163 -10.12 20.49 8.47
CA GLY C 163 -10.27 20.48 7.02
C GLY C 163 -9.24 19.59 6.36
N LEU C 164 -8.02 19.60 6.86
CA LEU C 164 -6.95 18.77 6.31
C LEU C 164 -7.30 17.29 6.46
N THR C 165 -7.77 16.94 7.64
CA THR C 165 -8.15 15.56 7.93
C THR C 165 -9.17 15.06 6.92
N GLN C 166 -10.15 15.90 6.58
CA GLN C 166 -11.16 15.51 5.60
C GLN C 166 -10.58 15.38 4.19
N ALA C 167 -9.79 16.37 3.78
CA ALA C 167 -9.20 16.37 2.44
C ALA C 167 -8.23 15.20 2.25
N ALA C 168 -7.31 15.05 3.18
CA ALA C 168 -6.33 13.97 3.11
C ALA C 168 -7.00 12.59 3.11
N ALA C 169 -8.04 12.43 3.93
CA ALA C 169 -8.75 11.16 3.99
C ALA C 169 -9.28 10.77 2.61
N GLN C 170 -9.95 11.72 1.94
CA GLN C 170 -10.50 11.46 0.61
C GLN C 170 -9.40 11.24 -0.42
N GLU C 171 -8.32 11.99 -0.32
CA GLU C 171 -7.24 11.84 -1.29
C GLU C 171 -6.47 10.54 -1.13
N LEU C 172 -6.26 10.10 0.11
CA LEU C 172 -5.49 8.87 0.35
C LEU C 172 -6.32 7.59 0.42
N ALA C 173 -7.64 7.71 0.36
CA ALA C 173 -8.52 6.54 0.43
C ALA C 173 -8.20 5.42 -0.57
N PRO C 174 -7.91 5.76 -1.84
CA PRO C 174 -7.61 4.71 -2.81
C PRO C 174 -6.37 3.86 -2.48
N LYS C 175 -5.43 4.41 -1.70
CA LYS C 175 -4.25 3.67 -1.30
C LYS C 175 -4.62 2.82 -0.09
N GLY C 176 -5.79 3.07 0.48
CA GLY C 176 -6.25 2.32 1.63
C GLY C 176 -5.88 2.92 2.97
N HIS C 177 -5.28 4.10 2.95
CA HIS C 177 -4.89 4.77 4.19
C HIS C 177 -6.07 5.58 4.70
N THR C 178 -6.19 5.68 6.02
CA THR C 178 -7.27 6.46 6.60
C THR C 178 -6.67 7.63 7.35
N VAL C 179 -7.45 8.71 7.48
CA VAL C 179 -7.00 9.89 8.18
C VAL C 179 -8.15 10.38 9.08
N ASN C 180 -7.92 10.40 10.38
CA ASN C 180 -8.94 10.84 11.33
C ASN C 180 -8.32 11.76 12.37
N ALA C 181 -9.16 12.36 13.20
CA ALA C 181 -8.66 13.26 14.22
C ALA C 181 -9.45 13.14 15.51
N TYR C 182 -8.79 13.47 16.60
CA TYR C 182 -9.43 13.45 17.91
C TYR C 182 -9.55 14.90 18.34
N ALA C 183 -10.65 15.21 19.00
CA ALA C 183 -10.90 16.56 19.45
C ALA C 183 -11.21 16.59 20.92
N PRO C 184 -10.19 16.73 21.77
CA PRO C 184 -10.43 16.76 23.23
C PRO C 184 -10.91 18.12 23.71
N GLY C 185 -11.50 18.15 24.90
CA GLY C 185 -12.00 19.39 25.46
C GLY C 185 -10.98 20.12 26.35
N ILE C 186 -11.20 20.10 27.66
CA ILE C 186 -10.29 20.75 28.60
C ILE C 186 -9.41 19.68 29.25
N VAL C 187 -8.16 19.57 28.79
CA VAL C 187 -7.24 18.57 29.32
C VAL C 187 -6.16 19.22 30.18
N GLY C 188 -6.19 18.93 31.47
CA GLY C 188 -5.24 19.49 32.41
C GLY C 188 -3.77 19.13 32.21
N THR C 189 -3.17 19.60 31.13
CA THR C 189 -1.76 19.33 30.85
C THR C 189 -1.00 20.65 30.94
N GLY C 190 0.26 20.63 30.52
CA GLY C 190 1.05 21.86 30.56
C GLY C 190 0.44 22.95 29.70
N MET C 191 -0.20 22.57 28.61
CA MET C 191 -0.80 23.55 27.73
C MET C 191 -1.88 24.37 28.41
N TRP C 192 -2.65 23.76 29.30
CA TRP C 192 -3.70 24.52 29.97
C TRP C 192 -3.19 25.30 31.17
N GLU C 193 -2.05 24.89 31.72
CA GLU C 193 -1.47 25.65 32.82
C GLU C 193 -1.20 26.98 32.14
N GLN C 194 -0.57 26.89 30.98
CA GLN C 194 -0.22 28.04 30.16
C GLN C 194 -1.44 28.87 29.79
N ILE C 195 -2.48 28.22 29.28
CA ILE C 195 -3.70 28.94 28.91
C ILE C 195 -4.31 29.66 30.09
N ASP C 196 -4.45 28.97 31.22
CA ASP C 196 -5.04 29.58 32.41
C ASP C 196 -4.17 30.73 32.91
N ALA C 197 -2.86 30.54 32.89
CA ALA C 197 -1.92 31.58 33.33
C ALA C 197 -2.06 32.84 32.48
N GLU C 198 -2.01 32.68 31.16
CA GLU C 198 -2.13 33.83 30.27
C GLU C 198 -3.50 34.48 30.32
N LEU C 199 -4.55 33.67 30.44
CA LEU C 199 -5.90 34.21 30.51
C LEU C 199 -6.04 34.97 31.83
N SER C 200 -5.29 34.53 32.83
CA SER C 200 -5.30 35.15 34.15
C SER C 200 -4.80 36.59 34.03
N LYS C 201 -3.63 36.74 33.39
CA LYS C 201 -3.04 38.05 33.20
C LYS C 201 -4.02 38.98 32.47
N ILE C 202 -4.70 38.44 31.48
CA ILE C 202 -5.65 39.21 30.69
C ILE C 202 -6.91 39.64 31.44
N ASN C 203 -7.70 38.68 31.91
CA ASN C 203 -8.93 39.01 32.61
C ASN C 203 -8.79 39.25 34.11
N GLY C 204 -7.61 38.94 34.65
CA GLY C 204 -7.38 39.16 36.07
C GLY C 204 -7.78 38.06 37.03
N LYS C 205 -8.67 37.17 36.60
CA LYS C 205 -9.11 36.09 37.47
C LYS C 205 -7.91 35.34 38.07
N PRO C 206 -8.08 34.83 39.31
CA PRO C 206 -6.99 34.11 39.98
C PRO C 206 -6.56 32.85 39.24
N ILE C 207 -5.33 32.41 39.51
CA ILE C 207 -4.79 31.22 38.87
C ILE C 207 -5.70 30.02 39.12
N GLY C 208 -5.91 29.24 38.07
CA GLY C 208 -6.76 28.07 38.17
C GLY C 208 -8.22 28.35 37.91
N GLU C 209 -8.65 29.57 38.22
CA GLU C 209 -10.05 29.95 38.05
C GLU C 209 -10.52 29.84 36.59
N ASN C 210 -9.69 30.28 35.64
CA ASN C 210 -10.06 30.17 34.24
C ASN C 210 -10.27 28.71 33.88
N PHE C 211 -9.32 27.86 34.30
CA PHE C 211 -9.40 26.43 34.04
C PHE C 211 -10.75 25.89 34.52
N LYS C 212 -11.15 26.30 35.72
CA LYS C 212 -12.43 25.86 36.29
C LYS C 212 -13.57 26.44 35.46
N GLU C 213 -13.43 27.71 35.11
CA GLU C 213 -14.42 28.43 34.33
C GLU C 213 -14.73 27.71 33.01
N TYR C 214 -13.68 27.42 32.24
CA TYR C 214 -13.85 26.73 30.97
C TYR C 214 -14.32 25.29 31.11
N SER C 215 -14.31 24.78 32.35
CA SER C 215 -14.72 23.41 32.60
C SER C 215 -16.15 23.26 33.12
N SER C 216 -16.75 24.36 33.57
CA SER C 216 -18.10 24.33 34.12
C SER C 216 -19.19 23.93 33.13
N SER C 217 -18.83 23.70 31.87
CA SER C 217 -19.83 23.33 30.86
C SER C 217 -19.78 21.85 30.49
N ILE C 218 -18.73 21.16 30.90
CA ILE C 218 -18.55 19.74 30.60
C ILE C 218 -19.65 18.87 31.20
N ALA C 219 -20.49 18.31 30.34
CA ALA C 219 -21.59 17.48 30.78
C ALA C 219 -21.20 16.47 31.85
N LEU C 220 -20.11 15.73 31.63
CA LEU C 220 -19.70 14.73 32.60
C LEU C 220 -19.22 15.31 33.92
N GLY C 221 -19.12 16.63 34.00
CA GLY C 221 -18.72 17.29 35.23
C GLY C 221 -17.28 17.20 35.72
N ARG C 222 -16.36 16.80 34.86
CA ARG C 222 -14.95 16.71 35.25
C ARG C 222 -14.05 17.05 34.07
N PRO C 223 -12.92 17.74 34.32
CA PRO C 223 -12.01 18.09 33.24
C PRO C 223 -11.40 16.79 32.72
N SER C 224 -10.57 16.88 31.69
CA SER C 224 -9.99 15.69 31.10
C SER C 224 -8.53 15.44 31.43
N VAL C 225 -8.12 14.18 31.32
CA VAL C 225 -6.73 13.77 31.55
C VAL C 225 -6.28 13.07 30.25
N PRO C 226 -4.97 12.99 30.04
CA PRO C 226 -4.45 12.34 28.83
C PRO C 226 -5.08 10.97 28.55
N GLU C 227 -5.44 10.28 29.63
CA GLU C 227 -6.05 8.97 29.50
C GLU C 227 -7.37 9.02 28.73
N ASP C 228 -8.20 10.01 29.02
CA ASP C 228 -9.49 10.15 28.33
C ASP C 228 -9.28 10.22 26.83
N VAL C 229 -8.32 11.03 26.40
CA VAL C 229 -8.04 11.18 24.97
C VAL C 229 -7.42 9.92 24.42
N ALA C 230 -6.56 9.30 25.22
CA ALA C 230 -5.90 8.06 24.81
C ALA C 230 -6.94 7.00 24.42
N GLY C 231 -8.07 7.00 25.11
CA GLY C 231 -9.11 6.02 24.82
C GLY C 231 -9.60 6.11 23.39
N LEU C 232 -9.87 7.32 22.93
CA LEU C 232 -10.33 7.53 21.57
C LEU C 232 -9.23 7.17 20.57
N VAL C 233 -8.02 7.62 20.83
CA VAL C 233 -6.90 7.34 19.94
C VAL C 233 -6.66 5.83 19.83
N SER C 234 -6.94 5.10 20.90
CA SER C 234 -6.78 3.64 20.91
C SER C 234 -7.70 3.05 19.84
N PHE C 235 -8.93 3.53 19.79
CA PHE C 235 -9.90 3.07 18.80
C PHE C 235 -9.43 3.48 17.40
N LEU C 236 -8.92 4.70 17.27
CA LEU C 236 -8.47 5.19 15.97
C LEU C 236 -7.24 4.48 15.44
N ALA C 237 -6.43 3.93 16.34
CA ALA C 237 -5.22 3.20 15.93
C ALA C 237 -5.53 1.71 15.74
N SER C 238 -6.67 1.27 16.28
CA SER C 238 -7.06 -0.14 16.20
C SER C 238 -7.77 -0.51 14.91
N GLU C 239 -7.92 -1.82 14.69
CA GLU C 239 -8.60 -2.34 13.51
C GLU C 239 -10.09 -2.06 13.52
N ASN C 240 -10.63 -1.78 14.71
CA ASN C 240 -12.06 -1.49 14.87
C ASN C 240 -12.47 -0.22 14.14
N SER C 241 -11.50 0.65 13.88
CA SER C 241 -11.80 1.91 13.20
C SER C 241 -11.53 1.87 11.69
N ASN C 242 -11.28 0.68 11.16
CA ASN C 242 -10.97 0.53 9.73
C ASN C 242 -11.92 1.21 8.73
N TYR C 243 -13.22 1.21 9.01
CA TYR C 243 -14.18 1.81 8.08
C TYR C 243 -14.55 3.25 8.46
N VAL C 244 -13.68 3.89 9.23
CA VAL C 244 -13.88 5.27 9.65
C VAL C 244 -12.73 6.10 9.05
N THR C 245 -13.08 7.17 8.34
CA THR C 245 -12.05 8.02 7.75
C THR C 245 -12.58 9.44 7.51
N GLY C 246 -11.68 10.41 7.61
CA GLY C 246 -12.03 11.81 7.40
C GLY C 246 -12.80 12.42 8.56
N GLN C 247 -12.93 11.70 9.66
CA GLN C 247 -13.69 12.21 10.80
C GLN C 247 -12.89 12.90 11.89
N VAL C 248 -13.54 13.87 12.55
CA VAL C 248 -12.95 14.60 13.67
C VAL C 248 -13.86 14.24 14.84
N MET C 249 -13.40 13.34 15.69
CA MET C 249 -14.21 12.87 16.82
C MET C 249 -13.93 13.54 18.16
N LEU C 250 -15.00 14.08 18.74
CA LEU C 250 -14.92 14.76 20.01
C LEU C 250 -14.85 13.83 21.23
N VAL C 251 -13.86 14.08 22.09
CA VAL C 251 -13.66 13.35 23.34
C VAL C 251 -13.57 14.48 24.36
N ASP C 252 -14.68 15.19 24.55
CA ASP C 252 -14.70 16.34 25.43
C ASP C 252 -15.59 16.23 26.68
N GLY C 253 -16.03 15.03 27.01
CA GLY C 253 -16.87 14.86 28.18
C GLY C 253 -18.22 15.54 28.03
N GLY C 254 -18.49 16.07 26.82
CA GLY C 254 -19.75 16.74 26.56
C GLY C 254 -19.66 18.25 26.60
N MET C 255 -19.18 18.87 25.52
CA MET C 255 -19.05 20.32 25.46
C MET C 255 -19.65 20.80 24.16
N LEU C 256 -19.26 20.15 23.07
CA LEU C 256 -19.78 20.47 21.74
C LEU C 256 -20.36 19.17 21.22
N TYR C 257 -21.38 19.27 20.38
CA TYR C 257 -22.02 18.07 19.86
C TYR C 257 -21.94 17.93 18.34
N ASN C 258 -21.57 19.01 17.67
CA ASN C 258 -21.39 18.99 16.22
C ASN C 258 -22.64 18.58 15.44
N SER D 2 -23.37 58.48 2.41
CA SER D 2 -23.82 57.14 1.98
C SER D 2 -23.04 56.07 2.74
N LYS D 3 -23.67 54.93 2.98
CA LYS D 3 -23.02 53.82 3.67
C LYS D 3 -21.81 53.40 2.83
N VAL D 4 -20.75 52.98 3.50
CA VAL D 4 -19.55 52.60 2.76
C VAL D 4 -19.07 51.19 3.03
N ALA D 5 -18.70 50.52 1.94
CA ALA D 5 -18.20 49.15 2.02
C ALA D 5 -16.93 48.97 1.21
N MET D 6 -15.96 48.26 1.77
CA MET D 6 -14.75 47.97 1.04
C MET D 6 -14.86 46.52 0.60
N VAL D 7 -14.56 46.26 -0.67
CA VAL D 7 -14.61 44.88 -1.18
C VAL D 7 -13.21 44.55 -1.71
N THR D 8 -12.48 43.73 -0.96
CA THR D 8 -11.14 43.35 -1.40
C THR D 8 -11.33 42.35 -2.53
N GLY D 9 -10.37 42.31 -3.46
CA GLY D 9 -10.50 41.41 -4.59
C GLY D 9 -11.68 41.85 -5.46
N GLY D 10 -12.06 43.11 -5.36
CA GLY D 10 -13.19 43.60 -6.13
C GLY D 10 -13.00 43.92 -7.60
N ALA D 11 -11.80 43.68 -8.14
CA ALA D 11 -11.55 43.97 -9.54
C ALA D 11 -12.26 43.04 -10.52
N GLN D 12 -12.62 41.85 -10.06
CA GLN D 12 -13.25 40.87 -10.94
C GLN D 12 -13.99 39.77 -10.16
N GLY D 13 -14.52 38.81 -10.90
CA GLY D 13 -15.23 37.69 -10.31
C GLY D 13 -16.28 38.05 -9.27
N ILE D 14 -16.34 37.27 -8.21
CA ILE D 14 -17.30 37.49 -7.13
C ILE D 14 -17.17 38.88 -6.50
N GLY D 15 -15.93 39.35 -6.33
CA GLY D 15 -15.73 40.66 -5.75
C GLY D 15 -16.42 41.75 -6.57
N ARG D 16 -16.33 41.65 -7.89
CA ARG D 16 -16.99 42.61 -8.77
C ARG D 16 -18.51 42.53 -8.64
N GLY D 17 -19.03 41.30 -8.58
CA GLY D 17 -20.46 41.10 -8.47
C GLY D 17 -20.99 41.68 -7.16
N ILE D 18 -20.24 41.46 -6.08
CA ILE D 18 -20.60 41.98 -4.77
C ILE D 18 -20.59 43.51 -4.77
N SER D 19 -19.57 44.09 -5.39
CA SER D 19 -19.46 45.53 -5.47
C SER D 19 -20.68 46.15 -6.17
N GLU D 20 -21.01 45.64 -7.34
CA GLU D 20 -22.14 46.14 -8.09
C GLU D 20 -23.44 46.00 -7.30
N LYS D 21 -23.60 44.86 -6.63
CA LYS D 21 -24.80 44.60 -5.85
C LYS D 21 -24.91 45.56 -4.66
N LEU D 22 -23.84 45.70 -3.90
CA LEU D 22 -23.85 46.60 -2.75
C LEU D 22 -24.08 48.04 -3.18
N ALA D 23 -23.65 48.38 -4.39
CA ALA D 23 -23.85 49.73 -4.91
C ALA D 23 -25.35 49.89 -5.14
N ALA D 24 -25.94 48.90 -5.80
CA ALA D 24 -27.37 48.91 -6.07
C ALA D 24 -28.12 49.07 -4.74
N ASP D 25 -27.57 48.50 -3.67
CA ASP D 25 -28.20 48.59 -2.36
C ASP D 25 -28.00 49.95 -1.69
N GLY D 26 -27.17 50.80 -2.29
CA GLY D 26 -26.94 52.12 -1.74
C GLY D 26 -25.57 52.39 -1.16
N PHE D 27 -24.66 51.44 -1.28
CA PHE D 27 -23.32 51.63 -0.74
C PHE D 27 -22.37 52.27 -1.74
N ASP D 28 -21.46 53.08 -1.22
CA ASP D 28 -20.41 53.66 -2.04
C ASP D 28 -19.38 52.53 -1.85
N ILE D 29 -18.58 52.24 -2.86
CA ILE D 29 -17.65 51.11 -2.76
C ILE D 29 -16.17 51.42 -2.94
N ALA D 30 -15.36 50.84 -2.07
CA ALA D 30 -13.92 50.98 -2.17
C ALA D 30 -13.46 49.65 -2.74
N VAL D 31 -13.14 49.64 -4.04
CA VAL D 31 -12.70 48.44 -4.73
C VAL D 31 -11.22 48.24 -4.46
N ALA D 32 -10.91 47.37 -3.50
CA ALA D 32 -9.54 47.10 -3.11
C ALA D 32 -9.00 45.87 -3.81
N ASP D 33 -7.85 46.02 -4.46
CA ASP D 33 -7.24 44.91 -5.18
C ASP D 33 -5.79 45.23 -5.47
N LEU D 34 -5.06 44.25 -5.98
CA LEU D 34 -3.65 44.45 -6.30
C LEU D 34 -3.52 45.58 -7.31
N PRO D 35 -2.47 46.41 -7.15
CA PRO D 35 -2.22 47.55 -8.05
C PRO D 35 -2.36 47.23 -9.54
N GLN D 36 -1.78 46.13 -9.98
CA GLN D 36 -1.85 45.77 -11.40
C GLN D 36 -3.26 45.41 -11.88
N GLN D 37 -4.21 45.35 -10.94
CA GLN D 37 -5.59 45.01 -11.27
C GLN D 37 -6.50 46.22 -11.46
N GLU D 38 -5.94 47.42 -11.42
CA GLU D 38 -6.76 48.62 -11.59
C GLU D 38 -7.46 48.67 -12.94
N GLU D 39 -6.74 48.35 -14.00
CA GLU D 39 -7.33 48.35 -15.33
C GLU D 39 -8.52 47.40 -15.36
N GLN D 40 -8.33 46.21 -14.80
CA GLN D 40 -9.38 45.20 -14.74
C GLN D 40 -10.55 45.71 -13.90
N ALA D 41 -10.24 46.47 -12.85
CA ALA D 41 -11.25 47.02 -11.96
C ALA D 41 -12.07 48.13 -12.62
N ALA D 42 -11.62 48.58 -13.78
CA ALA D 42 -12.31 49.63 -14.50
C ALA D 42 -13.77 49.27 -14.73
N GLU D 43 -14.03 48.01 -15.04
CA GLU D 43 -15.41 47.59 -15.27
C GLU D 43 -16.20 47.60 -13.96
N THR D 44 -15.60 47.07 -12.88
CA THR D 44 -16.26 47.06 -11.58
C THR D 44 -16.70 48.49 -11.24
N ILE D 45 -15.78 49.44 -11.39
CA ILE D 45 -16.06 50.84 -11.09
C ILE D 45 -17.17 51.40 -11.96
N LYS D 46 -17.21 50.96 -13.21
CA LYS D 46 -18.22 51.42 -14.14
C LYS D 46 -19.59 50.97 -13.62
N LEU D 47 -19.70 49.67 -13.33
CA LEU D 47 -20.93 49.09 -12.82
C LEU D 47 -21.43 49.79 -11.55
N ILE D 48 -20.50 50.20 -10.70
CA ILE D 48 -20.84 50.88 -9.45
C ILE D 48 -21.37 52.29 -9.67
N GLU D 49 -20.68 53.06 -10.50
CA GLU D 49 -21.10 54.43 -10.76
C GLU D 49 -22.45 54.50 -11.47
N ALA D 50 -22.80 53.43 -12.18
CA ALA D 50 -24.07 53.37 -12.90
C ALA D 50 -25.27 53.27 -11.97
N ALA D 51 -25.01 53.06 -10.68
CA ALA D 51 -26.07 52.97 -9.69
C ALA D 51 -26.07 54.23 -8.83
N ASP D 52 -25.57 55.31 -9.42
CA ASP D 52 -25.48 56.60 -8.74
C ASP D 52 -24.74 56.49 -7.42
N GLN D 53 -23.63 55.74 -7.42
CA GLN D 53 -22.83 55.57 -6.22
C GLN D 53 -21.37 55.87 -6.50
N LYS D 54 -20.64 56.24 -5.46
CA LYS D 54 -19.22 56.52 -5.59
C LYS D 54 -18.45 55.21 -5.55
N ALA D 55 -17.36 55.17 -6.30
CA ALA D 55 -16.49 54.00 -6.37
C ALA D 55 -15.06 54.50 -6.44
N VAL D 56 -14.18 53.87 -5.67
CA VAL D 56 -12.78 54.27 -5.68
C VAL D 56 -11.87 53.05 -5.58
N PHE D 57 -10.90 52.97 -6.48
CA PHE D 57 -9.98 51.86 -6.45
C PHE D 57 -8.90 52.17 -5.42
N VAL D 58 -8.56 51.17 -4.60
CA VAL D 58 -7.54 51.33 -3.60
C VAL D 58 -6.54 50.19 -3.75
N GLY D 59 -5.29 50.53 -4.03
CA GLY D 59 -4.27 49.51 -4.18
C GLY D 59 -4.07 48.78 -2.87
N LEU D 60 -4.25 47.47 -2.89
CA LEU D 60 -4.10 46.68 -1.67
C LEU D 60 -3.66 45.26 -1.90
N ASP D 61 -2.62 44.85 -1.19
CA ASP D 61 -2.15 43.47 -1.23
C ASP D 61 -2.52 43.02 0.18
N VAL D 62 -3.65 42.32 0.30
CA VAL D 62 -4.16 41.88 1.59
C VAL D 62 -3.20 41.10 2.47
N THR D 63 -2.09 40.63 1.89
CA THR D 63 -1.11 39.85 2.65
C THR D 63 -0.22 40.73 3.52
N ASP D 64 -0.31 42.04 3.31
CA ASP D 64 0.49 42.98 4.07
C ASP D 64 -0.38 43.77 5.04
N LYS D 65 -0.12 43.56 6.32
CA LYS D 65 -0.84 44.22 7.41
C LYS D 65 -0.90 45.74 7.25
N ALA D 66 0.27 46.37 7.11
CA ALA D 66 0.35 47.82 6.97
C ALA D 66 -0.47 48.36 5.80
N ASN D 67 -0.45 47.64 4.68
CA ASN D 67 -1.19 48.07 3.50
C ASN D 67 -2.69 48.00 3.75
N PHE D 68 -3.13 47.00 4.51
CA PHE D 68 -4.54 46.85 4.80
C PHE D 68 -5.00 48.02 5.66
N ASP D 69 -4.17 48.41 6.64
CA ASP D 69 -4.52 49.54 7.48
C ASP D 69 -4.63 50.83 6.68
N SER D 70 -3.62 51.09 5.86
CA SER D 70 -3.62 52.31 5.05
C SER D 70 -4.76 52.32 4.05
N ALA D 71 -5.08 51.15 3.51
CA ALA D 71 -6.15 51.00 2.53
C ALA D 71 -7.50 51.35 3.13
N ILE D 72 -7.77 50.85 4.34
CA ILE D 72 -9.03 51.14 4.97
C ILE D 72 -9.07 52.61 5.39
N ASP D 73 -7.92 53.17 5.76
CA ASP D 73 -7.87 54.58 6.13
C ASP D 73 -8.18 55.40 4.88
N GLU D 74 -7.59 55.02 3.75
CA GLU D 74 -7.82 55.73 2.51
C GLU D 74 -9.28 55.63 2.08
N ALA D 75 -9.84 54.44 2.20
CA ALA D 75 -11.23 54.23 1.83
C ALA D 75 -12.15 55.08 2.71
N ALA D 76 -11.93 55.05 4.02
CA ALA D 76 -12.76 55.81 4.95
C ALA D 76 -12.69 57.30 4.68
N GLU D 77 -11.50 57.82 4.36
CA GLU D 77 -11.34 59.23 4.10
C GLU D 77 -11.95 59.68 2.76
N LYS D 78 -11.79 58.88 1.71
CA LYS D 78 -12.33 59.24 0.41
C LYS D 78 -13.84 59.06 0.24
N LEU D 79 -14.42 58.15 1.01
CA LEU D 79 -15.85 57.90 0.90
C LEU D 79 -16.62 58.48 2.09
N GLY D 80 -15.88 58.97 3.09
CA GLY D 80 -16.50 59.61 4.24
C GLY D 80 -17.13 58.70 5.27
N GLY D 81 -16.63 57.47 5.37
CA GLY D 81 -17.16 56.52 6.34
C GLY D 81 -16.61 55.14 6.07
N PHE D 82 -16.99 54.18 6.91
CA PHE D 82 -16.55 52.80 6.75
C PHE D 82 -17.49 51.92 7.57
N ASP D 83 -18.44 51.31 6.89
CA ASP D 83 -19.45 50.48 7.54
C ASP D 83 -19.37 48.98 7.30
N VAL D 84 -18.82 48.56 6.17
CA VAL D 84 -18.74 47.15 5.84
C VAL D 84 -17.43 46.76 5.16
N LEU D 85 -16.84 45.65 5.61
CA LEU D 85 -15.62 45.14 4.98
C LEU D 85 -15.90 43.72 4.50
N VAL D 86 -15.70 43.49 3.22
CA VAL D 86 -15.89 42.17 2.65
C VAL D 86 -14.48 41.64 2.33
N ASN D 87 -14.04 40.64 3.10
CA ASN D 87 -12.73 40.04 2.89
C ASN D 87 -12.91 38.94 1.84
N ASN D 88 -13.01 39.38 0.59
CA ASN D 88 -13.23 38.48 -0.55
C ASN D 88 -11.96 38.05 -1.29
N ALA D 89 -10.92 38.87 -1.27
CA ALA D 89 -9.67 38.53 -1.97
C ALA D 89 -9.14 37.18 -1.51
N GLY D 90 -8.66 36.39 -2.46
CA GLY D 90 -8.11 35.08 -2.15
C GLY D 90 -7.63 34.37 -3.40
N ILE D 91 -6.92 33.26 -3.22
CA ILE D 91 -6.40 32.47 -4.33
C ILE D 91 -6.68 30.99 -4.15
N ALA D 92 -6.57 30.26 -5.25
CA ALA D 92 -6.78 28.82 -5.24
C ALA D 92 -5.48 28.14 -5.65
N GLN D 93 -5.28 26.94 -5.13
CA GLN D 93 -4.12 26.13 -5.46
C GLN D 93 -4.70 24.77 -5.78
N ILE D 94 -4.17 24.13 -6.82
CA ILE D 94 -4.66 22.82 -7.22
C ILE D 94 -3.42 21.93 -7.31
N LYS D 95 -3.33 20.94 -6.45
CA LYS D 95 -2.18 20.06 -6.43
C LYS D 95 -2.35 18.90 -5.47
N PRO D 96 -2.03 17.68 -5.93
CA PRO D 96 -2.16 16.51 -5.06
C PRO D 96 -1.48 16.81 -3.72
N LEU D 97 -2.11 16.36 -2.64
CA LEU D 97 -1.60 16.57 -1.29
C LEU D 97 -0.11 16.23 -1.14
N LEU D 98 0.30 15.13 -1.75
CA LEU D 98 1.69 14.69 -1.66
C LEU D 98 2.69 15.63 -2.33
N GLU D 99 2.19 16.52 -3.18
CA GLU D 99 3.06 17.48 -3.87
C GLU D 99 3.08 18.86 -3.23
N VAL D 100 2.19 19.10 -2.28
CA VAL D 100 2.12 20.39 -1.60
C VAL D 100 3.42 20.72 -0.87
N THR D 101 4.01 21.86 -1.22
CA THR D 101 5.27 22.30 -0.63
C THR D 101 5.03 23.29 0.49
N GLU D 102 6.08 23.54 1.27
CA GLU D 102 6.00 24.49 2.35
C GLU D 102 5.82 25.88 1.75
N GLU D 103 6.41 26.11 0.57
CA GLU D 103 6.28 27.40 -0.10
C GLU D 103 4.82 27.66 -0.47
N ASP D 104 4.14 26.63 -0.99
CA ASP D 104 2.74 26.74 -1.37
C ASP D 104 1.91 27.11 -0.13
N LEU D 105 2.19 26.42 0.97
CA LEU D 105 1.48 26.64 2.22
C LEU D 105 1.63 28.06 2.75
N LYS D 106 2.86 28.54 2.82
CA LYS D 106 3.09 29.89 3.31
C LYS D 106 2.36 30.92 2.45
N GLN D 107 2.39 30.71 1.14
CA GLN D 107 1.73 31.64 0.22
C GLN D 107 0.21 31.67 0.35
N ILE D 108 -0.42 30.51 0.31
CA ILE D 108 -1.88 30.46 0.38
C ILE D 108 -2.41 30.86 1.75
N TYR D 109 -1.69 30.51 2.81
CA TYR D 109 -2.17 30.91 4.12
C TYR D 109 -2.04 32.42 4.31
N SER D 110 -1.02 33.00 3.71
CA SER D 110 -0.80 34.43 3.79
C SER D 110 -1.98 35.16 3.13
N VAL D 111 -2.27 34.79 1.89
CA VAL D 111 -3.35 35.42 1.13
C VAL D 111 -4.78 35.12 1.59
N ASN D 112 -5.06 33.87 1.93
CA ASN D 112 -6.41 33.47 2.34
C ASN D 112 -6.73 33.52 3.81
N VAL D 113 -5.71 33.53 4.66
CA VAL D 113 -5.98 33.55 6.09
C VAL D 113 -5.40 34.74 6.87
N PHE D 114 -4.09 34.94 6.79
CA PHE D 114 -3.49 36.05 7.53
C PHE D 114 -4.18 37.35 7.12
N SER D 115 -4.47 37.46 5.83
CA SER D 115 -5.14 38.63 5.27
C SER D 115 -6.47 38.92 5.98
N VAL D 116 -7.21 37.88 6.32
CA VAL D 116 -8.49 38.06 6.99
C VAL D 116 -8.31 38.54 8.42
N PHE D 117 -7.24 38.09 9.09
CA PHE D 117 -6.95 38.56 10.43
C PHE D 117 -6.71 40.07 10.33
N PHE D 118 -5.80 40.44 9.44
CA PHE D 118 -5.45 41.85 9.23
C PHE D 118 -6.67 42.67 8.87
N GLY D 119 -7.49 42.15 7.96
CA GLY D 119 -8.69 42.84 7.55
C GLY D 119 -9.62 43.09 8.73
N ILE D 120 -9.87 42.05 9.51
CA ILE D 120 -10.74 42.16 10.68
C ILE D 120 -10.21 43.20 11.67
N GLN D 121 -8.91 43.14 11.93
CA GLN D 121 -8.28 44.06 12.85
C GLN D 121 -8.43 45.50 12.37
N ALA D 122 -8.12 45.74 11.10
CA ALA D 122 -8.21 47.07 10.52
C ALA D 122 -9.65 47.58 10.50
N ALA D 123 -10.59 46.71 10.16
CA ALA D 123 -11.99 47.11 10.10
C ALA D 123 -12.48 47.48 11.50
N SER D 124 -12.15 46.64 12.48
CA SER D 124 -12.54 46.88 13.86
C SER D 124 -12.04 48.23 14.37
N ARG D 125 -10.79 48.56 14.06
CA ARG D 125 -10.19 49.83 14.46
C ARG D 125 -10.97 50.99 13.88
N LYS D 126 -11.16 50.97 12.56
CA LYS D 126 -11.88 52.04 11.87
C LYS D 126 -13.30 52.20 12.40
N PHE D 127 -14.00 51.09 12.58
CA PHE D 127 -15.35 51.17 13.10
C PHE D 127 -15.33 51.96 14.41
N ASP D 128 -14.51 51.50 15.36
CA ASP D 128 -14.39 52.15 16.67
C ASP D 128 -13.98 53.60 16.56
N GLU D 129 -13.03 53.86 15.66
CA GLU D 129 -12.54 55.21 15.44
C GLU D 129 -13.70 56.10 15.01
N LEU D 130 -14.56 55.56 14.15
CA LEU D 130 -15.72 56.30 13.66
C LEU D 130 -16.90 56.26 14.62
N GLY D 131 -16.79 55.44 15.66
CA GLY D 131 -17.86 55.33 16.64
C GLY D 131 -19.08 54.61 16.12
N VAL D 132 -18.88 53.71 15.15
CA VAL D 132 -19.99 52.96 14.57
C VAL D 132 -19.87 51.46 14.81
N LYS D 133 -20.96 50.75 14.59
CA LYS D 133 -20.96 49.31 14.73
C LYS D 133 -20.85 48.85 13.28
N GLY D 134 -19.86 48.01 12.99
CA GLY D 134 -19.67 47.58 11.62
C GLY D 134 -19.98 46.14 11.31
N LYS D 135 -19.89 45.80 10.03
CA LYS D 135 -20.15 44.46 9.57
C LYS D 135 -18.94 43.95 8.79
N ILE D 136 -18.40 42.82 9.21
CA ILE D 136 -17.26 42.21 8.52
C ILE D 136 -17.81 40.92 7.90
N ILE D 137 -17.62 40.79 6.59
CA ILE D 137 -18.13 39.64 5.85
C ILE D 137 -16.96 38.94 5.14
N ASN D 138 -16.70 37.69 5.50
CA ASN D 138 -15.59 36.95 4.88
C ASN D 138 -15.98 35.93 3.83
N ALA D 139 -15.07 35.69 2.89
CA ALA D 139 -15.31 34.72 1.84
C ALA D 139 -14.85 33.34 2.29
N ALA D 140 -15.83 32.47 2.56
CA ALA D 140 -15.56 31.10 2.94
C ALA D 140 -15.77 30.33 1.63
N SER D 141 -16.30 29.13 1.72
CA SER D 141 -16.50 28.29 0.54
C SER D 141 -17.08 26.97 0.99
N ILE D 142 -17.63 26.22 0.04
CA ILE D 142 -18.14 24.90 0.37
C ILE D 142 -16.92 24.12 0.90
N ALA D 143 -15.74 24.52 0.41
CA ALA D 143 -14.48 23.88 0.81
C ALA D 143 -14.12 24.16 2.27
N ALA D 144 -14.89 25.04 2.91
CA ALA D 144 -14.66 25.34 4.31
C ALA D 144 -15.58 24.45 5.15
N ILE D 145 -16.53 23.80 4.49
CA ILE D 145 -17.48 22.93 5.18
C ILE D 145 -17.11 21.45 4.94
N GLN D 146 -16.57 21.16 3.76
CA GLN D 146 -16.11 19.82 3.42
C GLN D 146 -14.81 19.96 2.63
N GLY D 147 -13.73 19.38 3.14
CA GLY D 147 -12.47 19.47 2.45
C GLY D 147 -12.53 18.73 1.13
N PHE D 148 -11.88 19.27 0.10
CA PHE D 148 -11.88 18.62 -1.20
C PHE D 148 -10.50 18.09 -1.54
N PRO D 149 -10.43 16.86 -2.10
CA PRO D 149 -9.14 16.28 -2.47
C PRO D 149 -8.60 17.10 -3.64
N ILE D 150 -7.28 17.16 -3.77
CA ILE D 150 -6.61 17.91 -4.83
C ILE D 150 -6.57 19.41 -4.55
N LEU D 151 -7.44 19.86 -3.66
CA LEU D 151 -7.47 21.25 -3.26
C LEU D 151 -7.36 21.27 -1.73
N SER D 152 -6.47 20.43 -1.20
CA SER D 152 -6.31 20.34 0.24
C SER D 152 -5.79 21.62 0.88
N ALA D 153 -4.77 22.24 0.29
CA ALA D 153 -4.23 23.47 0.85
C ALA D 153 -5.33 24.53 0.86
N TYR D 154 -6.02 24.67 -0.27
CA TYR D 154 -7.10 25.65 -0.38
C TYR D 154 -8.16 25.40 0.70
N SER D 155 -8.61 24.16 0.79
CA SER D 155 -9.64 23.78 1.75
C SER D 155 -9.26 24.13 3.17
N THR D 156 -8.04 23.80 3.57
CA THR D 156 -7.62 24.09 4.93
C THR D 156 -7.64 25.59 5.22
N THR D 157 -7.34 26.42 4.22
CA THR D 157 -7.37 27.86 4.46
C THR D 157 -8.82 28.30 4.67
N LYS D 158 -9.76 27.74 3.91
CA LYS D 158 -11.16 28.12 4.05
C LYS D 158 -11.75 27.67 5.39
N PHE D 159 -11.28 26.52 5.89
CA PHE D 159 -11.73 26.05 7.20
C PHE D 159 -11.21 27.02 8.25
N ALA D 160 -10.00 27.50 8.04
CA ALA D 160 -9.39 28.46 8.96
C ALA D 160 -10.23 29.73 8.96
N VAL D 161 -10.66 30.17 7.78
CA VAL D 161 -11.48 31.38 7.67
C VAL D 161 -12.81 31.17 8.40
N ARG D 162 -13.32 29.95 8.32
CA ARG D 162 -14.57 29.58 8.98
C ARG D 162 -14.40 29.75 10.49
N GLY D 163 -13.32 29.20 11.02
CA GLY D 163 -13.05 29.29 12.44
C GLY D 163 -12.80 30.73 12.86
N LEU D 164 -12.08 31.48 12.02
CA LEU D 164 -11.79 32.88 12.31
C LEU D 164 -13.08 33.69 12.42
N THR D 165 -14.04 33.40 11.54
CA THR D 165 -15.33 34.09 11.52
C THR D 165 -16.05 33.88 12.86
N GLN D 166 -15.99 32.65 13.37
CA GLN D 166 -16.62 32.32 14.64
C GLN D 166 -15.92 33.01 15.82
N ALA D 167 -14.60 32.82 15.92
CA ALA D 167 -13.83 33.42 17.00
C ALA D 167 -13.95 34.93 17.04
N ALA D 168 -13.79 35.57 15.88
CA ALA D 168 -13.89 37.01 15.79
C ALA D 168 -15.28 37.54 16.15
N ALA D 169 -16.31 36.85 15.69
CA ALA D 169 -17.68 37.29 15.97
C ALA D 169 -17.88 37.38 17.47
N GLN D 170 -17.42 36.36 18.20
CA GLN D 170 -17.57 36.32 19.64
C GLN D 170 -16.72 37.38 20.32
N GLU D 171 -15.52 37.60 19.81
CA GLU D 171 -14.64 38.59 20.41
C GLU D 171 -15.05 40.04 20.16
N LEU D 172 -15.61 40.32 18.99
CA LEU D 172 -16.01 41.70 18.68
C LEU D 172 -17.47 42.02 19.02
N ALA D 173 -18.25 41.01 19.39
CA ALA D 173 -19.66 41.22 19.70
C ALA D 173 -19.93 42.33 20.73
N PRO D 174 -19.20 42.35 21.86
CA PRO D 174 -19.45 43.41 22.85
C PRO D 174 -19.35 44.84 22.30
N LYS D 175 -18.62 45.01 21.20
CA LYS D 175 -18.49 46.33 20.57
C LYS D 175 -19.62 46.55 19.57
N GLY D 176 -20.44 45.53 19.36
CA GLY D 176 -21.55 45.66 18.43
C GLY D 176 -21.22 45.32 16.98
N HIS D 177 -20.01 44.84 16.73
CA HIS D 177 -19.62 44.47 15.37
C HIS D 177 -19.96 43.00 15.17
N THR D 178 -20.32 42.64 13.95
CA THR D 178 -20.66 41.25 13.63
C THR D 178 -19.69 40.75 12.55
N VAL D 179 -19.42 39.45 12.58
CA VAL D 179 -18.53 38.84 11.61
C VAL D 179 -19.20 37.59 11.08
N ASN D 180 -19.50 37.58 9.79
CA ASN D 180 -20.14 36.45 9.14
C ASN D 180 -19.39 36.15 7.85
N ALA D 181 -19.72 35.02 7.22
CA ALA D 181 -19.07 34.65 5.98
C ALA D 181 -20.05 34.03 4.99
N TYR D 182 -19.71 34.11 3.70
CA TYR D 182 -20.53 33.52 2.65
C TYR D 182 -19.73 32.34 2.10
N ALA D 183 -20.43 31.27 1.77
CA ALA D 183 -19.78 30.08 1.25
C ALA D 183 -20.36 29.68 -0.10
N PRO D 184 -19.78 30.21 -1.19
CA PRO D 184 -20.32 29.84 -2.51
C PRO D 184 -19.92 28.43 -2.94
N GLY D 185 -20.56 27.93 -4.00
CA GLY D 185 -20.26 26.60 -4.48
C GLY D 185 -19.27 26.61 -5.63
N ILE D 186 -19.76 26.39 -6.85
CA ILE D 186 -18.92 26.41 -8.05
C ILE D 186 -19.35 27.64 -8.84
N VAL D 187 -18.50 28.67 -8.82
CA VAL D 187 -18.82 29.92 -9.51
C VAL D 187 -17.86 30.10 -10.70
N GLY D 188 -18.42 30.33 -11.87
CA GLY D 188 -17.60 30.51 -13.07
C GLY D 188 -16.83 31.81 -13.13
N THR D 189 -15.65 31.84 -12.51
CA THR D 189 -14.82 33.03 -12.49
C THR D 189 -13.43 32.62 -12.95
N GLY D 190 -12.50 33.57 -12.92
CA GLY D 190 -11.13 33.29 -13.30
C GLY D 190 -10.55 32.23 -12.38
N MET D 191 -11.04 32.16 -11.15
CA MET D 191 -10.54 31.16 -10.21
C MET D 191 -10.93 29.76 -10.65
N TRP D 192 -12.13 29.57 -11.16
CA TRP D 192 -12.48 28.23 -11.61
C TRP D 192 -11.87 27.95 -12.98
N GLU D 193 -11.52 29.00 -13.73
CA GLU D 193 -10.87 28.78 -15.01
C GLU D 193 -9.53 28.13 -14.67
N GLN D 194 -8.87 28.66 -13.63
CA GLN D 194 -7.57 28.14 -13.17
C GLN D 194 -7.70 26.74 -12.54
N ILE D 195 -8.75 26.51 -11.78
CA ILE D 195 -8.95 25.20 -11.14
C ILE D 195 -9.18 24.14 -12.21
N ASP D 196 -10.07 24.45 -13.13
CA ASP D 196 -10.40 23.56 -14.23
C ASP D 196 -9.15 23.26 -15.06
N ALA D 197 -8.38 24.30 -15.35
CA ALA D 197 -7.17 24.16 -16.13
C ALA D 197 -6.14 23.27 -15.44
N GLU D 198 -5.97 23.44 -14.14
CA GLU D 198 -5.00 22.63 -13.41
C GLU D 198 -5.49 21.20 -13.26
N LEU D 199 -6.80 21.03 -13.11
CA LEU D 199 -7.38 19.71 -12.99
C LEU D 199 -7.18 18.99 -14.32
N SER D 200 -7.38 19.72 -15.41
CA SER D 200 -7.22 19.17 -16.75
C SER D 200 -5.81 18.59 -16.93
N LYS D 201 -4.80 19.33 -16.47
CA LYS D 201 -3.42 18.86 -16.59
C LYS D 201 -3.24 17.53 -15.86
N ILE D 202 -4.02 17.35 -14.79
CA ILE D 202 -3.95 16.14 -13.98
C ILE D 202 -4.72 14.95 -14.53
N ASN D 203 -5.97 15.16 -14.94
CA ASN D 203 -6.77 14.05 -15.43
C ASN D 203 -7.01 14.00 -16.94
N GLY D 204 -6.37 14.92 -17.67
CA GLY D 204 -6.50 14.94 -19.12
C GLY D 204 -7.84 15.29 -19.73
N LYS D 205 -8.83 15.64 -18.91
CA LYS D 205 -10.13 16.00 -19.45
C LYS D 205 -10.01 17.30 -20.23
N PRO D 206 -10.84 17.48 -21.27
CA PRO D 206 -10.72 18.73 -22.02
C PRO D 206 -11.07 19.94 -21.15
N ILE D 207 -10.62 21.11 -21.58
CA ILE D 207 -10.90 22.34 -20.83
C ILE D 207 -12.40 22.53 -20.68
N GLY D 208 -12.83 22.91 -19.48
CA GLY D 208 -14.24 23.13 -19.21
C GLY D 208 -14.99 21.93 -18.65
N GLU D 209 -14.45 20.73 -18.87
CA GLU D 209 -15.09 19.51 -18.39
C GLU D 209 -15.01 19.31 -16.88
N ASN D 210 -13.90 19.71 -16.26
CA ASN D 210 -13.79 19.55 -14.83
C ASN D 210 -14.80 20.49 -14.16
N PHE D 211 -14.94 21.69 -14.71
CA PHE D 211 -15.89 22.66 -14.18
C PHE D 211 -17.28 22.04 -14.28
N LYS D 212 -17.60 21.48 -15.45
CA LYS D 212 -18.89 20.86 -15.68
C LYS D 212 -19.14 19.69 -14.73
N GLU D 213 -18.13 18.84 -14.56
CA GLU D 213 -18.25 17.68 -13.70
C GLU D 213 -18.52 18.07 -12.25
N TYR D 214 -17.70 18.98 -11.73
CA TYR D 214 -17.85 19.43 -10.36
C TYR D 214 -19.19 20.12 -10.12
N SER D 215 -19.80 20.63 -11.19
CA SER D 215 -21.09 21.33 -11.11
C SER D 215 -22.30 20.45 -11.37
N SER D 216 -22.07 19.27 -11.91
CA SER D 216 -23.16 18.35 -12.26
C SER D 216 -24.11 17.93 -11.15
N SER D 217 -23.69 18.08 -9.89
CA SER D 217 -24.54 17.68 -8.76
C SER D 217 -25.19 18.82 -7.97
N ILE D 218 -25.12 20.03 -8.50
CA ILE D 218 -25.74 21.18 -7.84
C ILE D 218 -27.26 20.97 -7.90
N ALA D 219 -27.91 20.97 -6.74
CA ALA D 219 -29.35 20.74 -6.68
C ALA D 219 -30.17 21.63 -7.61
N LEU D 220 -29.86 22.92 -7.65
CA LEU D 220 -30.62 23.81 -8.50
C LEU D 220 -30.29 23.62 -9.98
N GLY D 221 -29.42 22.66 -10.26
CA GLY D 221 -29.06 22.31 -11.64
C GLY D 221 -28.30 23.28 -12.49
N ARG D 222 -27.54 24.17 -11.87
CA ARG D 222 -26.79 25.16 -12.62
C ARG D 222 -25.58 25.67 -11.84
N PRO D 223 -24.46 25.90 -12.53
CA PRO D 223 -23.27 26.42 -11.84
C PRO D 223 -23.63 27.84 -11.41
N SER D 224 -22.80 28.42 -10.56
CA SER D 224 -23.08 29.76 -10.05
C SER D 224 -22.41 30.92 -10.79
N VAL D 225 -23.01 32.10 -10.63
CA VAL D 225 -22.49 33.34 -11.19
C VAL D 225 -22.36 34.28 -9.99
N PRO D 226 -21.46 35.28 -10.08
CA PRO D 226 -21.25 36.24 -9.00
C PRO D 226 -22.52 36.78 -8.37
N GLU D 227 -23.50 37.07 -9.22
CA GLU D 227 -24.79 37.59 -8.79
C GLU D 227 -25.44 36.73 -7.71
N ASP D 228 -25.30 35.41 -7.83
CA ASP D 228 -25.89 34.50 -6.85
C ASP D 228 -25.30 34.76 -5.49
N VAL D 229 -23.98 34.90 -5.43
CA VAL D 229 -23.28 35.14 -4.18
C VAL D 229 -23.61 36.52 -3.65
N ALA D 230 -23.65 37.49 -4.55
CA ALA D 230 -23.96 38.87 -4.19
C ALA D 230 -25.29 38.92 -3.43
N GLY D 231 -26.21 38.02 -3.78
CA GLY D 231 -27.51 37.97 -3.13
C GLY D 231 -27.41 37.80 -1.64
N LEU D 232 -26.55 36.88 -1.21
CA LEU D 232 -26.34 36.62 0.21
C LEU D 232 -25.56 37.75 0.87
N VAL D 233 -24.52 38.22 0.20
CA VAL D 233 -23.70 39.28 0.75
C VAL D 233 -24.55 40.54 0.93
N SER D 234 -25.56 40.71 0.07
CA SER D 234 -26.45 41.86 0.16
C SER D 234 -27.15 41.79 1.53
N PHE D 235 -27.64 40.60 1.86
CA PHE D 235 -28.32 40.39 3.15
C PHE D 235 -27.33 40.66 4.27
N LEU D 236 -26.15 40.07 4.17
CA LEU D 236 -25.12 40.23 5.19
C LEU D 236 -24.63 41.66 5.38
N ALA D 237 -24.80 42.49 4.37
CA ALA D 237 -24.37 43.89 4.48
C ALA D 237 -25.53 44.79 4.93
N SER D 238 -26.75 44.23 4.91
CA SER D 238 -27.94 44.98 5.27
C SER D 238 -28.34 44.91 6.74
N GLU D 239 -29.25 45.80 7.13
CA GLU D 239 -29.73 45.86 8.50
C GLU D 239 -30.50 44.59 8.85
N ASN D 240 -30.95 43.87 7.83
CA ASN D 240 -31.71 42.64 8.03
C ASN D 240 -30.89 41.53 8.72
N SER D 241 -29.58 41.62 8.66
CA SER D 241 -28.72 40.62 9.28
C SER D 241 -28.11 41.06 10.61
N ASN D 242 -28.63 42.14 11.17
CA ASN D 242 -28.10 42.65 12.44
C ASN D 242 -28.01 41.66 13.57
N TYR D 243 -28.92 40.69 13.62
CA TYR D 243 -28.87 39.72 14.71
C TYR D 243 -28.20 38.42 14.31
N VAL D 244 -27.45 38.45 13.21
CA VAL D 244 -26.72 37.27 12.74
C VAL D 244 -25.22 37.49 12.91
N THR D 245 -24.54 36.57 13.60
CA THR D 245 -23.10 36.71 13.75
C THR D 245 -22.38 35.40 13.99
N GLY D 246 -21.16 35.30 13.46
CA GLY D 246 -20.33 34.12 13.60
C GLY D 246 -20.73 32.98 12.68
N GLN D 247 -21.62 33.26 11.73
CA GLN D 247 -22.11 32.25 10.82
C GLN D 247 -21.40 32.16 9.47
N VAL D 248 -21.39 30.96 8.89
CA VAL D 248 -20.81 30.72 7.57
C VAL D 248 -21.99 30.22 6.76
N MET D 249 -22.57 31.08 5.94
CA MET D 249 -23.75 30.72 5.18
C MET D 249 -23.50 30.27 3.74
N LEU D 250 -24.05 29.10 3.43
CA LEU D 250 -23.92 28.48 2.11
C LEU D 250 -24.88 29.05 1.06
N VAL D 251 -24.30 29.44 -0.08
CA VAL D 251 -25.04 29.96 -1.25
C VAL D 251 -24.43 29.13 -2.38
N ASP D 252 -24.70 27.83 -2.38
CA ASP D 252 -24.13 26.91 -3.34
C ASP D 252 -25.11 26.20 -4.27
N GLY D 253 -26.33 26.73 -4.36
CA GLY D 253 -27.33 26.13 -5.23
C GLY D 253 -27.76 24.76 -4.77
N GLY D 254 -27.25 24.34 -3.62
CA GLY D 254 -27.59 23.04 -3.08
C GLY D 254 -26.49 22.02 -3.28
N MET D 255 -25.45 22.08 -2.47
CA MET D 255 -24.33 21.14 -2.57
C MET D 255 -24.03 20.50 -1.21
N LEU D 256 -23.88 21.36 -0.20
CA LEU D 256 -23.62 20.91 1.16
C LEU D 256 -24.71 21.51 2.02
N TYR D 257 -25.03 20.88 3.14
CA TYR D 257 -26.11 21.39 3.98
C TYR D 257 -25.74 21.66 5.42
N ASN D 258 -24.54 21.23 5.82
CA ASN D 258 -24.07 21.47 7.18
C ASN D 258 -25.08 20.93 8.19
N SER E 2 15.74 17.41 -15.73
CA SER E 2 16.33 16.30 -16.51
C SER E 2 17.24 15.45 -15.61
N LYS E 3 16.80 14.23 -15.31
CA LYS E 3 17.56 13.32 -14.46
C LYS E 3 19.04 13.22 -14.85
N VAL E 4 19.87 12.87 -13.87
CA VAL E 4 21.30 12.76 -14.08
C VAL E 4 21.85 11.37 -13.79
N ALA E 5 22.73 10.89 -14.65
CA ALA E 5 23.34 9.58 -14.48
C ALA E 5 24.82 9.61 -14.80
N MET E 6 25.63 9.07 -13.90
CA MET E 6 27.07 9.02 -14.11
C MET E 6 27.44 7.69 -14.72
N VAL E 7 28.28 7.72 -15.73
CA VAL E 7 28.73 6.49 -16.39
C VAL E 7 30.26 6.43 -16.33
N THR E 8 30.80 5.53 -15.51
CA THR E 8 32.24 5.40 -15.40
C THR E 8 32.74 4.66 -16.63
N GLY E 9 33.96 5.00 -17.07
CA GLY E 9 34.50 4.36 -18.25
C GLY E 9 33.66 4.73 -19.45
N GLY E 10 33.01 5.89 -19.38
CA GLY E 10 32.17 6.33 -20.48
C GLY E 10 32.88 7.00 -21.65
N ALA E 11 34.20 7.08 -21.58
CA ALA E 11 34.97 7.71 -22.63
C ALA E 11 34.93 6.94 -23.96
N GLN E 12 34.67 5.64 -23.88
CA GLN E 12 34.62 4.82 -25.09
C GLN E 12 33.86 3.52 -24.86
N GLY E 13 33.83 2.68 -25.90
CA GLY E 13 33.17 1.39 -25.84
C GLY E 13 31.76 1.36 -25.29
N ILE E 14 31.48 0.35 -24.46
CA ILE E 14 30.16 0.20 -23.87
C ILE E 14 29.80 1.45 -23.07
N GLY E 15 30.80 2.09 -22.48
CA GLY E 15 30.55 3.30 -21.71
C GLY E 15 29.98 4.39 -22.57
N ARG E 16 30.55 4.55 -23.76
CA ARG E 16 30.06 5.58 -24.68
C ARG E 16 28.63 5.26 -25.07
N GLY E 17 28.44 4.08 -25.64
CA GLY E 17 27.11 3.65 -26.07
C GLY E 17 26.05 3.88 -25.00
N ILE E 18 26.38 3.51 -23.77
CA ILE E 18 25.43 3.69 -22.66
C ILE E 18 25.17 5.17 -22.43
N SER E 19 26.18 5.99 -22.69
CA SER E 19 26.04 7.43 -22.50
C SER E 19 25.11 8.04 -23.54
N GLU E 20 25.34 7.71 -24.82
CA GLU E 20 24.49 8.22 -25.89
C GLU E 20 23.06 7.76 -25.69
N LYS E 21 22.89 6.50 -25.31
CA LYS E 21 21.55 5.95 -25.10
C LYS E 21 20.80 6.63 -23.95
N LEU E 22 21.45 6.77 -22.81
CA LEU E 22 20.81 7.42 -21.67
C LEU E 22 20.51 8.88 -21.97
N ALA E 23 21.31 9.47 -22.86
CA ALA E 23 21.09 10.86 -23.25
C ALA E 23 19.78 10.91 -24.01
N ALA E 24 19.62 9.97 -24.94
CA ALA E 24 18.41 9.88 -25.74
C ALA E 24 17.19 9.68 -24.85
N ASP E 25 17.36 8.88 -23.79
CA ASP E 25 16.29 8.59 -22.85
C ASP E 25 15.92 9.81 -22.01
N GLY E 26 16.66 10.90 -22.19
CA GLY E 26 16.37 12.10 -21.43
C GLY E 26 17.26 12.34 -20.22
N PHE E 27 18.46 11.77 -20.25
CA PHE E 27 19.40 11.94 -19.15
C PHE E 27 20.58 12.83 -19.49
N ASP E 28 21.00 13.63 -18.51
CA ASP E 28 22.19 14.47 -18.66
C ASP E 28 23.26 13.54 -18.11
N ILE E 29 24.27 13.22 -18.92
CA ILE E 29 25.32 12.29 -18.50
C ILE E 29 26.61 12.91 -17.97
N ALA E 30 27.12 12.33 -16.88
CA ALA E 30 28.37 12.76 -16.29
C ALA E 30 29.35 11.68 -16.71
N VAL E 31 30.11 11.96 -17.77
CA VAL E 31 31.08 11.01 -18.30
C VAL E 31 32.34 10.94 -17.44
N ALA E 32 32.40 9.93 -16.57
CA ALA E 32 33.53 9.74 -15.68
C ALA E 32 34.54 8.75 -16.26
N ASP E 33 35.81 9.13 -16.24
CA ASP E 33 36.85 8.27 -16.77
C ASP E 33 38.21 8.81 -16.34
N LEU E 34 39.29 8.13 -16.74
CA LEU E 34 40.63 8.56 -16.37
C LEU E 34 40.98 9.84 -17.12
N PRO E 35 41.60 10.81 -16.42
CA PRO E 35 42.00 12.10 -16.98
C PRO E 35 42.57 12.00 -18.40
N GLN E 36 43.50 11.08 -18.61
CA GLN E 36 44.11 10.86 -19.92
C GLN E 36 43.08 10.63 -21.02
N GLN E 37 41.86 10.26 -20.61
CA GLN E 37 40.78 9.96 -21.54
C GLN E 37 39.82 11.11 -21.85
N GLU E 38 40.12 12.30 -21.35
CA GLU E 38 39.24 13.43 -21.60
C GLU E 38 39.18 13.74 -23.09
N GLU E 39 40.26 13.41 -23.79
CA GLU E 39 40.34 13.65 -25.23
C GLU E 39 39.34 12.72 -25.92
N GLN E 40 39.55 11.41 -25.74
CA GLN E 40 38.67 10.40 -26.35
C GLN E 40 37.22 10.61 -25.93
N ALA E 41 37.01 11.06 -24.69
CA ALA E 41 35.67 11.28 -24.17
C ALA E 41 34.89 12.35 -24.91
N ALA E 42 35.61 13.23 -25.62
CA ALA E 42 34.97 14.32 -26.36
C ALA E 42 33.86 13.82 -27.27
N GLU E 43 34.12 12.75 -28.02
CA GLU E 43 33.11 12.21 -28.91
C GLU E 43 31.86 11.82 -28.14
N THR E 44 32.06 11.19 -26.99
CA THR E 44 30.95 10.77 -26.15
C THR E 44 30.13 11.99 -25.75
N ILE E 45 30.82 13.09 -25.49
CA ILE E 45 30.15 14.32 -25.11
C ILE E 45 29.38 14.86 -26.32
N LYS E 46 29.96 14.68 -27.50
CA LYS E 46 29.34 15.15 -28.74
C LYS E 46 28.07 14.34 -29.05
N LEU E 47 28.03 13.11 -28.59
CA LEU E 47 26.87 12.25 -28.82
C LEU E 47 25.77 12.54 -27.81
N ILE E 48 26.16 13.03 -26.64
CA ILE E 48 25.19 13.34 -25.59
C ILE E 48 24.48 14.65 -25.91
N GLU E 49 25.26 15.67 -26.27
CA GLU E 49 24.71 16.97 -26.60
C GLU E 49 23.92 16.88 -27.89
N ALA E 50 24.38 16.03 -28.80
CA ALA E 50 23.72 15.83 -30.09
C ALA E 50 22.26 15.42 -29.88
N ALA E 51 22.01 14.75 -28.75
CA ALA E 51 20.66 14.30 -28.42
C ALA E 51 20.04 15.30 -27.44
N ASP E 52 20.37 16.57 -27.63
CA ASP E 52 19.85 17.65 -26.78
C ASP E 52 19.85 17.28 -25.30
N GLN E 53 21.05 17.23 -24.72
CA GLN E 53 21.21 16.90 -23.30
C GLN E 53 22.55 17.43 -22.80
N LYS E 54 22.59 17.80 -21.51
CA LYS E 54 23.80 18.31 -20.88
C LYS E 54 24.81 17.21 -20.55
N ALA E 55 26.06 17.41 -20.96
CA ALA E 55 27.12 16.44 -20.70
C ALA E 55 28.28 17.16 -20.00
N VAL E 56 29.09 16.41 -19.27
CA VAL E 56 30.22 16.96 -18.54
C VAL E 56 31.21 15.89 -18.13
N PHE E 57 32.49 16.12 -18.43
CA PHE E 57 33.53 15.16 -18.09
C PHE E 57 33.95 15.34 -16.64
N VAL E 58 34.32 14.22 -16.01
CA VAL E 58 34.77 14.21 -14.63
C VAL E 58 35.94 13.24 -14.56
N GLY E 59 37.12 13.78 -14.32
CA GLY E 59 38.30 12.94 -14.23
C GLY E 59 38.14 12.01 -13.05
N LEU E 60 38.30 10.71 -13.28
CA LEU E 60 38.13 9.76 -12.19
C LEU E 60 38.79 8.40 -12.41
N ASP E 61 39.61 8.01 -11.44
CA ASP E 61 40.26 6.71 -11.45
C ASP E 61 39.40 5.97 -10.44
N VAL E 62 38.60 5.00 -10.89
CA VAL E 62 37.70 4.27 -10.00
C VAL E 62 38.36 3.49 -8.87
N THR E 63 39.66 3.23 -8.99
CA THR E 63 40.37 2.48 -7.95
C THR E 63 40.66 3.35 -6.73
N ASP E 64 40.44 4.65 -6.87
CA ASP E 64 40.69 5.59 -5.78
C ASP E 64 39.37 6.05 -5.15
N LYS E 65 39.08 5.55 -3.96
CA LYS E 65 37.85 5.89 -3.25
C LYS E 65 37.63 7.40 -3.11
N ALA E 66 38.66 8.10 -2.69
CA ALA E 66 38.59 9.55 -2.50
C ALA E 66 38.15 10.24 -3.80
N ASN E 67 38.80 9.87 -4.90
CA ASN E 67 38.50 10.44 -6.21
C ASN E 67 37.07 10.11 -6.61
N PHE E 68 36.63 8.89 -6.30
CA PHE E 68 35.27 8.48 -6.64
C PHE E 68 34.28 9.38 -5.89
N ASP E 69 34.52 9.59 -4.59
CA ASP E 69 33.62 10.44 -3.81
C ASP E 69 33.54 11.85 -4.40
N SER E 70 34.69 12.45 -4.68
CA SER E 70 34.69 13.79 -5.24
C SER E 70 34.15 13.80 -6.68
N ALA E 71 34.28 12.67 -7.37
CA ALA E 71 33.80 12.57 -8.74
C ALA E 71 32.28 12.69 -8.74
N ILE E 72 31.64 12.06 -7.76
CA ILE E 72 30.20 12.08 -7.66
C ILE E 72 29.69 13.45 -7.18
N ASP E 73 30.44 14.11 -6.32
CA ASP E 73 30.03 15.43 -5.85
C ASP E 73 30.10 16.43 -7.00
N GLU E 74 31.15 16.33 -7.80
CA GLU E 74 31.33 17.23 -8.93
C GLU E 74 30.24 17.05 -9.99
N ALA E 75 29.89 15.81 -10.29
CA ALA E 75 28.86 15.54 -11.29
C ALA E 75 27.50 15.97 -10.74
N ALA E 76 27.29 15.75 -9.44
CA ALA E 76 26.05 16.12 -8.78
C ALA E 76 25.87 17.63 -8.79
N GLU E 77 26.97 18.35 -8.56
CA GLU E 77 26.95 19.80 -8.53
C GLU E 77 26.80 20.35 -9.95
N LYS E 78 27.69 19.94 -10.83
CA LYS E 78 27.70 20.38 -12.23
C LYS E 78 26.37 20.18 -12.95
N LEU E 79 25.78 19.00 -12.81
CA LEU E 79 24.52 18.70 -13.48
C LEU E 79 23.29 18.92 -12.61
N GLY E 80 23.50 19.37 -11.37
CA GLY E 80 22.38 19.64 -10.48
C GLY E 80 21.53 18.44 -10.09
N GLY E 81 22.19 17.33 -9.77
CA GLY E 81 21.46 16.14 -9.38
C GLY E 81 22.25 14.87 -9.60
N PHE E 82 21.73 13.76 -9.07
CA PHE E 82 22.37 12.46 -9.19
C PHE E 82 21.29 11.40 -8.97
N ASP E 83 20.93 10.69 -10.03
CA ASP E 83 19.89 9.69 -9.92
C ASP E 83 20.31 8.28 -10.28
N VAL E 84 21.33 8.16 -11.13
CA VAL E 84 21.79 6.86 -11.58
C VAL E 84 23.31 6.77 -11.68
N LEU E 85 23.87 5.65 -11.24
CA LEU E 85 25.31 5.43 -11.32
C LEU E 85 25.56 4.16 -12.11
N VAL E 86 26.38 4.26 -13.14
CA VAL E 86 26.71 3.11 -13.96
C VAL E 86 28.18 2.76 -13.73
N ASN E 87 28.42 1.66 -13.01
CA ASN E 87 29.78 1.21 -12.74
C ASN E 87 30.25 0.36 -13.90
N ASN E 88 30.58 1.05 -14.99
CA ASN E 88 31.01 0.42 -16.23
C ASN E 88 32.52 0.27 -16.32
N ALA E 89 33.25 1.15 -15.63
CA ALA E 89 34.71 1.12 -15.68
C ALA E 89 35.29 -0.23 -15.28
N GLY E 90 36.27 -0.68 -16.05
CA GLY E 90 36.89 -1.97 -15.76
C GLY E 90 37.97 -2.32 -16.76
N ILE E 91 38.67 -3.43 -16.51
CA ILE E 91 39.71 -3.87 -17.42
C ILE E 91 39.67 -5.38 -17.55
N ALA E 92 40.34 -5.87 -18.58
CA ALA E 92 40.41 -7.30 -18.81
C ALA E 92 41.86 -7.74 -18.66
N GLN E 93 42.05 -9.00 -18.31
CA GLN E 93 43.38 -9.57 -18.20
C GLN E 93 43.26 -10.91 -18.92
N ILE E 94 44.28 -11.24 -19.70
CA ILE E 94 44.30 -12.50 -20.42
C ILE E 94 45.58 -13.17 -20.01
N LYS E 95 45.46 -14.31 -19.33
CA LYS E 95 46.64 -15.02 -18.87
C LYS E 95 46.32 -16.39 -18.30
N PRO E 96 47.08 -17.42 -18.71
CA PRO E 96 46.84 -18.77 -18.20
C PRO E 96 46.86 -18.73 -16.67
N LEU E 97 45.95 -19.47 -16.05
CA LEU E 97 45.84 -19.51 -14.59
C LEU E 97 47.19 -19.74 -13.91
N LEU E 98 47.96 -20.69 -14.43
CA LEU E 98 49.26 -21.01 -13.85
C LEU E 98 50.30 -19.90 -13.92
N GLU E 99 49.99 -18.83 -14.68
CA GLU E 99 50.90 -17.71 -14.83
C GLU E 99 50.40 -16.45 -14.12
N VAL E 100 49.16 -16.50 -13.62
CA VAL E 100 48.59 -15.35 -12.93
C VAL E 100 49.44 -14.97 -11.71
N THR E 101 49.79 -13.69 -11.59
CA THR E 101 50.61 -13.22 -10.48
C THR E 101 49.78 -12.50 -9.42
N GLU E 102 50.35 -12.32 -8.24
CA GLU E 102 49.66 -11.61 -7.16
C GLU E 102 49.44 -10.16 -7.58
N GLU E 103 50.44 -9.61 -8.27
CA GLU E 103 50.35 -8.23 -8.76
C GLU E 103 49.16 -8.10 -9.70
N ASP E 104 48.97 -9.07 -10.58
CA ASP E 104 47.83 -9.05 -11.50
C ASP E 104 46.54 -9.04 -10.69
N LEU E 105 46.45 -9.96 -9.74
CA LEU E 105 45.25 -10.07 -8.90
C LEU E 105 44.90 -8.78 -8.18
N LYS E 106 45.89 -8.18 -7.52
CA LYS E 106 45.67 -6.94 -6.81
C LYS E 106 45.21 -5.83 -7.75
N GLN E 107 45.80 -5.79 -8.94
CA GLN E 107 45.46 -4.77 -9.93
C GLN E 107 44.04 -4.92 -10.44
N ILE E 108 43.72 -6.10 -10.95
CA ILE E 108 42.40 -6.33 -11.51
C ILE E 108 41.27 -6.26 -10.47
N TYR E 109 41.54 -6.68 -9.24
CA TYR E 109 40.48 -6.61 -8.22
C TYR E 109 40.24 -5.17 -7.78
N SER E 110 41.29 -4.37 -7.72
CA SER E 110 41.17 -2.99 -7.33
C SER E 110 40.28 -2.26 -8.35
N VAL E 111 40.56 -2.47 -9.64
CA VAL E 111 39.81 -1.82 -10.71
C VAL E 111 38.41 -2.38 -10.97
N ASN E 112 38.28 -3.70 -10.99
CA ASN E 112 37.00 -4.34 -11.26
C ASN E 112 36.08 -4.62 -10.08
N VAL E 113 36.63 -4.63 -8.86
CA VAL E 113 35.81 -4.94 -7.69
C VAL E 113 35.73 -3.86 -6.62
N PHE E 114 36.88 -3.50 -6.05
CA PHE E 114 36.90 -2.49 -5.02
C PHE E 114 36.25 -1.19 -5.49
N SER E 115 36.48 -0.87 -6.76
CA SER E 115 35.92 0.33 -7.37
C SER E 115 34.39 0.32 -7.36
N VAL E 116 33.81 -0.87 -7.50
CA VAL E 116 32.36 -1.00 -7.51
C VAL E 116 31.84 -0.78 -6.09
N PHE E 117 32.59 -1.28 -5.10
CA PHE E 117 32.22 -1.07 -3.70
C PHE E 117 32.19 0.43 -3.44
N PHE E 118 33.29 1.08 -3.80
CA PHE E 118 33.44 2.53 -3.62
C PHE E 118 32.33 3.29 -4.31
N GLY E 119 32.02 2.88 -5.54
CA GLY E 119 30.98 3.54 -6.31
C GLY E 119 29.63 3.40 -5.64
N ILE E 120 29.29 2.17 -5.26
CA ILE E 120 28.02 1.91 -4.59
C ILE E 120 27.92 2.72 -3.31
N GLN E 121 28.99 2.74 -2.54
CA GLN E 121 29.00 3.48 -1.28
C GLN E 121 28.77 4.97 -1.53
N ALA E 122 29.52 5.55 -2.46
CA ALA E 122 29.41 6.97 -2.78
C ALA E 122 28.07 7.32 -3.38
N ALA E 123 27.55 6.45 -4.24
CA ALA E 123 26.25 6.69 -4.87
C ALA E 123 25.16 6.73 -3.82
N SER E 124 25.18 5.75 -2.93
CA SER E 124 24.19 5.65 -1.85
C SER E 124 24.13 6.91 -1.02
N ARG E 125 25.30 7.44 -0.65
CA ARG E 125 25.39 8.65 0.14
C ARG E 125 24.73 9.81 -0.59
N LYS E 126 25.18 10.07 -1.81
CA LYS E 126 24.64 11.16 -2.61
C LYS E 126 23.12 11.06 -2.76
N PHE E 127 22.62 9.84 -2.94
CA PHE E 127 21.18 9.62 -3.06
C PHE E 127 20.51 10.12 -1.80
N ASP E 128 21.01 9.68 -0.66
CA ASP E 128 20.47 10.07 0.64
C ASP E 128 20.63 11.58 0.80
N GLU E 129 21.73 12.12 0.30
CA GLU E 129 21.97 13.55 0.40
C GLU E 129 20.88 14.28 -0.38
N LEU E 130 20.72 13.90 -1.64
CA LEU E 130 19.71 14.52 -2.50
C LEU E 130 18.30 14.00 -2.17
N GLY E 131 18.17 13.34 -1.02
CA GLY E 131 16.89 12.79 -0.61
C GLY E 131 16.11 12.07 -1.70
N VAL E 132 16.81 11.37 -2.59
CA VAL E 132 16.17 10.65 -3.67
C VAL E 132 16.48 9.15 -3.64
N LYS E 133 15.65 8.36 -4.32
CA LYS E 133 15.86 6.92 -4.41
C LYS E 133 16.60 6.74 -5.74
N GLY E 134 17.74 6.07 -5.71
CA GLY E 134 18.50 5.89 -6.93
C GLY E 134 18.69 4.48 -7.46
N LYS E 135 19.29 4.40 -8.65
CA LYS E 135 19.58 3.12 -9.27
C LYS E 135 21.08 3.02 -9.49
N ILE E 136 21.63 1.84 -9.23
CA ILE E 136 23.05 1.58 -9.43
C ILE E 136 23.10 0.39 -10.40
N ILE E 137 23.80 0.56 -11.50
CA ILE E 137 23.90 -0.47 -12.52
C ILE E 137 25.36 -0.87 -12.70
N ASN E 138 25.67 -2.12 -12.35
CA ASN E 138 27.04 -2.60 -12.44
C ASN E 138 27.31 -3.43 -13.68
N ALA E 139 28.52 -3.30 -14.22
CA ALA E 139 28.88 -4.04 -15.41
C ALA E 139 29.40 -5.43 -15.04
N ALA E 140 28.55 -6.42 -15.23
CA ALA E 140 28.92 -7.80 -14.97
C ALA E 140 29.41 -8.34 -16.29
N SER E 141 29.08 -9.58 -16.62
CA SER E 141 29.55 -10.18 -17.87
C SER E 141 29.18 -11.65 -17.93
N ILE E 142 29.21 -12.24 -19.12
CA ILE E 142 28.92 -13.66 -19.21
C ILE E 142 29.96 -14.39 -18.35
N ALA E 143 31.10 -13.74 -18.15
CA ALA E 143 32.19 -14.30 -17.35
C ALA E 143 31.88 -14.25 -15.85
N ALA E 144 30.74 -13.66 -15.50
CA ALA E 144 30.31 -13.58 -14.09
C ALA E 144 29.30 -14.71 -13.87
N ILE E 145 28.85 -15.32 -14.96
CA ILE E 145 27.89 -16.40 -14.91
C ILE E 145 28.58 -17.73 -15.16
N GLN E 146 29.64 -17.70 -15.96
CA GLN E 146 30.42 -18.89 -16.24
C GLN E 146 31.88 -18.51 -16.33
N GLY E 147 32.72 -19.12 -15.50
CA GLY E 147 34.13 -18.81 -15.52
C GLY E 147 34.72 -19.12 -16.88
N PHE E 148 35.63 -18.26 -17.35
CA PHE E 148 36.25 -18.49 -18.65
C PHE E 148 37.73 -18.84 -18.55
N PRO E 149 38.12 -19.92 -19.21
CA PRO E 149 39.53 -20.36 -19.22
C PRO E 149 40.39 -19.22 -19.76
N ILE E 150 41.62 -19.11 -19.28
CA ILE E 150 42.54 -18.07 -19.72
C ILE E 150 42.14 -16.66 -19.25
N LEU E 151 40.91 -16.51 -18.75
CA LEU E 151 40.44 -15.23 -18.23
C LEU E 151 39.97 -15.45 -16.79
N SER E 152 40.69 -16.33 -16.09
CA SER E 152 40.34 -16.66 -14.71
C SER E 152 40.27 -15.45 -13.79
N ALA E 153 41.33 -14.66 -13.72
CA ALA E 153 41.35 -13.50 -12.86
C ALA E 153 40.18 -12.59 -13.19
N TYR E 154 40.00 -12.29 -14.47
CA TYR E 154 38.91 -11.43 -14.92
C TYR E 154 37.56 -12.02 -14.50
N SER E 155 37.37 -13.31 -14.80
CA SER E 155 36.13 -13.99 -14.46
C SER E 155 35.83 -13.88 -12.96
N THR E 156 36.82 -14.17 -12.12
CA THR E 156 36.59 -14.10 -10.68
C THR E 156 36.19 -12.71 -10.23
N THR E 157 36.69 -11.67 -10.89
CA THR E 157 36.31 -10.31 -10.50
C THR E 157 34.85 -10.07 -10.91
N LYS E 158 34.47 -10.57 -12.08
CA LYS E 158 33.10 -10.38 -12.54
C LYS E 158 32.11 -11.15 -11.66
N PHE E 159 32.53 -12.30 -11.16
CA PHE E 159 31.68 -13.08 -10.26
C PHE E 159 31.50 -12.28 -8.98
N ALA E 160 32.58 -11.64 -8.55
CA ALA E 160 32.55 -10.84 -7.33
C ALA E 160 31.50 -9.73 -7.49
N VAL E 161 31.47 -9.13 -8.68
CA VAL E 161 30.52 -8.06 -9.01
C VAL E 161 29.11 -8.59 -8.86
N ARG E 162 28.91 -9.80 -9.36
CA ARG E 162 27.62 -10.49 -9.29
C ARG E 162 27.18 -10.62 -7.85
N GLY E 163 28.08 -11.08 -6.99
CA GLY E 163 27.77 -11.22 -5.59
C GLY E 163 27.54 -9.87 -4.93
N LEU E 164 28.34 -8.87 -5.29
CA LEU E 164 28.19 -7.54 -4.71
C LEU E 164 26.83 -6.94 -5.08
N THR E 165 26.42 -7.15 -6.34
CA THR E 165 25.14 -6.62 -6.80
C THR E 165 24.01 -7.18 -5.92
N GLN E 166 24.11 -8.47 -5.61
CA GLN E 166 23.11 -9.16 -4.79
C GLN E 166 23.08 -8.66 -3.36
N ALA E 167 24.23 -8.65 -2.70
CA ALA E 167 24.31 -8.22 -1.32
C ALA E 167 23.89 -6.76 -1.16
N ALA E 168 24.39 -5.91 -2.05
CA ALA E 168 24.10 -4.48 -2.01
C ALA E 168 22.62 -4.19 -2.22
N ALA E 169 21.99 -4.94 -3.13
CA ALA E 169 20.58 -4.74 -3.40
C ALA E 169 19.79 -4.97 -2.12
N GLN E 170 20.13 -6.02 -1.40
CA GLN E 170 19.44 -6.37 -0.17
C GLN E 170 19.68 -5.39 0.96
N GLU E 171 20.90 -4.89 1.06
CA GLU E 171 21.24 -3.94 2.11
C GLU E 171 20.70 -2.54 1.88
N LEU E 172 20.65 -2.11 0.62
CA LEU E 172 20.17 -0.78 0.28
C LEU E 172 18.68 -0.72 -0.04
N ALA E 173 18.04 -1.88 -0.16
CA ALA E 173 16.61 -1.95 -0.49
C ALA E 173 15.74 -1.11 0.44
N PRO E 174 16.00 -1.14 1.75
CA PRO E 174 15.16 -0.34 2.66
C PRO E 174 15.24 1.17 2.44
N LYS E 175 16.18 1.61 1.60
CA LYS E 175 16.34 3.03 1.29
C LYS E 175 15.66 3.37 -0.03
N GLY E 176 15.23 2.33 -0.74
CA GLY E 176 14.56 2.55 -2.01
C GLY E 176 15.54 2.53 -3.17
N HIS E 177 16.81 2.34 -2.85
CA HIS E 177 17.85 2.28 -3.87
C HIS E 177 17.94 0.86 -4.41
N THR E 178 18.13 0.73 -5.71
CA THR E 178 18.22 -0.58 -6.32
C THR E 178 19.61 -0.80 -6.93
N VAL E 179 20.03 -2.06 -6.99
CA VAL E 179 21.32 -2.41 -7.55
C VAL E 179 21.16 -3.62 -8.46
N ASN E 180 21.41 -3.41 -9.75
CA ASN E 180 21.32 -4.46 -10.76
C ASN E 180 22.57 -4.44 -11.62
N ALA E 181 22.74 -5.43 -12.46
CA ALA E 181 23.90 -5.50 -13.33
C ALA E 181 23.56 -6.04 -14.70
N TYR E 182 24.33 -5.63 -15.69
CA TYR E 182 24.14 -6.11 -17.04
C TYR E 182 25.32 -6.99 -17.36
N ALA E 183 25.07 -8.03 -18.13
CA ALA E 183 26.12 -8.96 -18.50
C ALA E 183 26.17 -9.15 -20.01
N PRO E 184 27.01 -8.36 -20.69
CA PRO E 184 27.09 -8.52 -22.14
C PRO E 184 27.92 -9.74 -22.53
N GLY E 185 27.87 -10.12 -23.80
CA GLY E 185 28.62 -11.28 -24.25
C GLY E 185 29.94 -10.89 -24.89
N ILE E 186 30.00 -10.97 -26.21
CA ILE E 186 31.21 -10.62 -26.94
C ILE E 186 30.94 -9.29 -27.63
N VAL E 187 31.46 -8.21 -27.04
CA VAL E 187 31.27 -6.89 -27.61
C VAL E 187 32.55 -6.41 -28.28
N GLY E 188 32.47 -6.15 -29.58
CA GLY E 188 33.62 -5.69 -30.34
C GLY E 188 34.07 -4.29 -29.97
N THR E 189 34.80 -4.17 -28.88
CA THR E 189 35.32 -2.88 -28.43
C THR E 189 36.82 -3.01 -28.31
N GLY E 190 37.45 -2.03 -27.66
CA GLY E 190 38.89 -2.06 -27.48
C GLY E 190 39.28 -3.21 -26.57
N MET E 191 38.38 -3.54 -25.64
CA MET E 191 38.67 -4.63 -24.71
C MET E 191 38.85 -5.95 -25.45
N TRP E 192 37.96 -6.25 -26.38
CA TRP E 192 38.09 -7.50 -27.11
C TRP E 192 39.21 -7.48 -28.16
N GLU E 193 39.63 -6.29 -28.55
CA GLU E 193 40.74 -6.18 -29.49
C GLU E 193 41.94 -6.70 -28.71
N GLN E 194 42.01 -6.27 -27.46
CA GLN E 194 43.08 -6.65 -26.55
C GLN E 194 43.02 -8.16 -26.30
N ILE E 195 41.85 -8.62 -25.86
CA ILE E 195 41.63 -10.03 -25.59
C ILE E 195 42.03 -10.90 -26.78
N ASP E 196 41.54 -10.55 -27.96
CA ASP E 196 41.86 -11.31 -29.17
C ASP E 196 43.36 -11.31 -29.42
N ALA E 197 43.99 -10.15 -29.28
CA ALA E 197 45.43 -10.03 -29.49
C ALA E 197 46.22 -10.83 -28.48
N GLU E 198 45.80 -10.81 -27.22
CA GLU E 198 46.50 -11.55 -26.17
C GLU E 198 46.30 -13.06 -26.35
N LEU E 199 45.08 -13.45 -26.72
CA LEU E 199 44.78 -14.87 -26.95
C LEU E 199 45.57 -15.33 -28.18
N SER E 200 45.76 -14.43 -29.13
CA SER E 200 46.49 -14.77 -30.35
C SER E 200 47.92 -15.19 -30.01
N LYS E 201 48.54 -14.43 -29.10
CA LYS E 201 49.91 -14.72 -28.69
C LYS E 201 50.00 -16.05 -27.94
N ILE E 202 48.90 -16.42 -27.29
CA ILE E 202 48.86 -17.65 -26.53
C ILE E 202 48.58 -18.91 -27.36
N ASN E 203 47.44 -18.95 -28.04
CA ASN E 203 47.05 -20.12 -28.83
C ASN E 203 47.56 -20.16 -30.28
N GLY E 204 48.13 -19.05 -30.75
CA GLY E 204 48.67 -19.02 -32.09
C GLY E 204 47.70 -18.76 -33.24
N LYS E 205 46.44 -18.50 -32.92
CA LYS E 205 45.45 -18.22 -33.96
C LYS E 205 45.68 -16.83 -34.51
N PRO E 206 45.64 -16.66 -35.84
CA PRO E 206 45.85 -15.34 -36.43
C PRO E 206 44.93 -14.30 -35.81
N ILE E 207 45.33 -13.03 -35.90
CA ILE E 207 44.56 -11.94 -35.34
C ILE E 207 43.10 -11.92 -35.81
N GLY E 208 42.19 -11.78 -34.85
CA GLY E 208 40.78 -11.74 -35.18
C GLY E 208 40.12 -13.11 -35.23
N GLU E 209 40.93 -14.16 -35.23
CA GLU E 209 40.41 -15.52 -35.29
C GLU E 209 39.75 -15.91 -33.96
N ASN E 210 40.33 -15.46 -32.84
CA ASN E 210 39.78 -15.75 -31.53
C ASN E 210 38.45 -15.02 -31.33
N PHE E 211 38.40 -13.76 -31.76
CA PHE E 211 37.19 -12.97 -31.64
C PHE E 211 36.04 -13.66 -32.36
N LYS E 212 36.28 -14.13 -33.59
CA LYS E 212 35.24 -14.80 -34.36
C LYS E 212 34.88 -16.12 -33.69
N GLU E 213 35.91 -16.80 -33.19
CA GLU E 213 35.77 -18.08 -32.52
C GLU E 213 34.80 -18.03 -31.33
N TYR E 214 34.97 -17.02 -30.47
CA TYR E 214 34.11 -16.86 -29.30
C TYR E 214 32.70 -16.37 -29.68
N SER E 215 32.59 -15.71 -30.83
CA SER E 215 31.31 -15.18 -31.30
C SER E 215 30.41 -16.23 -31.97
N SER E 216 31.01 -17.31 -32.44
CA SER E 216 30.26 -18.35 -33.14
C SER E 216 29.07 -18.96 -32.40
N SER E 217 29.17 -19.09 -31.08
CA SER E 217 28.09 -19.68 -30.29
C SER E 217 26.87 -18.78 -30.11
N ILE E 218 27.05 -17.49 -30.33
CA ILE E 218 25.95 -16.55 -30.16
C ILE E 218 24.71 -16.97 -30.94
N ALA E 219 23.62 -17.19 -30.20
CA ALA E 219 22.35 -17.62 -30.80
C ALA E 219 21.90 -16.69 -31.92
N LEU E 220 21.86 -15.39 -31.65
CA LEU E 220 21.41 -14.42 -32.65
C LEU E 220 22.40 -14.22 -33.81
N GLY E 221 23.35 -15.15 -33.91
CA GLY E 221 24.32 -15.17 -34.99
C GLY E 221 25.29 -14.05 -35.30
N ARG E 222 25.57 -13.18 -34.35
CA ARG E 222 26.51 -12.09 -34.61
C ARG E 222 27.09 -11.52 -33.32
N PRO E 223 28.33 -11.00 -33.38
CA PRO E 223 28.97 -10.43 -32.19
C PRO E 223 28.19 -9.20 -31.76
N SER E 224 28.44 -8.73 -30.56
CA SER E 224 27.73 -7.57 -30.03
C SER E 224 28.42 -6.24 -30.23
N VAL E 225 27.62 -5.17 -30.17
CA VAL E 225 28.09 -3.81 -30.31
C VAL E 225 27.52 -3.05 -29.12
N PRO E 226 28.22 -2.01 -28.65
CA PRO E 226 27.78 -1.21 -27.51
C PRO E 226 26.30 -0.89 -27.44
N GLU E 227 25.66 -0.65 -28.59
CA GLU E 227 24.24 -0.32 -28.60
C GLU E 227 23.39 -1.44 -28.00
N ASP E 228 23.76 -2.68 -28.28
CA ASP E 228 23.03 -3.84 -27.77
C ASP E 228 22.97 -3.80 -26.25
N VAL E 229 24.14 -3.58 -25.63
CA VAL E 229 24.24 -3.50 -24.18
C VAL E 229 23.43 -2.33 -23.65
N ALA E 230 23.56 -1.19 -24.33
CA ALA E 230 22.87 0.02 -23.92
C ALA E 230 21.35 -0.17 -23.85
N GLY E 231 20.83 -1.12 -24.62
CA GLY E 231 19.41 -1.38 -24.60
C GLY E 231 18.95 -1.83 -23.23
N LEU E 232 19.73 -2.72 -22.63
CA LEU E 232 19.39 -3.24 -21.30
C LEU E 232 19.56 -2.17 -20.23
N VAL E 233 20.67 -1.45 -20.28
CA VAL E 233 20.93 -0.42 -19.29
C VAL E 233 19.85 0.65 -19.34
N SER E 234 19.28 0.87 -20.52
CA SER E 234 18.20 1.85 -20.65
C SER E 234 17.07 1.40 -19.73
N PHE E 235 16.69 0.13 -19.86
CA PHE E 235 15.63 -0.40 -19.02
C PHE E 235 16.01 -0.26 -17.55
N LEU E 236 17.23 -0.71 -17.23
CA LEU E 236 17.71 -0.66 -15.86
C LEU E 236 17.74 0.74 -15.26
N ALA E 237 17.86 1.75 -16.11
CA ALA E 237 17.91 3.12 -15.63
C ALA E 237 16.52 3.77 -15.61
N SER E 238 15.56 3.19 -16.34
CA SER E 238 14.21 3.74 -16.39
C SER E 238 13.30 3.30 -15.26
N GLU E 239 12.13 3.93 -15.17
CA GLU E 239 11.15 3.62 -14.15
C GLU E 239 10.56 2.22 -14.36
N ASN E 240 10.69 1.71 -15.57
CA ASN E 240 10.18 0.38 -15.90
C ASN E 240 10.89 -0.71 -15.09
N SER E 241 12.07 -0.41 -14.54
CA SER E 241 12.81 -1.40 -13.76
C SER E 241 12.73 -1.16 -12.25
N ASN E 242 11.79 -0.32 -11.84
CA ASN E 242 11.61 0.00 -10.42
C ASN E 242 11.43 -1.18 -9.46
N TYR E 243 10.87 -2.29 -9.94
CA TYR E 243 10.65 -3.43 -9.05
C TYR E 243 11.67 -4.54 -9.27
N VAL E 244 12.77 -4.21 -9.95
CA VAL E 244 13.84 -5.17 -10.22
C VAL E 244 15.05 -4.74 -9.42
N THR E 245 15.66 -5.68 -8.69
CA THR E 245 16.85 -5.35 -7.90
C THR E 245 17.66 -6.60 -7.51
N GLY E 246 18.98 -6.46 -7.54
CA GLY E 246 19.86 -7.57 -7.19
C GLY E 246 20.04 -8.57 -8.30
N GLN E 247 19.58 -8.21 -9.50
CA GLN E 247 19.64 -9.10 -10.66
C GLN E 247 20.82 -8.85 -11.59
N VAL E 248 21.29 -9.91 -12.23
CA VAL E 248 22.38 -9.83 -13.21
C VAL E 248 21.75 -10.31 -14.51
N MET E 249 21.38 -9.37 -15.38
CA MET E 249 20.72 -9.70 -16.64
C MET E 249 21.65 -9.80 -17.84
N LEU E 250 21.54 -10.93 -18.54
CA LEU E 250 22.35 -11.21 -19.72
C LEU E 250 21.85 -10.63 -21.04
N VAL E 251 22.74 -9.90 -21.71
CA VAL E 251 22.46 -9.31 -23.02
C VAL E 251 23.61 -9.79 -23.88
N ASP E 252 23.65 -11.08 -24.09
CA ASP E 252 24.72 -11.72 -24.85
C ASP E 252 24.25 -12.30 -26.18
N GLY E 253 23.02 -11.95 -26.57
CA GLY E 253 22.50 -12.45 -27.83
C GLY E 253 22.30 -13.96 -27.81
N GLY E 254 22.32 -14.55 -26.62
CA GLY E 254 22.14 -15.98 -26.50
C GLY E 254 23.42 -16.80 -26.41
N MET E 255 24.04 -16.81 -25.24
CA MET E 255 25.27 -17.56 -25.02
C MET E 255 25.15 -18.37 -23.73
N LEU E 256 24.64 -17.72 -22.69
CA LEU E 256 24.41 -18.34 -21.38
C LEU E 256 22.97 -18.05 -21.00
N TYR E 257 22.33 -19.00 -20.31
CA TYR E 257 20.93 -18.80 -19.97
C TYR E 257 20.62 -18.79 -18.47
N ASN E 258 21.59 -19.24 -17.68
CA ASN E 258 21.45 -19.25 -16.23
C ASN E 258 20.26 -20.09 -15.77
N SER F 2 49.96 -44.46 1.34
CA SER F 2 48.50 -44.10 1.20
C SER F 2 48.36 -42.83 0.37
N LYS F 3 47.13 -42.55 -0.04
CA LYS F 3 46.79 -41.35 -0.80
C LYS F 3 47.12 -40.16 0.11
N VAL F 4 47.49 -39.03 -0.47
CA VAL F 4 47.83 -37.87 0.34
C VAL F 4 47.00 -36.62 0.07
N ALA F 5 46.53 -35.99 1.15
CA ALA F 5 45.73 -34.80 1.00
C ALA F 5 46.13 -33.72 2.00
N MET F 6 46.20 -32.48 1.54
CA MET F 6 46.53 -31.35 2.39
C MET F 6 45.22 -30.61 2.64
N VAL F 7 44.99 -30.23 3.89
CA VAL F 7 43.77 -29.50 4.23
C VAL F 7 44.20 -28.18 4.88
N THR F 8 44.11 -27.09 4.14
CA THR F 8 44.48 -25.79 4.70
C THR F 8 43.39 -25.42 5.70
N GLY F 9 43.77 -24.65 6.73
CA GLY F 9 42.81 -24.29 7.75
C GLY F 9 42.34 -25.54 8.49
N GLY F 10 43.19 -26.56 8.49
CA GLY F 10 42.84 -27.81 9.14
C GLY F 10 43.00 -27.91 10.64
N ALA F 11 43.50 -26.85 11.26
CA ALA F 11 43.70 -26.84 12.70
C ALA F 11 42.39 -26.93 13.49
N GLN F 12 41.29 -26.50 12.88
CA GLN F 12 40.01 -26.53 13.60
C GLN F 12 38.80 -26.47 12.68
N GLY F 13 37.62 -26.45 13.28
CA GLY F 13 36.37 -26.37 12.53
C GLY F 13 36.19 -27.34 11.37
N ILE F 14 35.72 -26.81 10.26
CA ILE F 14 35.46 -27.61 9.07
C ILE F 14 36.74 -28.30 8.59
N GLY F 15 37.85 -27.56 8.61
CA GLY F 15 39.12 -28.12 8.18
C GLY F 15 39.47 -29.36 9.00
N ARG F 16 39.21 -29.29 10.29
CA ARG F 16 39.49 -30.43 11.16
C ARG F 16 38.55 -31.58 10.81
N GLY F 17 37.27 -31.27 10.65
CA GLY F 17 36.30 -32.30 10.32
C GLY F 17 36.68 -32.99 9.02
N ILE F 18 37.04 -32.20 8.02
CA ILE F 18 37.45 -32.77 6.74
C ILE F 18 38.66 -33.68 6.93
N SER F 19 39.65 -33.20 7.69
CA SER F 19 40.87 -33.97 7.94
C SER F 19 40.60 -35.33 8.57
N GLU F 20 39.72 -35.37 9.56
CA GLU F 20 39.41 -36.63 10.22
C GLU F 20 38.70 -37.57 9.27
N LYS F 21 37.78 -37.02 8.48
CA LYS F 21 37.03 -37.81 7.53
C LYS F 21 37.95 -38.38 6.46
N LEU F 22 38.79 -37.53 5.87
CA LEU F 22 39.69 -38.00 4.84
C LEU F 22 40.63 -39.06 5.39
N ALA F 23 41.06 -38.92 6.64
CA ALA F 23 41.94 -39.90 7.26
C ALA F 23 41.18 -41.23 7.33
N ALA F 24 39.91 -41.14 7.72
CA ALA F 24 39.06 -42.31 7.82
C ALA F 24 38.90 -42.98 6.46
N ASP F 25 38.90 -42.17 5.39
CA ASP F 25 38.77 -42.69 4.03
C ASP F 25 40.05 -43.33 3.51
N GLY F 26 41.17 -43.16 4.23
CA GLY F 26 42.42 -43.73 3.79
C GLY F 26 43.52 -42.76 3.42
N PHE F 27 43.29 -41.46 3.56
CA PHE F 27 44.33 -40.47 3.23
C PHE F 27 45.27 -40.16 4.37
N ASP F 28 46.53 -39.90 4.04
CA ASP F 28 47.49 -39.43 5.04
C ASP F 28 47.18 -37.94 4.95
N ILE F 29 47.32 -37.19 6.02
CA ILE F 29 46.97 -35.77 5.96
C ILE F 29 48.03 -34.74 6.34
N ALA F 30 48.11 -33.68 5.54
CA ALA F 30 49.00 -32.57 5.80
C ALA F 30 48.07 -31.48 6.34
N VAL F 31 48.13 -31.21 7.65
CA VAL F 31 47.30 -30.18 8.25
C VAL F 31 48.07 -28.87 8.09
N ALA F 32 47.63 -28.02 7.17
CA ALA F 32 48.30 -26.76 6.92
C ALA F 32 47.50 -25.61 7.50
N ASP F 33 48.14 -24.85 8.38
CA ASP F 33 47.48 -23.74 9.04
C ASP F 33 48.56 -22.80 9.54
N LEU F 34 48.15 -21.64 10.04
CA LEU F 34 49.08 -20.66 10.57
C LEU F 34 49.92 -21.29 11.67
N PRO F 35 51.21 -20.95 11.73
CA PRO F 35 52.11 -21.50 12.76
C PRO F 35 51.49 -21.42 14.16
N GLN F 36 50.89 -20.28 14.48
CA GLN F 36 50.26 -20.05 15.78
C GLN F 36 49.21 -21.10 16.11
N GLN F 37 48.65 -21.75 15.08
CA GLN F 37 47.62 -22.76 15.25
C GLN F 37 48.11 -24.20 15.43
N GLU F 38 49.42 -24.40 15.49
CA GLU F 38 49.93 -25.76 15.65
C GLU F 38 49.36 -26.46 16.87
N GLU F 39 49.34 -25.77 18.01
CA GLU F 39 48.80 -26.35 19.24
C GLU F 39 47.34 -26.76 19.05
N GLN F 40 46.57 -25.91 18.40
CA GLN F 40 45.16 -26.18 18.16
C GLN F 40 45.03 -27.40 17.25
N ALA F 41 45.96 -27.52 16.30
CA ALA F 41 45.97 -28.63 15.35
C ALA F 41 46.33 -29.96 16.00
N ALA F 42 46.82 -29.92 17.24
CA ALA F 42 47.19 -31.14 17.94
C ALA F 42 46.01 -32.11 17.94
N GLU F 43 44.81 -31.58 18.18
CA GLU F 43 43.62 -32.41 18.18
C GLU F 43 43.40 -33.04 16.81
N THR F 44 43.41 -32.22 15.76
CA THR F 44 43.23 -32.72 14.40
C THR F 44 44.18 -33.88 14.14
N ILE F 45 45.44 -33.70 14.49
CA ILE F 45 46.47 -34.74 14.29
C ILE F 45 46.17 -36.01 15.08
N LYS F 46 45.61 -35.85 16.27
CA LYS F 46 45.26 -36.99 17.10
C LYS F 46 44.14 -37.76 16.41
N LEU F 47 43.16 -37.03 15.88
CA LEU F 47 42.04 -37.64 15.17
C LEU F 47 42.51 -38.40 13.93
N ILE F 48 43.49 -37.83 13.22
CA ILE F 48 43.99 -38.48 12.02
C ILE F 48 44.74 -39.76 12.37
N GLU F 49 45.62 -39.67 13.35
CA GLU F 49 46.41 -40.82 13.78
C GLU F 49 45.56 -41.92 14.40
N ALA F 50 44.36 -41.57 14.85
CA ALA F 50 43.46 -42.55 15.44
C ALA F 50 42.90 -43.44 14.33
N ALA F 51 42.96 -42.96 13.11
CA ALA F 51 42.46 -43.72 11.96
C ALA F 51 43.61 -44.49 11.30
N ASP F 52 44.73 -44.61 12.01
CA ASP F 52 45.91 -45.30 11.50
C ASP F 52 46.44 -44.68 10.21
N GLN F 53 46.51 -43.35 10.18
CA GLN F 53 47.02 -42.65 9.02
C GLN F 53 48.10 -41.70 9.53
N LYS F 54 48.94 -41.23 8.61
CA LYS F 54 50.01 -40.29 8.93
C LYS F 54 49.45 -38.87 8.86
N ALA F 55 49.85 -38.02 9.81
CA ALA F 55 49.41 -36.65 9.83
C ALA F 55 50.63 -35.80 10.18
N VAL F 56 50.76 -34.66 9.51
CA VAL F 56 51.86 -33.76 9.76
C VAL F 56 51.36 -32.32 9.71
N PHE F 57 51.81 -31.49 10.65
CA PHE F 57 51.41 -30.10 10.65
C PHE F 57 52.36 -29.33 9.72
N VAL F 58 51.79 -28.46 8.89
CA VAL F 58 52.61 -27.68 7.99
C VAL F 58 52.28 -26.19 8.17
N GLY F 59 53.26 -25.45 8.69
CA GLY F 59 53.05 -24.03 8.90
C GLY F 59 52.80 -23.33 7.58
N LEU F 60 51.66 -22.68 7.46
CA LEU F 60 51.33 -21.98 6.22
C LEU F 60 50.33 -20.84 6.37
N ASP F 61 50.67 -19.71 5.78
CA ASP F 61 49.78 -18.56 5.75
C ASP F 61 49.44 -18.57 4.26
N VAL F 62 48.25 -19.06 3.94
CA VAL F 62 47.84 -19.17 2.53
C VAL F 62 47.90 -17.89 1.71
N THR F 63 48.09 -16.74 2.34
CA THR F 63 48.16 -15.48 1.59
C THR F 63 49.57 -15.28 1.03
N ASP F 64 50.49 -16.15 1.45
CA ASP F 64 51.90 -16.09 1.04
C ASP F 64 52.14 -17.16 -0.02
N LYS F 65 52.24 -16.74 -1.29
CA LYS F 65 52.47 -17.68 -2.39
C LYS F 65 53.70 -18.54 -2.17
N ALA F 66 54.82 -17.92 -1.81
CA ALA F 66 56.05 -18.66 -1.58
C ALA F 66 55.83 -19.72 -0.52
N ASN F 67 55.13 -19.37 0.55
CA ASN F 67 54.86 -20.29 1.63
C ASN F 67 54.01 -21.45 1.14
N PHE F 68 53.05 -21.17 0.26
CA PHE F 68 52.20 -22.24 -0.26
C PHE F 68 53.00 -23.24 -1.12
N ASP F 69 53.90 -22.73 -1.96
CA ASP F 69 54.70 -23.63 -2.78
C ASP F 69 55.59 -24.50 -1.91
N SER F 70 56.22 -23.90 -0.90
CA SER F 70 57.08 -24.67 -0.01
C SER F 70 56.26 -25.62 0.85
N ALA F 71 55.07 -25.16 1.27
CA ALA F 71 54.20 -25.99 2.10
C ALA F 71 53.82 -27.26 1.36
N ILE F 72 53.45 -27.12 0.09
CA ILE F 72 53.06 -28.29 -0.68
C ILE F 72 54.28 -29.18 -0.96
N ASP F 73 55.47 -28.60 -1.09
CA ASP F 73 56.67 -29.42 -1.30
C ASP F 73 56.93 -30.23 -0.04
N GLU F 74 56.85 -29.57 1.11
CA GLU F 74 57.08 -30.23 2.40
C GLU F 74 56.07 -31.36 2.64
N ALA F 75 54.80 -31.10 2.32
CA ALA F 75 53.76 -32.10 2.50
C ALA F 75 54.04 -33.31 1.62
N ALA F 76 54.35 -33.07 0.36
CA ALA F 76 54.62 -34.15 -0.58
C ALA F 76 55.84 -34.97 -0.13
N GLU F 77 56.87 -34.29 0.36
CA GLU F 77 58.08 -34.98 0.79
C GLU F 77 57.91 -35.77 2.08
N LYS F 78 57.21 -35.19 3.04
CA LYS F 78 56.98 -35.84 4.32
C LYS F 78 56.02 -37.04 4.24
N LEU F 79 54.99 -36.91 3.42
CA LEU F 79 54.00 -37.96 3.29
C LEU F 79 54.22 -38.91 2.12
N GLY F 80 55.15 -38.56 1.24
CA GLY F 80 55.48 -39.41 0.09
C GLY F 80 54.47 -39.38 -1.05
N GLY F 81 53.79 -38.26 -1.22
CA GLY F 81 52.81 -38.14 -2.28
C GLY F 81 51.96 -36.89 -2.11
N PHE F 82 51.12 -36.60 -3.10
CA PHE F 82 50.25 -35.43 -3.06
C PHE F 82 49.15 -35.64 -4.11
N ASP F 83 47.96 -35.99 -3.65
CA ASP F 83 46.84 -36.28 -4.56
C ASP F 83 45.66 -35.33 -4.47
N VAL F 84 45.51 -34.69 -3.31
CA VAL F 84 44.38 -33.77 -3.11
C VAL F 84 44.77 -32.53 -2.31
N LEU F 85 44.17 -31.40 -2.68
CA LEU F 85 44.37 -30.14 -1.97
C LEU F 85 42.99 -29.58 -1.64
N VAL F 86 42.73 -29.33 -0.36
CA VAL F 86 41.46 -28.75 0.04
C VAL F 86 41.76 -27.32 0.47
N ASN F 87 41.37 -26.35 -0.35
CA ASN F 87 41.58 -24.95 0.01
C ASN F 87 40.44 -24.54 0.93
N ASN F 88 40.60 -24.90 2.20
CA ASN F 88 39.60 -24.64 3.23
C ASN F 88 39.83 -23.34 4.01
N ALA F 89 41.10 -22.97 4.19
CA ALA F 89 41.43 -21.76 4.94
C ALA F 89 40.65 -20.54 4.45
N GLY F 90 40.12 -19.77 5.41
CA GLY F 90 39.36 -18.59 5.07
C GLY F 90 38.92 -17.83 6.31
N ILE F 91 38.43 -16.61 6.11
CA ILE F 91 37.98 -15.79 7.22
C ILE F 91 36.65 -15.16 6.85
N ALA F 92 35.94 -14.67 7.85
CA ALA F 92 34.68 -14.00 7.63
C ALA F 92 34.84 -12.56 8.11
N GLN F 93 34.00 -11.69 7.58
CA GLN F 93 33.95 -10.29 8.00
C GLN F 93 32.47 -10.00 8.10
N ILE F 94 32.10 -9.19 9.09
CA ILE F 94 30.72 -8.81 9.30
C ILE F 94 30.73 -7.29 9.43
N LYS F 95 30.12 -6.61 8.48
CA LYS F 95 30.10 -5.16 8.49
C LYS F 95 29.16 -4.63 7.42
N PRO F 96 28.37 -3.59 7.76
CA PRO F 96 27.43 -3.01 6.79
C PRO F 96 28.18 -2.58 5.54
N LEU F 97 27.59 -2.84 4.38
CA LEU F 97 28.22 -2.50 3.11
C LEU F 97 28.77 -1.08 3.05
N LEU F 98 28.08 -0.13 3.66
CA LEU F 98 28.50 1.27 3.65
C LEU F 98 29.72 1.57 4.52
N GLU F 99 30.11 0.60 5.34
CA GLU F 99 31.27 0.77 6.23
C GLU F 99 32.53 -0.01 5.81
N VAL F 100 32.40 -0.87 4.81
CA VAL F 100 33.52 -1.66 4.33
C VAL F 100 34.65 -0.77 3.83
N THR F 101 35.87 -1.04 4.26
CA THR F 101 37.04 -0.25 3.86
C THR F 101 37.91 -0.95 2.84
N GLU F 102 38.81 -0.19 2.21
CA GLU F 102 39.72 -0.77 1.22
C GLU F 102 40.63 -1.76 1.92
N GLU F 103 40.94 -1.49 3.19
CA GLU F 103 41.79 -2.38 3.98
C GLU F 103 41.06 -3.69 4.25
N ASP F 104 39.76 -3.60 4.59
CA ASP F 104 38.95 -4.78 4.85
C ASP F 104 39.01 -5.67 3.60
N LEU F 105 38.73 -5.05 2.46
CA LEU F 105 38.73 -5.73 1.16
C LEU F 105 40.06 -6.37 0.79
N LYS F 106 41.15 -5.64 0.94
CA LYS F 106 42.45 -6.19 0.59
C LYS F 106 42.77 -7.42 1.44
N GLN F 107 42.42 -7.37 2.72
CA GLN F 107 42.68 -8.48 3.62
C GLN F 107 41.83 -9.70 3.31
N ILE F 108 40.52 -9.52 3.22
CA ILE F 108 39.66 -10.67 2.97
C ILE F 108 39.86 -11.26 1.56
N TYR F 109 40.20 -10.42 0.59
CA TYR F 109 40.43 -10.97 -0.74
C TYR F 109 41.73 -11.74 -0.79
N SER F 110 42.70 -11.31 0.00
CA SER F 110 43.99 -11.99 0.04
C SER F 110 43.82 -13.40 0.61
N VAL F 111 43.15 -13.49 1.76
CA VAL F 111 42.95 -14.78 2.40
C VAL F 111 41.92 -15.70 1.76
N ASN F 112 40.81 -15.14 1.28
CA ASN F 112 39.75 -15.96 0.71
C ASN F 112 39.81 -16.21 -0.79
N VAL F 113 40.56 -15.40 -1.52
CA VAL F 113 40.63 -15.57 -2.97
C VAL F 113 42.04 -15.79 -3.55
N PHE F 114 42.95 -14.85 -3.31
CA PHE F 114 44.30 -14.96 -3.85
C PHE F 114 44.96 -16.26 -3.40
N SER F 115 44.68 -16.65 -2.16
CA SER F 115 45.23 -17.88 -1.59
C SER F 115 44.82 -19.11 -2.41
N VAL F 116 43.63 -19.05 -2.99
CA VAL F 116 43.12 -20.17 -3.77
C VAL F 116 43.84 -20.26 -5.11
N PHE F 117 44.17 -19.12 -5.70
CA PHE F 117 44.94 -19.13 -6.95
C PHE F 117 46.27 -19.79 -6.62
N PHE F 118 46.92 -19.30 -5.56
CA PHE F 118 48.22 -19.81 -5.13
C PHE F 118 48.19 -21.31 -4.87
N GLY F 119 47.17 -21.76 -4.15
CA GLY F 119 47.05 -23.18 -3.85
C GLY F 119 46.83 -24.01 -5.10
N ILE F 120 46.01 -23.51 -6.00
CA ILE F 120 45.73 -24.22 -7.25
C ILE F 120 47.01 -24.33 -8.09
N GLN F 121 47.77 -23.24 -8.16
CA GLN F 121 49.00 -23.23 -8.93
C GLN F 121 50.00 -24.23 -8.37
N ALA F 122 50.20 -24.20 -7.06
CA ALA F 122 51.16 -25.10 -6.41
C ALA F 122 50.72 -26.57 -6.48
N ALA F 123 49.42 -26.80 -6.37
CA ALA F 123 48.88 -28.16 -6.43
C ALA F 123 49.05 -28.73 -7.84
N SER F 124 48.75 -27.91 -8.84
CA SER F 124 48.86 -28.31 -10.24
C SER F 124 50.29 -28.75 -10.55
N ARG F 125 51.26 -27.98 -10.07
CA ARG F 125 52.66 -28.28 -10.30
C ARG F 125 53.13 -29.54 -9.58
N LYS F 126 52.61 -29.80 -8.38
CA LYS F 126 53.01 -30.99 -7.64
C LYS F 126 52.40 -32.24 -8.27
N PHE F 127 51.15 -32.12 -8.72
CA PHE F 127 50.48 -33.23 -9.39
C PHE F 127 51.32 -33.60 -10.62
N ASP F 128 51.64 -32.59 -11.42
CA ASP F 128 52.42 -32.80 -12.64
C ASP F 128 53.79 -33.40 -12.33
N GLU F 129 54.50 -32.82 -11.38
CA GLU F 129 55.81 -33.34 -11.00
C GLU F 129 55.75 -34.83 -10.65
N LEU F 130 54.69 -35.23 -9.93
CA LEU F 130 54.51 -36.61 -9.53
C LEU F 130 53.86 -37.46 -10.62
N GLY F 131 53.45 -36.81 -11.71
CA GLY F 131 52.82 -37.53 -12.81
C GLY F 131 51.47 -38.14 -12.47
N VAL F 132 50.72 -37.50 -11.59
CA VAL F 132 49.40 -38.00 -11.21
C VAL F 132 48.31 -37.00 -11.54
N LYS F 133 47.07 -37.48 -11.55
CA LYS F 133 45.91 -36.62 -11.80
C LYS F 133 45.40 -36.27 -10.40
N GLY F 134 45.41 -35.00 -10.06
CA GLY F 134 44.98 -34.59 -8.75
C GLY F 134 43.57 -34.01 -8.63
N LYS F 135 43.15 -33.81 -7.39
CA LYS F 135 41.84 -33.24 -7.08
C LYS F 135 42.00 -32.02 -6.18
N ILE F 136 41.46 -30.90 -6.63
CA ILE F 136 41.51 -29.66 -5.85
C ILE F 136 40.08 -29.41 -5.40
N ILE F 137 39.90 -29.13 -4.11
CA ILE F 137 38.59 -28.91 -3.53
C ILE F 137 38.58 -27.58 -2.77
N ASN F 138 37.77 -26.64 -3.22
CA ASN F 138 37.70 -25.31 -2.61
C ASN F 138 36.49 -25.07 -1.69
N ALA F 139 36.72 -24.30 -0.63
CA ALA F 139 35.66 -23.98 0.31
C ALA F 139 34.82 -22.79 -0.20
N ALA F 140 33.66 -23.08 -0.75
CA ALA F 140 32.77 -22.02 -1.20
C ALA F 140 31.82 -21.78 -0.02
N SER F 141 30.55 -21.48 -0.29
CA SER F 141 29.58 -21.21 0.77
C SER F 141 28.24 -20.84 0.16
N ILE F 142 27.18 -20.89 0.97
CA ILE F 142 25.87 -20.50 0.48
C ILE F 142 25.99 -19.03 0.05
N ALA F 143 26.91 -18.31 0.69
CA ALA F 143 27.16 -16.91 0.38
C ALA F 143 27.83 -16.74 -0.99
N ALA F 144 28.14 -17.87 -1.62
CA ALA F 144 28.76 -17.87 -2.95
C ALA F 144 27.65 -18.04 -3.98
N ILE F 145 26.48 -18.47 -3.51
CA ILE F 145 25.34 -18.68 -4.39
C ILE F 145 24.35 -17.51 -4.26
N GLN F 146 24.25 -16.97 -3.04
CA GLN F 146 23.40 -15.81 -2.81
C GLN F 146 24.12 -14.86 -1.87
N GLY F 147 24.42 -13.66 -2.36
CA GLY F 147 25.11 -12.70 -1.52
C GLY F 147 24.27 -12.41 -0.30
N PHE F 148 24.91 -12.23 0.84
CA PHE F 148 24.18 -11.93 2.07
C PHE F 148 24.48 -10.54 2.61
N PRO F 149 23.43 -9.83 3.04
CA PRO F 149 23.57 -8.48 3.59
C PRO F 149 24.42 -8.55 4.85
N ILE F 150 25.15 -7.46 5.10
CA ILE F 150 26.03 -7.32 6.26
C ILE F 150 27.29 -8.17 6.10
N LEU F 151 27.29 -9.07 5.10
CA LEU F 151 28.46 -9.90 4.84
C LEU F 151 28.80 -9.80 3.36
N SER F 152 28.66 -8.60 2.82
CA SER F 152 28.93 -8.35 1.42
C SER F 152 30.35 -8.71 1.02
N ALA F 153 31.34 -8.15 1.70
CA ALA F 153 32.75 -8.43 1.40
C ALA F 153 32.97 -9.93 1.33
N TYR F 154 32.57 -10.63 2.39
CA TYR F 154 32.72 -12.07 2.47
C TYR F 154 32.03 -12.77 1.30
N SER F 155 30.78 -12.39 1.05
CA SER F 155 30.02 -12.99 -0.03
C SER F 155 30.72 -12.83 -1.37
N THR F 156 31.24 -11.63 -1.63
CA THR F 156 31.92 -11.39 -2.89
C THR F 156 33.19 -12.24 -3.06
N THR F 157 33.87 -12.57 -1.96
CA THR F 157 35.07 -13.41 -2.08
C THR F 157 34.65 -14.84 -2.41
N LYS F 158 33.54 -15.27 -1.83
CA LYS F 158 33.06 -16.63 -2.08
C LYS F 158 32.52 -16.78 -3.50
N PHE F 159 31.93 -15.71 -4.02
CA PHE F 159 31.44 -15.71 -5.40
C PHE F 159 32.68 -15.84 -6.28
N ALA F 160 33.76 -15.18 -5.88
CA ALA F 160 35.01 -15.22 -6.63
C ALA F 160 35.56 -16.63 -6.66
N VAL F 161 35.48 -17.32 -5.52
CA VAL F 161 35.95 -18.70 -5.42
C VAL F 161 35.13 -19.58 -6.36
N ARG F 162 33.83 -19.33 -6.40
CA ARG F 162 32.91 -20.07 -7.26
C ARG F 162 33.39 -19.94 -8.71
N GLY F 163 33.65 -18.71 -9.13
CA GLY F 163 34.10 -18.48 -10.49
C GLY F 163 35.47 -19.10 -10.76
N LEU F 164 36.36 -19.00 -9.79
CA LEU F 164 37.71 -19.56 -9.93
C LEU F 164 37.62 -21.06 -10.15
N THR F 165 36.77 -21.70 -9.35
CA THR F 165 36.58 -23.13 -9.44
C THR F 165 36.16 -23.56 -10.85
N GLN F 166 35.28 -22.80 -11.47
CA GLN F 166 34.83 -23.12 -12.82
C GLN F 166 35.95 -22.90 -13.84
N ALA F 167 36.61 -21.75 -13.74
CA ALA F 167 37.69 -21.41 -14.66
C ALA F 167 38.88 -22.37 -14.54
N ALA F 168 39.28 -22.66 -13.30
CA ALA F 168 40.39 -23.57 -13.05
C ALA F 168 40.10 -24.97 -13.55
N ALA F 169 38.87 -25.44 -13.34
CA ALA F 169 38.48 -26.78 -13.78
C ALA F 169 38.69 -26.93 -15.29
N GLN F 170 38.26 -25.94 -16.06
CA GLN F 170 38.38 -25.96 -17.50
C GLN F 170 39.83 -25.87 -17.98
N GLU F 171 40.64 -25.07 -17.30
CA GLU F 171 42.03 -24.92 -17.71
C GLU F 171 42.89 -26.13 -17.36
N LEU F 172 42.57 -26.80 -16.26
CA LEU F 172 43.34 -27.95 -15.84
C LEU F 172 42.77 -29.27 -16.32
N ALA F 173 41.57 -29.25 -16.90
CA ALA F 173 40.94 -30.49 -17.37
C ALA F 173 41.85 -31.27 -18.32
N PRO F 174 42.45 -30.60 -19.32
CA PRO F 174 43.32 -31.36 -20.23
C PRO F 174 44.41 -32.19 -19.53
N LYS F 175 44.88 -31.71 -18.38
CA LYS F 175 45.91 -32.42 -17.62
C LYS F 175 45.27 -33.56 -16.80
N GLY F 176 43.95 -33.56 -16.72
CA GLY F 176 43.26 -34.60 -15.97
C GLY F 176 42.92 -34.22 -14.54
N HIS F 177 43.29 -33.00 -14.14
CA HIS F 177 43.01 -32.54 -12.78
C HIS F 177 41.61 -31.93 -12.71
N THR F 178 40.94 -32.13 -11.59
CA THR F 178 39.61 -31.58 -11.41
C THR F 178 39.60 -30.54 -10.30
N VAL F 179 38.68 -29.59 -10.41
CA VAL F 179 38.54 -28.53 -9.43
C VAL F 179 37.04 -28.38 -9.12
N ASN F 180 36.68 -28.57 -7.86
CA ASN F 180 35.29 -28.45 -7.42
C ASN F 180 35.27 -27.71 -6.11
N ALA F 181 34.09 -27.44 -5.60
CA ALA F 181 33.97 -26.74 -4.34
C ALA F 181 32.75 -27.18 -3.53
N TYR F 182 32.84 -27.00 -2.22
CA TYR F 182 31.74 -27.35 -1.32
C TYR F 182 31.19 -26.05 -0.76
N ALA F 183 29.87 -25.97 -0.64
CA ALA F 183 29.23 -24.78 -0.12
C ALA F 183 28.44 -25.12 1.14
N PRO F 184 29.05 -24.94 2.32
CA PRO F 184 28.37 -25.25 3.58
C PRO F 184 27.27 -24.22 3.86
N GLY F 185 26.37 -24.54 4.78
CA GLY F 185 25.29 -23.62 5.10
C GLY F 185 25.66 -22.81 6.32
N ILE F 186 25.07 -23.17 7.46
CA ILE F 186 25.35 -22.51 8.74
C ILE F 186 26.01 -23.59 9.59
N VAL F 187 27.32 -23.47 9.76
CA VAL F 187 28.08 -24.46 10.53
C VAL F 187 28.57 -23.85 11.84
N GLY F 188 28.22 -24.51 12.94
CA GLY F 188 28.63 -24.02 14.24
C GLY F 188 30.10 -24.21 14.53
N THR F 189 30.92 -23.27 14.05
CA THR F 189 32.35 -23.33 14.27
C THR F 189 32.72 -21.99 14.87
N GLY F 190 34.01 -21.77 15.09
CA GLY F 190 34.46 -20.51 15.63
C GLY F 190 34.11 -19.36 14.71
N MET F 191 33.99 -19.64 13.42
CA MET F 191 33.64 -18.58 12.47
C MET F 191 32.24 -18.05 12.73
N TRP F 192 31.29 -18.93 13.04
CA TRP F 192 29.94 -18.47 13.30
C TRP F 192 29.82 -17.88 14.71
N GLU F 193 30.71 -18.29 15.60
CA GLU F 193 30.71 -17.74 16.95
C GLU F 193 31.03 -16.27 16.72
N GLN F 194 31.92 -16.02 15.77
CA GLN F 194 32.35 -14.67 15.40
C GLN F 194 31.20 -13.90 14.75
N ILE F 195 30.58 -14.50 13.74
CA ILE F 195 29.49 -13.86 13.03
C ILE F 195 28.33 -13.55 14.00
N ASP F 196 27.97 -14.51 14.84
CA ASP F 196 26.88 -14.29 15.78
C ASP F 196 27.18 -13.10 16.70
N ALA F 197 28.40 -13.08 17.25
CA ALA F 197 28.81 -12.00 18.14
C ALA F 197 28.81 -10.65 17.43
N GLU F 198 29.33 -10.61 16.20
CA GLU F 198 29.37 -9.34 15.46
C GLU F 198 27.97 -8.87 15.08
N LEU F 199 27.10 -9.80 14.71
CA LEU F 199 25.73 -9.46 14.35
C LEU F 199 25.06 -8.90 15.61
N SER F 200 25.35 -9.54 16.74
CA SER F 200 24.79 -9.13 18.03
C SER F 200 25.09 -7.67 18.35
N LYS F 201 26.34 -7.26 18.15
CA LYS F 201 26.74 -5.89 18.41
C LYS F 201 26.00 -4.92 17.49
N ILE F 202 25.43 -5.44 16.40
CA ILE F 202 24.71 -4.62 15.43
C ILE F 202 23.21 -4.55 15.68
N ASN F 203 22.52 -5.69 15.63
CA ASN F 203 21.08 -5.70 15.84
C ASN F 203 20.66 -5.87 17.29
N GLY F 204 21.64 -5.86 18.19
CA GLY F 204 21.36 -5.99 19.61
C GLY F 204 20.78 -7.29 20.13
N LYS F 205 20.55 -8.26 19.23
CA LYS F 205 20.00 -9.53 19.67
C LYS F 205 20.96 -10.22 20.62
N PRO F 206 20.43 -10.99 21.60
CA PRO F 206 21.30 -11.68 22.55
C PRO F 206 22.22 -12.71 21.89
N ILE F 207 23.21 -13.18 22.66
CA ILE F 207 24.18 -14.16 22.17
C ILE F 207 23.57 -15.46 21.66
N GLY F 208 24.00 -15.88 20.48
CA GLY F 208 23.52 -17.10 19.87
C GLY F 208 22.15 -17.02 19.21
N GLU F 209 21.50 -15.87 19.32
CA GLU F 209 20.18 -15.73 18.70
C GLU F 209 20.28 -15.52 17.20
N ASN F 210 21.33 -14.85 16.74
CA ASN F 210 21.52 -14.63 15.32
C ASN F 210 21.79 -15.96 14.62
N PHE F 211 22.61 -16.78 15.26
CA PHE F 211 22.94 -18.11 14.74
C PHE F 211 21.64 -18.88 14.56
N LYS F 212 20.83 -18.92 15.63
CA LYS F 212 19.55 -19.63 15.57
C LYS F 212 18.64 -19.05 14.52
N GLU F 213 18.59 -17.73 14.40
CA GLU F 213 17.72 -17.08 13.41
C GLU F 213 18.16 -17.41 11.98
N TYR F 214 19.48 -17.35 11.73
CA TYR F 214 19.99 -17.67 10.40
C TYR F 214 19.79 -19.15 10.04
N SER F 215 19.63 -20.00 11.06
CA SER F 215 19.44 -21.44 10.84
C SER F 215 17.97 -21.84 10.77
N SER F 216 17.09 -20.90 11.13
CA SER F 216 15.65 -21.16 11.14
C SER F 216 15.07 -21.73 9.86
N SER F 217 15.55 -21.28 8.71
CA SER F 217 15.03 -21.74 7.43
C SER F 217 15.64 -23.03 6.87
N ILE F 218 16.55 -23.67 7.60
CA ILE F 218 17.18 -24.89 7.08
C ILE F 218 16.15 -26.01 7.01
N ALA F 219 15.90 -26.49 5.79
CA ALA F 219 14.91 -27.54 5.55
C ALA F 219 15.02 -28.75 6.48
N LEU F 220 16.22 -29.28 6.64
CA LEU F 220 16.41 -30.44 7.49
C LEU F 220 16.25 -30.18 8.98
N GLY F 221 15.93 -28.93 9.33
CA GLY F 221 15.68 -28.57 10.73
C GLY F 221 16.78 -28.43 11.76
N ARG F 222 18.04 -28.39 11.34
CA ARG F 222 19.11 -28.24 12.31
C ARG F 222 20.32 -27.58 11.71
N PRO F 223 21.11 -26.88 12.53
CA PRO F 223 22.31 -26.21 12.02
C PRO F 223 23.32 -27.30 11.67
N SER F 224 24.38 -26.93 10.99
CA SER F 224 25.38 -27.88 10.56
C SER F 224 26.59 -28.03 11.48
N VAL F 225 27.26 -29.17 11.40
CA VAL F 225 28.48 -29.44 12.15
C VAL F 225 29.50 -29.90 11.10
N PRO F 226 30.80 -29.75 11.38
CA PRO F 226 31.86 -30.14 10.44
C PRO F 226 31.63 -31.46 9.69
N GLU F 227 31.20 -32.48 10.42
CA GLU F 227 30.94 -33.78 9.84
C GLU F 227 30.02 -33.72 8.61
N ASP F 228 29.01 -32.85 8.66
CA ASP F 228 28.07 -32.71 7.54
C ASP F 228 28.82 -32.34 6.26
N VAL F 229 29.71 -31.35 6.38
CA VAL F 229 30.50 -30.88 5.25
C VAL F 229 31.54 -31.91 4.81
N ALA F 230 32.15 -32.58 5.79
CA ALA F 230 33.14 -33.60 5.48
C ALA F 230 32.53 -34.69 4.62
N GLY F 231 31.22 -34.93 4.79
CA GLY F 231 30.55 -35.94 4.00
C GLY F 231 30.67 -35.68 2.51
N LEU F 232 30.46 -34.43 2.11
CA LEU F 232 30.57 -34.06 0.70
C LEU F 232 32.02 -34.04 0.24
N VAL F 233 32.90 -33.52 1.08
CA VAL F 233 34.30 -33.45 0.66
C VAL F 233 34.83 -34.87 0.46
N SER F 234 34.35 -35.82 1.26
CA SER F 234 34.77 -37.22 1.13
C SER F 234 34.54 -37.66 -0.31
N PHE F 235 33.34 -37.38 -0.82
CA PHE F 235 33.00 -37.72 -2.20
C PHE F 235 33.93 -37.00 -3.17
N LEU F 236 34.17 -35.72 -2.92
CA LEU F 236 35.02 -34.91 -3.78
C LEU F 236 36.49 -35.34 -3.78
N ALA F 237 36.91 -36.03 -2.73
CA ALA F 237 38.29 -36.51 -2.64
C ALA F 237 38.40 -37.93 -3.20
N SER F 238 37.26 -38.60 -3.34
CA SER F 238 37.21 -39.98 -3.82
C SER F 238 37.15 -40.13 -5.34
N GLU F 239 37.37 -41.37 -5.79
CA GLU F 239 37.34 -41.67 -7.22
C GLU F 239 35.91 -41.52 -7.75
N ASN F 240 34.93 -41.66 -6.87
CA ASN F 240 33.52 -41.54 -7.24
C ASN F 240 33.21 -40.22 -7.94
N SER F 241 34.00 -39.19 -7.65
CA SER F 241 33.79 -37.87 -8.24
C SER F 241 34.67 -37.57 -9.46
N ASN F 242 35.40 -38.57 -9.94
CA ASN F 242 36.28 -38.38 -11.09
C ASN F 242 35.67 -37.68 -12.31
N TYR F 243 34.38 -37.86 -12.54
CA TYR F 243 33.75 -37.23 -13.71
C TYR F 243 33.00 -35.95 -13.35
N VAL F 244 33.30 -35.40 -12.18
CA VAL F 244 32.69 -34.16 -11.72
C VAL F 244 33.78 -33.10 -11.66
N THR F 245 33.55 -31.94 -12.30
CA THR F 245 34.55 -30.89 -12.25
C THR F 245 33.95 -29.51 -12.46
N GLY F 246 34.55 -28.53 -11.82
CA GLY F 246 34.10 -27.15 -11.90
C GLY F 246 32.76 -26.88 -11.23
N GLN F 247 32.34 -27.78 -10.35
CA GLN F 247 31.05 -27.61 -9.68
C GLN F 247 31.13 -27.05 -8.26
N VAL F 248 30.07 -26.36 -7.86
CA VAL F 248 29.99 -25.83 -6.51
C VAL F 248 28.77 -26.55 -5.93
N MET F 249 29.03 -27.50 -5.05
CA MET F 249 27.96 -28.30 -4.48
C MET F 249 27.57 -27.88 -3.07
N LEU F 250 26.27 -27.62 -2.89
CA LEU F 250 25.71 -27.20 -1.61
C LEU F 250 25.46 -28.36 -0.63
N VAL F 251 25.98 -28.23 0.58
CA VAL F 251 25.78 -29.19 1.66
C VAL F 251 25.23 -28.28 2.73
N ASP F 252 24.01 -27.78 2.54
CA ASP F 252 23.46 -26.82 3.47
C ASP F 252 22.22 -27.23 4.24
N GLY F 253 21.81 -28.49 4.09
CA GLY F 253 20.64 -28.96 4.80
C GLY F 253 19.36 -28.44 4.19
N GLY F 254 19.49 -27.74 3.08
CA GLY F 254 18.33 -27.20 2.40
C GLY F 254 18.13 -25.74 2.74
N MET F 255 18.86 -24.88 2.04
CA MET F 255 18.76 -23.44 2.25
C MET F 255 18.67 -22.79 0.87
N LEU F 256 19.59 -23.17 -0.02
CA LEU F 256 19.61 -22.65 -1.37
C LEU F 256 19.59 -23.85 -2.31
N TYR F 257 19.03 -23.68 -3.49
CA TYR F 257 18.92 -24.79 -4.44
C TYR F 257 19.55 -24.53 -5.81
N ASN F 258 20.08 -23.34 -6.02
CA ASN F 258 20.75 -22.99 -7.27
C ASN F 258 19.90 -23.35 -8.49
N SER G 2 20.67 -56.02 4.89
CA SER G 2 21.34 -55.08 3.96
C SER G 2 20.40 -53.95 3.52
N LYS G 3 20.96 -52.75 3.36
CA LYS G 3 20.19 -51.59 2.92
C LYS G 3 19.58 -51.94 1.58
N VAL G 4 18.43 -51.35 1.26
CA VAL G 4 17.73 -51.64 0.02
C VAL G 4 17.46 -50.41 -0.84
N ALA G 5 17.77 -50.54 -2.13
CA ALA G 5 17.57 -49.46 -3.08
C ALA G 5 16.86 -49.94 -4.34
N MET G 6 15.90 -49.16 -4.82
CA MET G 6 15.20 -49.50 -6.05
C MET G 6 15.74 -48.57 -7.13
N VAL G 7 16.03 -49.14 -8.30
CA VAL G 7 16.53 -48.36 -9.43
C VAL G 7 15.60 -48.58 -10.62
N THR G 8 14.75 -47.60 -10.91
CA THR G 8 13.83 -47.72 -12.05
C THR G 8 14.67 -47.59 -13.31
N GLY G 9 14.25 -48.26 -14.38
CA GLY G 9 15.02 -48.21 -15.62
C GLY G 9 16.38 -48.86 -15.43
N GLY G 10 16.49 -49.73 -14.43
CA GLY G 10 17.75 -50.39 -14.15
C GLY G 10 18.13 -51.56 -15.06
N ALA G 11 17.28 -51.85 -16.03
CA ALA G 11 17.51 -52.96 -16.95
C ALA G 11 18.74 -52.74 -17.83
N GLN G 12 19.03 -51.48 -18.12
CA GLN G 12 20.17 -51.18 -18.99
C GLN G 12 20.69 -49.76 -18.77
N GLY G 13 21.74 -49.42 -19.51
CA GLY G 13 22.34 -48.10 -19.45
C GLY G 13 22.75 -47.58 -18.08
N ILE G 14 22.46 -46.31 -17.85
CA ILE G 14 22.80 -45.66 -16.58
C ILE G 14 22.19 -46.39 -15.40
N GLY G 15 20.94 -46.82 -15.53
CA GLY G 15 20.29 -47.54 -14.43
C GLY G 15 21.05 -48.80 -14.04
N ARG G 16 21.63 -49.49 -15.03
CA ARG G 16 22.38 -50.71 -14.75
C ARG G 16 23.67 -50.38 -14.01
N GLY G 17 24.39 -49.37 -14.50
CA GLY G 17 25.62 -48.99 -13.85
C GLY G 17 25.36 -48.59 -12.40
N ILE G 18 24.26 -47.88 -12.18
CA ILE G 18 23.89 -47.46 -10.83
C ILE G 18 23.61 -48.67 -9.96
N SER G 19 22.86 -49.63 -10.49
CA SER G 19 22.54 -50.84 -9.74
C SER G 19 23.82 -51.59 -9.36
N GLU G 20 24.72 -51.76 -10.31
CA GLU G 20 25.97 -52.46 -10.06
C GLU G 20 26.79 -51.79 -8.96
N LYS G 21 26.89 -50.46 -9.05
CA LYS G 21 27.66 -49.68 -8.09
C LYS G 21 27.03 -49.73 -6.70
N LEU G 22 25.73 -49.50 -6.63
CA LEU G 22 25.05 -49.53 -5.33
C LEU G 22 25.21 -50.92 -4.73
N ALA G 23 25.29 -51.94 -5.59
CA ALA G 23 25.48 -53.30 -5.12
C ALA G 23 26.85 -53.40 -4.48
N ALA G 24 27.87 -52.88 -5.17
CA ALA G 24 29.23 -52.92 -4.63
C ALA G 24 29.27 -52.12 -3.32
N ASP G 25 28.38 -51.12 -3.21
CA ASP G 25 28.34 -50.29 -2.01
C ASP G 25 27.69 -51.01 -0.83
N GLY G 26 27.01 -52.13 -1.09
CA GLY G 26 26.37 -52.86 -0.01
C GLY G 26 24.85 -52.96 -0.01
N PHE G 27 24.19 -52.38 -1.00
CA PHE G 27 22.72 -52.41 -1.07
C PHE G 27 22.21 -53.64 -1.82
N ASP G 28 21.03 -54.13 -1.45
CA ASP G 28 20.42 -55.22 -2.23
C ASP G 28 19.64 -54.36 -3.23
N ILE G 29 19.42 -54.86 -4.44
CA ILE G 29 18.78 -54.05 -5.47
C ILE G 29 17.49 -54.57 -6.11
N ALA G 30 16.51 -53.67 -6.21
CA ALA G 30 15.25 -54.01 -6.86
C ALA G 30 15.38 -53.36 -8.23
N VAL G 31 15.63 -54.18 -9.26
CA VAL G 31 15.77 -53.65 -10.61
C VAL G 31 14.39 -53.48 -11.23
N ALA G 32 13.87 -52.26 -11.14
CA ALA G 32 12.56 -51.93 -11.67
C ALA G 32 12.64 -51.45 -13.10
N ASP G 33 11.83 -52.04 -13.97
CA ASP G 33 11.80 -51.64 -15.37
C ASP G 33 10.56 -52.25 -16.03
N LEU G 34 10.35 -51.98 -17.31
CA LEU G 34 9.19 -52.52 -18.02
C LEU G 34 9.28 -54.05 -18.08
N PRO G 35 8.13 -54.73 -17.94
CA PRO G 35 8.06 -56.19 -17.98
C PRO G 35 8.87 -56.79 -19.13
N GLN G 36 8.77 -56.17 -20.30
CA GLN G 36 9.46 -56.62 -21.49
C GLN G 36 10.98 -56.61 -21.33
N GLN G 37 11.48 -55.77 -20.44
CA GLN G 37 12.92 -55.66 -20.21
C GLN G 37 13.48 -56.64 -19.21
N GLU G 38 12.66 -57.61 -18.79
CA GLU G 38 13.12 -58.60 -17.82
C GLU G 38 14.36 -59.36 -18.27
N GLU G 39 14.35 -59.83 -19.51
CA GLU G 39 15.49 -60.56 -20.05
C GLU G 39 16.74 -59.70 -20.06
N GLN G 40 16.60 -58.46 -20.49
CA GLN G 40 17.72 -57.52 -20.54
C GLN G 40 18.20 -57.27 -19.11
N ALA G 41 17.26 -57.05 -18.20
CA ALA G 41 17.58 -56.79 -16.79
C ALA G 41 18.32 -57.96 -16.15
N ALA G 42 18.26 -59.12 -16.81
CA ALA G 42 18.93 -60.32 -16.30
C ALA G 42 20.41 -60.06 -16.13
N GLU G 43 20.98 -59.28 -17.03
CA GLU G 43 22.40 -58.94 -16.97
C GLU G 43 22.67 -58.04 -15.78
N THR G 44 21.76 -57.08 -15.53
CA THR G 44 21.91 -56.17 -14.40
C THR G 44 21.98 -56.99 -13.12
N ILE G 45 21.03 -57.90 -12.95
CA ILE G 45 20.96 -58.76 -11.76
C ILE G 45 22.23 -59.60 -11.60
N LYS G 46 22.79 -60.05 -12.71
CA LYS G 46 24.00 -60.86 -12.67
C LYS G 46 25.13 -60.04 -12.06
N LEU G 47 25.18 -58.76 -12.43
CA LEU G 47 26.21 -57.85 -11.92
C LEU G 47 26.04 -57.58 -10.42
N ILE G 48 24.79 -57.51 -9.97
CA ILE G 48 24.50 -57.25 -8.57
C ILE G 48 24.94 -58.44 -7.72
N GLU G 49 24.46 -59.63 -8.08
CA GLU G 49 24.80 -60.85 -7.35
C GLU G 49 26.29 -61.13 -7.39
N ALA G 50 26.98 -60.63 -8.41
CA ALA G 50 28.42 -60.83 -8.53
C ALA G 50 29.09 -60.07 -7.39
N ALA G 51 28.41 -59.04 -6.90
CA ALA G 51 28.91 -58.23 -5.80
C ALA G 51 28.45 -58.79 -4.45
N ASP G 52 27.91 -60.02 -4.48
CA ASP G 52 27.44 -60.68 -3.28
C ASP G 52 26.23 -59.99 -2.66
N GLN G 53 25.39 -59.42 -3.51
CA GLN G 53 24.19 -58.75 -3.03
C GLN G 53 22.96 -59.43 -3.61
N LYS G 54 21.81 -59.17 -2.98
CA LYS G 54 20.54 -59.74 -3.41
C LYS G 54 19.87 -58.81 -4.41
N ALA G 55 19.34 -59.37 -5.48
CA ALA G 55 18.67 -58.58 -6.51
C ALA G 55 17.38 -59.23 -6.99
N VAL G 56 16.39 -58.41 -7.30
CA VAL G 56 15.10 -58.90 -7.77
C VAL G 56 14.59 -57.99 -8.88
N PHE G 57 13.93 -58.58 -9.86
CA PHE G 57 13.36 -57.80 -10.94
C PHE G 57 11.94 -57.44 -10.54
N VAL G 58 11.54 -56.20 -10.79
CA VAL G 58 10.20 -55.76 -10.46
C VAL G 58 9.60 -55.14 -11.72
N GLY G 59 8.53 -55.75 -12.22
CA GLY G 59 7.89 -55.22 -13.41
C GLY G 59 7.26 -53.90 -13.03
N LEU G 60 7.54 -52.86 -13.80
CA LEU G 60 7.00 -51.55 -13.48
C LEU G 60 7.01 -50.57 -14.64
N ASP G 61 5.87 -49.91 -14.85
CA ASP G 61 5.76 -48.88 -15.87
C ASP G 61 5.55 -47.64 -15.01
N VAL G 62 6.62 -46.87 -14.82
CA VAL G 62 6.60 -45.68 -13.99
C VAL G 62 5.51 -44.66 -14.31
N THR G 63 4.90 -44.75 -15.48
CA THR G 63 3.84 -43.81 -15.84
C THR G 63 2.55 -44.17 -15.10
N ASP G 64 2.53 -45.37 -14.53
CA ASP G 64 1.36 -45.87 -13.81
C ASP G 64 1.47 -45.76 -12.29
N LYS G 65 0.65 -44.87 -11.72
CA LYS G 65 0.58 -44.61 -10.28
C LYS G 65 0.46 -45.88 -9.41
N ALA G 66 -0.59 -46.65 -9.66
CA ALA G 66 -0.82 -47.87 -8.90
C ALA G 66 0.30 -48.88 -9.07
N ASN G 67 0.82 -48.99 -10.29
CA ASN G 67 1.90 -49.92 -10.56
C ASN G 67 3.14 -49.53 -9.75
N PHE G 68 3.42 -48.24 -9.67
CA PHE G 68 4.58 -47.77 -8.93
C PHE G 68 4.37 -48.07 -7.44
N ASP G 69 3.15 -47.88 -6.95
CA ASP G 69 2.85 -48.16 -5.55
C ASP G 69 3.11 -49.62 -5.21
N SER G 70 2.52 -50.53 -5.98
CA SER G 70 2.69 -51.95 -5.72
C SER G 70 4.12 -52.41 -5.96
N ALA G 71 4.77 -51.81 -6.95
CA ALA G 71 6.15 -52.16 -7.28
C ALA G 71 7.05 -51.93 -6.07
N ILE G 72 6.87 -50.80 -5.41
CA ILE G 72 7.66 -50.49 -4.23
C ILE G 72 7.30 -51.43 -3.08
N ASP G 73 6.03 -51.86 -3.02
CA ASP G 73 5.59 -52.79 -1.98
C ASP G 73 6.28 -54.14 -2.19
N GLU G 74 6.39 -54.55 -3.45
CA GLU G 74 7.02 -55.81 -3.80
C GLU G 74 8.52 -55.77 -3.48
N ALA G 75 9.18 -54.72 -3.93
CA ALA G 75 10.61 -54.54 -3.69
C ALA G 75 10.89 -54.59 -2.20
N ALA G 76 10.11 -53.85 -1.42
CA ALA G 76 10.29 -53.82 0.02
C ALA G 76 9.98 -55.17 0.65
N GLU G 77 8.93 -55.81 0.17
CA GLU G 77 8.52 -57.10 0.70
C GLU G 77 9.59 -58.16 0.45
N LYS G 78 10.00 -58.29 -0.82
CA LYS G 78 11.02 -59.28 -1.19
C LYS G 78 12.43 -59.02 -0.69
N LEU G 79 12.84 -57.75 -0.60
CA LEU G 79 14.19 -57.46 -0.14
C LEU G 79 14.30 -57.17 1.35
N GLY G 80 13.14 -57.08 2.02
CA GLY G 80 13.14 -56.84 3.46
C GLY G 80 13.40 -55.44 3.94
N GLY G 81 13.12 -54.46 3.09
CA GLY G 81 13.35 -53.08 3.46
C GLY G 81 13.26 -52.19 2.23
N PHE G 82 13.34 -50.89 2.46
CA PHE G 82 13.28 -49.91 1.38
C PHE G 82 13.90 -48.62 1.91
N ASP G 83 15.12 -48.34 1.46
CA ASP G 83 15.86 -47.17 1.93
C ASP G 83 16.17 -46.13 0.88
N VAL G 84 16.27 -46.56 -0.37
CA VAL G 84 16.61 -45.65 -1.44
C VAL G 84 15.85 -45.90 -2.73
N LEU G 85 15.36 -44.81 -3.33
CA LEU G 85 14.66 -44.90 -4.59
C LEU G 85 15.38 -44.03 -5.60
N VAL G 86 15.74 -44.62 -6.73
CA VAL G 86 16.40 -43.87 -7.78
C VAL G 86 15.45 -43.78 -8.97
N ASN G 87 14.87 -42.60 -9.19
CA ASN G 87 13.96 -42.42 -10.31
C ASN G 87 14.81 -42.15 -11.55
N ASN G 88 15.31 -43.22 -12.13
CA ASN G 88 16.18 -43.16 -13.30
C ASN G 88 15.45 -43.36 -14.63
N ALA G 89 14.38 -44.14 -14.61
CA ALA G 89 13.60 -44.40 -15.82
C ALA G 89 13.18 -43.09 -16.50
N GLY G 90 13.39 -43.04 -17.81
CA GLY G 90 13.04 -41.86 -18.58
C GLY G 90 13.27 -42.13 -20.06
N ILE G 91 12.73 -41.26 -20.91
CA ILE G 91 12.90 -41.42 -22.35
C ILE G 91 13.37 -40.11 -22.97
N ALA G 92 13.88 -40.21 -24.19
CA ALA G 92 14.33 -39.04 -24.92
C ALA G 92 13.45 -38.85 -26.15
N GLN G 93 13.35 -37.60 -26.60
CA GLN G 93 12.59 -37.27 -27.79
C GLN G 93 13.45 -36.25 -28.53
N ILE G 94 13.53 -36.39 -29.84
CA ILE G 94 14.31 -35.47 -30.66
C ILE G 94 13.39 -34.96 -31.75
N LYS G 95 13.13 -33.66 -31.76
CA LYS G 95 12.24 -33.09 -32.76
C LYS G 95 12.20 -31.57 -32.64
N PRO G 96 12.26 -30.86 -33.78
CA PRO G 96 12.22 -29.40 -33.77
C PRO G 96 11.03 -28.86 -32.98
N LEU G 97 11.26 -27.81 -32.22
CA LEU G 97 10.21 -27.21 -31.41
C LEU G 97 8.89 -27.08 -32.18
N LEU G 98 8.96 -26.54 -33.40
CA LEU G 98 7.77 -26.33 -34.21
C LEU G 98 6.98 -27.59 -34.60
N GLU G 99 7.60 -28.75 -34.45
CA GLU G 99 6.94 -30.02 -34.80
C GLU G 99 6.29 -30.72 -33.61
N VAL G 100 6.83 -30.50 -32.41
CA VAL G 100 6.29 -31.14 -31.22
C VAL G 100 4.76 -31.05 -31.15
N THR G 101 4.13 -32.18 -30.88
CA THR G 101 2.67 -32.24 -30.80
C THR G 101 2.22 -32.39 -29.35
N GLU G 102 0.91 -32.31 -29.12
CA GLU G 102 0.39 -32.46 -27.78
C GLU G 102 0.59 -33.93 -27.37
N GLU G 103 0.65 -34.80 -28.38
CA GLU G 103 0.84 -36.22 -28.15
C GLU G 103 2.23 -36.47 -27.55
N ASP G 104 3.25 -35.84 -28.13
CA ASP G 104 4.62 -36.00 -27.64
C ASP G 104 4.70 -35.48 -26.21
N LEU G 105 4.24 -34.25 -26.02
CA LEU G 105 4.24 -33.63 -24.70
C LEU G 105 3.56 -34.51 -23.66
N LYS G 106 2.41 -35.09 -24.01
CA LYS G 106 1.69 -35.96 -23.09
C LYS G 106 2.53 -37.16 -22.71
N GLN G 107 3.10 -37.83 -23.70
CA GLN G 107 3.92 -39.00 -23.46
C GLN G 107 5.18 -38.73 -22.66
N ILE G 108 6.02 -37.81 -23.14
CA ILE G 108 7.26 -37.51 -22.46
C ILE G 108 7.08 -36.95 -21.03
N TYR G 109 6.01 -36.20 -20.80
CA TYR G 109 5.80 -35.68 -19.45
C TYR G 109 5.32 -36.76 -18.48
N SER G 110 4.54 -37.71 -19.00
CA SER G 110 4.06 -38.79 -18.16
C SER G 110 5.23 -39.68 -17.75
N VAL G 111 6.07 -40.01 -18.72
CA VAL G 111 7.25 -40.86 -18.50
C VAL G 111 8.37 -40.21 -17.70
N ASN G 112 8.68 -38.96 -18.02
CA ASN G 112 9.76 -38.25 -17.36
C ASN G 112 9.43 -37.38 -16.16
N VAL G 113 8.17 -36.97 -16.04
CA VAL G 113 7.81 -36.12 -14.91
C VAL G 113 6.79 -36.67 -13.93
N PHE G 114 5.62 -37.06 -14.43
CA PHE G 114 4.58 -37.57 -13.54
C PHE G 114 5.09 -38.82 -12.82
N SER G 115 5.91 -39.61 -13.51
CA SER G 115 6.48 -40.82 -12.94
C SER G 115 7.29 -40.49 -11.68
N VAL G 116 7.96 -39.35 -11.70
CA VAL G 116 8.79 -38.92 -10.59
C VAL G 116 7.93 -38.48 -9.40
N PHE G 117 6.76 -37.92 -9.68
CA PHE G 117 5.85 -37.52 -8.61
C PHE G 117 5.38 -38.83 -7.96
N PHE G 118 4.99 -39.77 -8.80
CA PHE G 118 4.52 -41.07 -8.33
C PHE G 118 5.58 -41.77 -7.48
N GLY G 119 6.82 -41.78 -7.99
CA GLY G 119 7.91 -42.40 -7.26
C GLY G 119 8.15 -41.75 -5.91
N ILE G 120 8.19 -40.43 -5.90
CA ILE G 120 8.41 -39.71 -4.65
C ILE G 120 7.30 -40.01 -3.64
N GLN G 121 6.06 -39.96 -4.08
CA GLN G 121 4.94 -40.23 -3.20
C GLN G 121 5.00 -41.64 -2.62
N ALA G 122 5.20 -42.62 -3.49
CA ALA G 122 5.28 -44.01 -3.08
C ALA G 122 6.46 -44.24 -2.15
N ALA G 123 7.63 -43.72 -2.51
CA ALA G 123 8.83 -43.86 -1.69
C ALA G 123 8.59 -43.23 -0.30
N SER G 124 8.03 -42.03 -0.29
CA SER G 124 7.75 -41.33 0.95
C SER G 124 6.86 -42.18 1.84
N ARG G 125 5.77 -42.67 1.27
CA ARG G 125 4.82 -43.50 2.00
C ARG G 125 5.46 -44.76 2.57
N LYS G 126 6.31 -45.41 1.77
CA LYS G 126 6.99 -46.63 2.20
C LYS G 126 8.00 -46.32 3.30
N PHE G 127 8.76 -45.25 3.12
CA PHE G 127 9.74 -44.85 4.14
C PHE G 127 9.00 -44.69 5.47
N ASP G 128 7.94 -43.90 5.46
CA ASP G 128 7.15 -43.66 6.67
C ASP G 128 6.59 -44.95 7.26
N GLU G 129 6.06 -45.81 6.40
CA GLU G 129 5.53 -47.07 6.86
C GLU G 129 6.59 -47.88 7.61
N LEU G 130 7.80 -47.92 7.06
CA LEU G 130 8.89 -48.67 7.69
C LEU G 130 9.56 -47.96 8.86
N GLY G 131 9.23 -46.69 9.04
CA GLY G 131 9.81 -45.94 10.13
C GLY G 131 11.24 -45.48 9.89
N VAL G 132 11.61 -45.31 8.63
CA VAL G 132 12.97 -44.88 8.31
C VAL G 132 13.03 -43.59 7.52
N LYS G 133 14.18 -42.91 7.59
CA LYS G 133 14.39 -41.69 6.84
C LYS G 133 15.01 -42.21 5.56
N GLY G 134 14.42 -41.86 4.42
CA GLY G 134 14.95 -42.36 3.17
C GLY G 134 15.60 -41.35 2.25
N LYS G 135 16.13 -41.87 1.15
CA LYS G 135 16.78 -41.04 0.15
C LYS G 135 16.11 -41.26 -1.20
N ILE G 136 15.74 -40.17 -1.85
CA ILE G 136 15.14 -40.23 -3.18
C ILE G 136 16.16 -39.54 -4.08
N ILE G 137 16.50 -40.20 -5.19
CA ILE G 137 17.50 -39.66 -6.13
C ILE G 137 16.93 -39.67 -7.55
N ASN G 138 16.77 -38.49 -8.13
CA ASN G 138 16.19 -38.36 -9.45
C ASN G 138 17.21 -38.11 -10.55
N ALA G 139 16.89 -38.58 -11.75
CA ALA G 139 17.74 -38.41 -12.90
C ALA G 139 17.42 -37.11 -13.62
N ALA G 140 18.28 -36.11 -13.42
CA ALA G 140 18.11 -34.83 -14.10
C ALA G 140 18.95 -35.00 -15.35
N SER G 141 19.61 -33.92 -15.76
CA SER G 141 20.43 -33.92 -16.96
C SER G 141 20.97 -32.52 -17.17
N ILE G 142 22.02 -32.41 -17.96
CA ILE G 142 22.56 -31.09 -18.26
C ILE G 142 21.42 -30.29 -18.91
N ALA G 143 20.49 -31.01 -19.54
CA ALA G 143 19.34 -30.40 -20.20
C ALA G 143 18.37 -29.83 -19.17
N ALA G 144 18.64 -30.08 -17.89
CA ALA G 144 17.79 -29.56 -16.82
C ALA G 144 18.37 -28.22 -16.36
N ILE G 145 19.64 -27.97 -16.72
CA ILE G 145 20.33 -26.74 -16.34
C ILE G 145 20.34 -25.72 -17.48
N GLN G 146 20.38 -26.21 -18.71
CA GLN G 146 20.34 -25.36 -19.90
C GLN G 146 19.54 -26.08 -20.97
N GLY G 147 18.53 -25.41 -21.52
CA GLY G 147 17.72 -26.02 -22.55
C GLY G 147 18.52 -26.30 -23.80
N PHE G 148 18.22 -27.41 -24.47
CA PHE G 148 18.91 -27.80 -25.70
C PHE G 148 17.99 -27.74 -26.91
N PRO G 149 18.43 -27.08 -27.99
CA PRO G 149 17.62 -26.97 -29.20
C PRO G 149 17.38 -28.36 -29.77
N ILE G 150 16.22 -28.55 -30.41
CA ILE G 150 15.86 -29.83 -31.01
C ILE G 150 15.44 -30.87 -29.96
N LEU G 151 15.67 -30.57 -28.69
CA LEU G 151 15.28 -31.47 -27.62
C LEU G 151 14.58 -30.66 -26.54
N SER G 152 13.77 -29.70 -27.00
CA SER G 152 13.03 -28.82 -26.11
C SER G 152 12.06 -29.58 -25.22
N ALA G 153 11.32 -30.51 -25.79
CA ALA G 153 10.37 -31.30 -25.02
C ALA G 153 11.10 -32.00 -23.88
N TYR G 154 12.15 -32.72 -24.22
CA TYR G 154 12.95 -33.43 -23.24
C TYR G 154 13.52 -32.48 -22.19
N SER G 155 14.13 -31.40 -22.63
CA SER G 155 14.70 -30.42 -21.72
C SER G 155 13.67 -29.90 -20.74
N THR G 156 12.47 -29.60 -21.24
CA THR G 156 11.44 -29.08 -20.34
C THR G 156 11.09 -30.07 -19.25
N THR G 157 11.08 -31.37 -19.56
CA THR G 157 10.76 -32.36 -18.54
C THR G 157 11.89 -32.45 -17.51
N LYS G 158 13.13 -32.27 -17.96
CA LYS G 158 14.26 -32.32 -17.05
C LYS G 158 14.26 -31.11 -16.12
N PHE G 159 13.85 -29.95 -16.64
CA PHE G 159 13.76 -28.75 -15.81
C PHE G 159 12.69 -28.99 -14.75
N ALA G 160 11.60 -29.66 -15.14
CA ALA G 160 10.51 -29.94 -14.21
C ALA G 160 11.03 -30.84 -13.09
N VAL G 161 11.82 -31.85 -13.45
CA VAL G 161 12.40 -32.76 -12.47
C VAL G 161 13.28 -31.97 -11.51
N ARG G 162 13.99 -30.98 -12.02
CA ARG G 162 14.86 -30.12 -11.21
C ARG G 162 14.00 -29.36 -10.20
N GLY G 163 12.94 -28.72 -10.69
CA GLY G 163 12.06 -27.98 -9.81
C GLY G 163 11.37 -28.88 -8.80
N LEU G 164 11.00 -30.10 -9.23
CA LEU G 164 10.33 -31.06 -8.36
C LEU G 164 11.29 -31.48 -7.24
N THR G 165 12.54 -31.76 -7.61
CA THR G 165 13.56 -32.16 -6.65
C THR G 165 13.64 -31.12 -5.54
N GLN G 166 13.63 -29.85 -5.93
CA GLN G 166 13.68 -28.75 -4.96
C GLN G 166 12.44 -28.70 -4.07
N ALA G 167 11.27 -28.65 -4.68
CA ALA G 167 10.02 -28.59 -3.91
C ALA G 167 9.87 -29.79 -2.98
N ALA G 168 10.10 -30.98 -3.53
CA ALA G 168 9.98 -32.22 -2.76
C ALA G 168 10.93 -32.27 -1.58
N ALA G 169 12.17 -31.85 -1.80
CA ALA G 169 13.15 -31.86 -0.72
C ALA G 169 12.64 -31.02 0.46
N GLN G 170 12.06 -29.87 0.15
CA GLN G 170 11.54 -28.99 1.17
C GLN G 170 10.31 -29.55 1.88
N GLU G 171 9.38 -30.13 1.13
CA GLU G 171 8.19 -30.68 1.75
C GLU G 171 8.47 -31.89 2.61
N LEU G 172 9.39 -32.74 2.15
CA LEU G 172 9.72 -33.96 2.89
C LEU G 172 10.78 -33.82 3.98
N ALA G 173 11.47 -32.68 4.02
CA ALA G 173 12.50 -32.44 5.01
C ALA G 173 12.06 -32.71 6.45
N PRO G 174 10.85 -32.25 6.83
CA PRO G 174 10.44 -32.51 8.21
C PRO G 174 10.39 -34.00 8.56
N LYS G 175 10.13 -34.86 7.56
CA LYS G 175 10.09 -36.30 7.80
C LYS G 175 11.50 -36.88 7.89
N GLY G 176 12.49 -36.13 7.43
CA GLY G 176 13.86 -36.62 7.47
C GLY G 176 14.30 -37.24 6.15
N HIS G 177 13.42 -37.21 5.15
CA HIS G 177 13.75 -37.76 3.84
C HIS G 177 14.39 -36.65 3.01
N THR G 178 15.37 -37.03 2.19
CA THR G 178 16.05 -36.05 1.34
C THR G 178 15.71 -36.37 -0.11
N VAL G 179 15.82 -35.36 -0.97
CA VAL G 179 15.54 -35.55 -2.38
C VAL G 179 16.61 -34.79 -3.15
N ASN G 180 17.35 -35.51 -3.99
CA ASN G 180 18.41 -34.91 -4.79
C ASN G 180 18.35 -35.45 -6.20
N ALA G 181 19.17 -34.90 -7.08
CA ALA G 181 19.17 -35.36 -8.45
C ALA G 181 20.57 -35.35 -9.02
N TYR G 182 20.81 -36.21 -10.01
CA TYR G 182 22.10 -36.25 -10.68
C TYR G 182 21.87 -35.76 -12.10
N ALA G 183 22.87 -35.10 -12.66
CA ALA G 183 22.73 -34.58 -14.01
C ALA G 183 23.93 -34.96 -14.86
N PRO G 184 23.83 -36.08 -15.60
CA PRO G 184 24.96 -36.47 -16.44
C PRO G 184 25.04 -35.63 -17.71
N GLY G 185 26.14 -35.75 -18.44
CA GLY G 185 26.31 -34.98 -19.65
C GLY G 185 25.96 -35.77 -20.88
N ILE G 186 26.98 -36.31 -21.55
CA ILE G 186 26.79 -37.11 -22.76
C ILE G 186 27.24 -38.53 -22.44
N VAL G 187 26.26 -39.42 -22.18
CA VAL G 187 26.57 -40.80 -21.86
C VAL G 187 26.23 -41.71 -23.04
N GLY G 188 27.25 -42.44 -23.51
CA GLY G 188 27.08 -43.34 -24.64
C GLY G 188 26.21 -44.56 -24.41
N THR G 189 24.91 -44.33 -24.21
CA THR G 189 23.98 -45.42 -23.97
C THR G 189 23.01 -45.48 -25.14
N GLY G 190 22.06 -46.40 -25.08
CA GLY G 190 21.08 -46.52 -26.13
C GLY G 190 20.34 -45.21 -26.34
N MET G 191 20.25 -44.39 -25.29
CA MET G 191 19.56 -43.12 -25.41
C MET G 191 20.29 -42.18 -26.36
N TRP G 192 21.62 -42.22 -26.34
CA TRP G 192 22.34 -41.34 -27.24
C TRP G 192 22.45 -41.93 -28.64
N GLU G 193 22.31 -43.24 -28.74
CA GLU G 193 22.35 -43.88 -30.05
C GLU G 193 21.11 -43.34 -30.76
N GLN G 194 19.99 -43.32 -30.04
CA GLN G 194 18.73 -42.82 -30.57
C GLN G 194 18.82 -41.32 -30.84
N ILE G 195 19.35 -40.58 -29.87
CA ILE G 195 19.48 -39.14 -30.03
C ILE G 195 20.35 -38.82 -31.24
N ASP G 196 21.44 -39.56 -31.38
CA ASP G 196 22.36 -39.35 -32.49
C ASP G 196 21.75 -39.73 -33.83
N ALA G 197 20.83 -40.69 -33.83
CA ALA G 197 20.18 -41.14 -35.06
C ALA G 197 19.12 -40.16 -35.54
N GLU G 198 18.33 -39.65 -34.61
CA GLU G 198 17.27 -38.70 -34.95
C GLU G 198 17.85 -37.37 -35.34
N LEU G 199 19.00 -37.04 -34.75
CA LEU G 199 19.70 -35.80 -35.02
C LEU G 199 20.27 -35.85 -36.43
N SER G 200 20.80 -37.01 -36.80
CA SER G 200 21.39 -37.22 -38.12
C SER G 200 20.36 -36.96 -39.23
N LYS G 201 19.17 -37.50 -39.05
CA LYS G 201 18.10 -37.34 -40.02
C LYS G 201 17.64 -35.88 -40.17
N ILE G 202 17.95 -35.06 -39.17
CA ILE G 202 17.55 -33.66 -39.21
C ILE G 202 18.66 -32.72 -39.65
N ASN G 203 19.91 -33.18 -39.60
CA ASN G 203 21.04 -32.34 -40.00
C ASN G 203 21.88 -32.94 -41.13
N GLY G 204 21.65 -34.22 -41.42
CA GLY G 204 22.38 -34.88 -42.48
C GLY G 204 23.71 -35.50 -42.08
N LYS G 205 24.33 -34.96 -41.03
CA LYS G 205 25.61 -35.46 -40.56
C LYS G 205 25.61 -36.98 -40.44
N PRO G 206 26.71 -37.62 -40.87
CA PRO G 206 26.81 -39.09 -40.81
C PRO G 206 26.70 -39.63 -39.39
N ILE G 207 26.12 -40.83 -39.27
CA ILE G 207 25.93 -41.49 -37.99
C ILE G 207 27.19 -41.39 -37.12
N GLY G 208 27.00 -41.08 -35.84
CA GLY G 208 28.11 -40.96 -34.92
C GLY G 208 28.67 -39.55 -34.82
N GLU G 209 28.49 -38.77 -35.87
CA GLU G 209 28.98 -37.40 -35.90
C GLU G 209 28.35 -36.52 -34.82
N ASN G 210 27.02 -36.51 -34.76
CA ASN G 210 26.31 -35.71 -33.76
C ASN G 210 26.80 -36.03 -32.34
N PHE G 211 26.94 -37.33 -32.05
CA PHE G 211 27.41 -37.77 -30.74
C PHE G 211 28.78 -37.17 -30.44
N LYS G 212 29.70 -37.26 -31.41
CA LYS G 212 31.05 -36.71 -31.23
C LYS G 212 31.03 -35.20 -31.07
N GLU G 213 30.21 -34.53 -31.88
CA GLU G 213 30.12 -33.08 -31.85
C GLU G 213 29.62 -32.54 -30.51
N TYR G 214 28.63 -33.20 -29.91
CA TYR G 214 28.09 -32.77 -28.62
C TYR G 214 29.09 -33.08 -27.51
N SER G 215 29.97 -34.04 -27.76
CA SER G 215 30.96 -34.46 -26.77
C SER G 215 32.28 -33.70 -26.87
N SER G 216 32.39 -32.81 -27.86
CA SER G 216 33.63 -32.05 -28.05
C SER G 216 33.89 -31.01 -26.96
N SER G 217 32.83 -30.45 -26.39
CA SER G 217 32.99 -29.43 -25.36
C SER G 217 33.23 -29.96 -23.94
N ILE G 218 33.29 -31.27 -23.77
CA ILE G 218 33.50 -31.83 -22.44
C ILE G 218 34.92 -31.55 -21.96
N ALA G 219 35.03 -30.76 -20.90
CA ALA G 219 36.31 -30.40 -20.34
C ALA G 219 37.27 -31.57 -20.17
N LEU G 220 36.81 -32.66 -19.57
CA LEU G 220 37.68 -33.80 -19.38
C LEU G 220 38.05 -34.53 -20.66
N GLY G 221 37.52 -34.05 -21.79
CA GLY G 221 37.82 -34.62 -23.10
C GLY G 221 37.49 -36.09 -23.31
N ARG G 222 36.33 -36.51 -22.82
CA ARG G 222 35.89 -37.89 -22.94
C ARG G 222 34.39 -37.99 -22.70
N PRO G 223 33.66 -38.70 -23.58
CA PRO G 223 32.22 -38.83 -23.37
C PRO G 223 32.00 -39.66 -22.11
N SER G 224 30.77 -39.67 -21.60
CA SER G 224 30.48 -40.39 -20.36
C SER G 224 30.05 -41.85 -20.49
N VAL G 225 30.34 -42.62 -19.44
CA VAL G 225 30.00 -44.03 -19.34
C VAL G 225 29.23 -44.19 -18.01
N PRO G 226 28.27 -45.14 -17.94
CA PRO G 226 27.48 -45.36 -16.72
C PRO G 226 28.22 -45.28 -15.38
N GLU G 227 29.41 -45.87 -15.31
CA GLU G 227 30.19 -45.84 -14.09
C GLU G 227 30.45 -44.42 -13.59
N ASP G 228 30.61 -43.47 -14.52
CA ASP G 228 30.84 -42.09 -14.14
C ASP G 228 29.66 -41.55 -13.34
N VAL G 229 28.46 -41.80 -13.85
CA VAL G 229 27.24 -41.33 -13.20
C VAL G 229 27.01 -42.08 -11.91
N ALA G 230 27.31 -43.39 -11.92
CA ALA G 230 27.15 -44.22 -10.75
C ALA G 230 27.95 -43.67 -9.57
N GLY G 231 29.08 -43.03 -9.87
CA GLY G 231 29.91 -42.46 -8.82
C GLY G 231 29.18 -41.43 -7.97
N LEU G 232 28.47 -40.51 -8.62
CA LEU G 232 27.72 -39.48 -7.91
C LEU G 232 26.54 -40.08 -7.17
N VAL G 233 25.83 -40.98 -7.83
CA VAL G 233 24.67 -41.62 -7.22
C VAL G 233 25.12 -42.39 -6.00
N SER G 234 26.32 -42.97 -6.07
CA SER G 234 26.87 -43.69 -4.93
C SER G 234 26.91 -42.74 -3.74
N PHE G 235 27.38 -41.51 -3.96
CA PHE G 235 27.46 -40.51 -2.90
C PHE G 235 26.05 -40.14 -2.39
N LEU G 236 25.13 -39.91 -3.32
CA LEU G 236 23.76 -39.54 -2.98
C LEU G 236 23.01 -40.65 -2.25
N ALA G 237 23.47 -41.89 -2.36
CA ALA G 237 22.83 -43.01 -1.69
C ALA G 237 23.48 -43.28 -0.35
N SER G 238 24.71 -42.78 -0.17
CA SER G 238 25.44 -43.01 1.07
C SER G 238 25.11 -42.01 2.18
N GLU G 239 25.60 -42.32 3.38
CA GLU G 239 25.39 -41.47 4.54
C GLU G 239 26.17 -40.17 4.42
N ASN G 240 27.18 -40.16 3.56
CA ASN G 240 28.00 -38.98 3.36
C ASN G 240 27.17 -37.82 2.81
N SER G 241 26.02 -38.12 2.21
CA SER G 241 25.15 -37.08 1.66
C SER G 241 23.95 -36.71 2.52
N ASN G 242 23.95 -37.13 3.78
CA ASN G 242 22.83 -36.84 4.66
C ASN G 242 22.46 -35.36 4.83
N TYR G 243 23.43 -34.46 4.75
CA TYR G 243 23.12 -33.05 4.92
C TYR G 243 22.98 -32.32 3.60
N VAL G 244 22.76 -33.08 2.54
CA VAL G 244 22.57 -32.53 1.21
C VAL G 244 21.15 -32.86 0.74
N THR G 245 20.36 -31.83 0.41
CA THR G 245 19.02 -32.08 -0.09
C THR G 245 18.52 -30.99 -1.02
N GLY G 246 17.68 -31.38 -1.98
CA GLY G 246 17.13 -30.45 -2.94
C GLY G 246 18.10 -30.01 -4.02
N GLN G 247 19.24 -30.68 -4.10
CA GLN G 247 20.26 -30.32 -5.08
C GLN G 247 20.24 -31.13 -6.38
N VAL G 248 20.73 -30.50 -7.45
CA VAL G 248 20.84 -31.15 -8.76
C VAL G 248 22.33 -31.05 -9.09
N MET G 249 23.05 -32.13 -8.86
CA MET G 249 24.49 -32.14 -9.10
C MET G 249 24.92 -32.65 -10.46
N LEU G 250 25.74 -31.85 -11.12
CA LEU G 250 26.25 -32.19 -12.44
C LEU G 250 27.46 -33.11 -12.42
N VAL G 251 27.34 -34.24 -13.14
CA VAL G 251 28.43 -35.21 -13.29
C VAL G 251 28.55 -35.30 -14.80
N ASP G 252 28.99 -34.20 -15.40
CA ASP G 252 29.09 -34.09 -16.86
C ASP G 252 30.48 -33.98 -17.45
N GLY G 253 31.52 -34.24 -16.67
CA GLY G 253 32.86 -34.13 -17.20
C GLY G 253 33.23 -32.70 -17.49
N GLY G 254 32.37 -31.78 -17.06
CA GLY G 254 32.64 -30.38 -17.28
C GLY G 254 32.01 -29.87 -18.57
N MET G 255 30.72 -29.56 -18.51
CA MET G 255 29.99 -29.03 -19.67
C MET G 255 29.23 -27.78 -19.24
N LEU G 256 28.52 -27.89 -18.11
CA LEU G 256 27.78 -26.75 -17.57
C LEU G 256 28.27 -26.57 -16.14
N TYR G 257 28.18 -25.35 -15.62
CA TYR G 257 28.67 -25.06 -14.28
C TYR G 257 27.66 -24.42 -13.32
N ASN G 258 26.47 -24.14 -13.81
CA ASN G 258 25.39 -23.55 -12.99
C ASN G 258 25.90 -22.40 -12.11
N SER H 2 2.84 0.54 -36.58
CA SER H 2 2.40 -0.88 -36.63
C SER H 2 2.50 -1.52 -35.24
N LYS H 3 3.21 -2.64 -35.17
CA LYS H 3 3.40 -3.35 -33.91
C LYS H 3 2.12 -3.76 -33.20
N VAL H 4 1.82 -5.06 -33.29
CA VAL H 4 0.65 -5.65 -32.67
C VAL H 4 1.13 -6.70 -31.67
N ALA H 5 0.39 -6.84 -30.57
CA ALA H 5 0.75 -7.81 -29.55
C ALA H 5 -0.47 -8.52 -29.00
N MET H 6 -0.28 -9.78 -28.61
CA MET H 6 -1.35 -10.58 -28.03
C MET H 6 -0.94 -10.93 -26.61
N VAL H 7 -1.87 -10.72 -25.68
CA VAL H 7 -1.60 -11.03 -24.29
C VAL H 7 -2.61 -12.09 -23.83
N THR H 8 -2.16 -13.33 -23.69
CA THR H 8 -3.06 -14.38 -23.23
C THR H 8 -3.35 -14.10 -21.76
N GLY H 9 -4.56 -14.43 -21.32
CA GLY H 9 -4.91 -14.17 -19.93
C GLY H 9 -4.96 -12.68 -19.65
N GLY H 10 -5.10 -11.89 -20.71
CA GLY H 10 -5.15 -10.45 -20.56
C GLY H 10 -6.47 -9.90 -20.05
N ALA H 11 -7.42 -10.78 -19.75
CA ALA H 11 -8.72 -10.34 -19.26
C ALA H 11 -8.62 -9.71 -17.87
N GLN H 12 -7.59 -10.07 -17.13
CA GLN H 12 -7.42 -9.53 -15.78
C GLN H 12 -5.99 -9.71 -15.25
N GLY H 13 -5.81 -9.37 -13.98
CA GLY H 13 -4.53 -9.51 -13.32
C GLY H 13 -3.32 -8.96 -14.06
N ILE H 14 -2.22 -9.70 -13.99
CA ILE H 14 -0.98 -9.31 -14.64
C ILE H 14 -1.21 -9.13 -16.14
N GLY H 15 -2.09 -9.94 -16.71
CA GLY H 15 -2.36 -9.85 -18.13
C GLY H 15 -2.97 -8.50 -18.46
N ARG H 16 -3.87 -8.01 -17.61
CA ARG H 16 -4.51 -6.72 -17.83
C ARG H 16 -3.49 -5.61 -17.66
N GLY H 17 -2.69 -5.71 -16.61
CA GLY H 17 -1.68 -4.70 -16.36
C GLY H 17 -0.71 -4.63 -17.52
N ILE H 18 -0.37 -5.79 -18.07
CA ILE H 18 0.55 -5.87 -19.20
C ILE H 18 -0.09 -5.28 -20.45
N SER H 19 -1.38 -5.52 -20.63
CA SER H 19 -2.10 -5.00 -21.80
C SER H 19 -2.09 -3.49 -21.83
N GLU H 20 -2.45 -2.88 -20.69
CA GLU H 20 -2.49 -1.43 -20.56
C GLU H 20 -1.12 -0.80 -20.82
N LYS H 21 -0.08 -1.41 -20.28
CA LYS H 21 1.28 -0.92 -20.44
C LYS H 21 1.75 -0.98 -21.89
N LEU H 22 1.49 -2.10 -22.55
CA LEU H 22 1.89 -2.28 -23.94
C LEU H 22 1.09 -1.35 -24.87
N ALA H 23 -0.13 -1.03 -24.46
CA ALA H 23 -0.97 -0.13 -25.25
C ALA H 23 -0.30 1.25 -25.19
N ALA H 24 0.04 1.66 -23.97
CA ALA H 24 0.70 2.94 -23.74
C ALA H 24 1.99 3.00 -24.54
N ASP H 25 2.68 1.86 -24.64
CA ASP H 25 3.93 1.81 -25.38
C ASP H 25 3.67 1.92 -26.87
N GLY H 26 2.43 1.78 -27.29
CA GLY H 26 2.11 1.90 -28.70
C GLY H 26 1.75 0.63 -29.45
N PHE H 27 1.22 -0.37 -28.73
CA PHE H 27 0.84 -1.62 -29.37
C PHE H 27 -0.67 -1.76 -29.44
N ASP H 28 -1.18 -2.31 -30.54
CA ASP H 28 -2.60 -2.58 -30.68
C ASP H 28 -2.71 -3.93 -29.98
N ILE H 29 -3.47 -3.99 -28.90
CA ILE H 29 -3.59 -5.21 -28.10
C ILE H 29 -4.70 -6.19 -28.39
N ALA H 30 -4.32 -7.46 -28.50
CA ALA H 30 -5.25 -8.55 -28.72
C ALA H 30 -5.38 -9.26 -27.38
N VAL H 31 -6.47 -9.00 -26.67
CA VAL H 31 -6.72 -9.61 -25.38
C VAL H 31 -7.27 -11.02 -25.58
N ALA H 32 -6.38 -12.02 -25.54
CA ALA H 32 -6.79 -13.41 -25.70
C ALA H 32 -7.08 -14.03 -24.35
N ASP H 33 -8.26 -14.62 -24.20
CA ASP H 33 -8.66 -15.22 -22.94
C ASP H 33 -9.86 -16.15 -23.15
N LEU H 34 -10.27 -16.85 -22.09
CA LEU H 34 -11.42 -17.76 -22.18
C LEU H 34 -12.66 -16.95 -22.54
N PRO H 35 -13.45 -17.43 -23.51
CA PRO H 35 -14.67 -16.72 -23.94
C PRO H 35 -15.51 -16.16 -22.80
N GLN H 36 -15.62 -16.92 -21.72
CA GLN H 36 -16.39 -16.54 -20.54
C GLN H 36 -15.86 -15.31 -19.82
N GLN H 37 -14.59 -14.98 -20.06
CA GLN H 37 -13.95 -13.83 -19.40
C GLN H 37 -14.04 -12.54 -20.22
N GLU H 38 -14.85 -12.55 -21.28
CA GLU H 38 -15.00 -11.36 -22.11
C GLU H 38 -15.65 -10.20 -21.36
N GLU H 39 -16.52 -10.53 -20.40
CA GLU H 39 -17.20 -9.51 -19.61
C GLU H 39 -16.21 -8.87 -18.64
N GLN H 40 -15.23 -9.67 -18.22
CA GLN H 40 -14.20 -9.20 -17.31
C GLN H 40 -13.18 -8.39 -18.11
N ALA H 41 -12.93 -8.82 -19.34
CA ALA H 41 -11.99 -8.16 -20.24
C ALA H 41 -12.39 -6.76 -20.67
N ALA H 42 -13.65 -6.40 -20.44
CA ALA H 42 -14.14 -5.07 -20.82
C ALA H 42 -13.24 -4.00 -20.23
N GLU H 43 -12.98 -4.09 -18.93
CA GLU H 43 -12.14 -3.11 -18.26
C GLU H 43 -10.74 -3.03 -18.86
N THR H 44 -10.23 -4.17 -19.33
CA THR H 44 -8.90 -4.22 -19.93
C THR H 44 -8.94 -3.52 -21.29
N ILE H 45 -10.06 -3.65 -21.98
CA ILE H 45 -10.23 -3.04 -23.29
C ILE H 45 -10.39 -1.53 -23.10
N LYS H 46 -11.08 -1.14 -22.04
CA LYS H 46 -11.28 0.28 -21.75
C LYS H 46 -9.92 0.93 -21.50
N LEU H 47 -9.08 0.28 -20.70
CA LEU H 47 -7.75 0.81 -20.38
C LEU H 47 -6.88 0.96 -21.63
N ILE H 48 -6.94 -0.03 -22.50
CA ILE H 48 -6.15 0.00 -23.73
C ILE H 48 -6.61 1.14 -24.65
N GLU H 49 -7.92 1.28 -24.82
CA GLU H 49 -8.45 2.33 -25.67
C GLU H 49 -8.11 3.71 -25.11
N ALA H 50 -8.23 3.86 -23.79
CA ALA H 50 -7.92 5.13 -23.15
C ALA H 50 -6.48 5.52 -23.45
N ALA H 51 -5.67 4.55 -23.84
CA ALA H 51 -4.27 4.80 -24.17
C ALA H 51 -4.11 5.06 -25.67
N ASP H 52 -5.23 5.38 -26.31
CA ASP H 52 -5.25 5.68 -27.74
C ASP H 52 -4.83 4.52 -28.64
N GLN H 53 -5.13 3.29 -28.22
CA GLN H 53 -4.77 2.12 -29.00
C GLN H 53 -5.97 1.24 -29.32
N LYS H 54 -5.84 0.43 -30.37
CA LYS H 54 -6.91 -0.47 -30.81
C LYS H 54 -6.88 -1.75 -29.99
N ALA H 55 -8.05 -2.19 -29.53
CA ALA H 55 -8.16 -3.40 -28.73
C ALA H 55 -9.24 -4.35 -29.24
N VAL H 56 -9.02 -5.65 -29.08
CA VAL H 56 -9.98 -6.65 -29.51
C VAL H 56 -9.88 -7.91 -28.66
N PHE H 57 -11.01 -8.33 -28.11
CA PHE H 57 -11.03 -9.54 -27.31
C PHE H 57 -11.01 -10.71 -28.28
N VAL H 58 -10.31 -11.78 -27.90
CA VAL H 58 -10.23 -12.96 -28.75
C VAL H 58 -10.40 -14.23 -27.92
N GLY H 59 -11.56 -14.87 -28.06
CA GLY H 59 -11.82 -16.09 -27.33
C GLY H 59 -10.73 -17.10 -27.60
N LEU H 60 -10.06 -17.56 -26.54
CA LEU H 60 -9.00 -18.53 -26.70
C LEU H 60 -8.71 -19.35 -25.44
N ASP H 61 -8.59 -20.66 -25.62
CA ASP H 61 -8.27 -21.58 -24.54
C ASP H 61 -6.89 -22.07 -24.93
N VAL H 62 -5.87 -21.52 -24.27
CA VAL H 62 -4.49 -21.84 -24.57
C VAL H 62 -4.15 -23.33 -24.59
N THR H 63 -4.99 -24.17 -23.97
CA THR H 63 -4.73 -25.61 -23.95
C THR H 63 -5.09 -26.24 -25.29
N ASP H 64 -5.92 -25.54 -26.06
CA ASP H 64 -6.36 -26.02 -27.37
C ASP H 64 -5.42 -25.45 -28.43
N LYS H 65 -4.60 -26.33 -29.01
CA LYS H 65 -3.65 -25.90 -30.03
C LYS H 65 -4.32 -25.25 -31.23
N ALA H 66 -5.27 -25.95 -31.85
CA ALA H 66 -5.97 -25.40 -33.02
C ALA H 66 -6.61 -24.05 -32.68
N ASN H 67 -7.06 -23.91 -31.44
CA ASN H 67 -7.69 -22.66 -31.00
C ASN H 67 -6.64 -21.55 -30.91
N PHE H 68 -5.43 -21.91 -30.53
CA PHE H 68 -4.35 -20.93 -30.40
C PHE H 68 -3.88 -20.48 -31.79
N ASP H 69 -3.93 -21.39 -32.77
CA ASP H 69 -3.52 -21.04 -34.12
C ASP H 69 -4.53 -20.07 -34.75
N SER H 70 -5.82 -20.40 -34.64
CA SER H 70 -6.85 -19.55 -35.21
C SER H 70 -7.02 -18.25 -34.41
N ALA H 71 -6.57 -18.26 -33.16
CA ALA H 71 -6.68 -17.08 -32.31
C ALA H 71 -5.68 -16.02 -32.75
N ILE H 72 -4.53 -16.47 -33.26
CA ILE H 72 -3.49 -15.57 -33.74
C ILE H 72 -3.83 -15.10 -35.15
N ASP H 73 -4.45 -15.97 -35.95
CA ASP H 73 -4.87 -15.58 -37.29
C ASP H 73 -5.83 -14.42 -37.12
N GLU H 74 -6.87 -14.63 -36.32
CA GLU H 74 -7.87 -13.61 -36.06
C GLU H 74 -7.19 -12.32 -35.57
N ALA H 75 -6.40 -12.44 -34.51
CA ALA H 75 -5.69 -11.29 -33.95
C ALA H 75 -4.92 -10.57 -35.04
N ALA H 76 -4.13 -11.32 -35.81
CA ALA H 76 -3.35 -10.74 -36.89
C ALA H 76 -4.25 -9.94 -37.83
N GLU H 77 -5.25 -10.60 -38.40
CA GLU H 77 -6.19 -9.96 -39.33
C GLU H 77 -6.81 -8.68 -38.79
N LYS H 78 -7.49 -8.80 -37.65
CA LYS H 78 -8.16 -7.67 -37.03
C LYS H 78 -7.24 -6.47 -36.79
N LEU H 79 -6.07 -6.71 -36.21
CA LEU H 79 -5.14 -5.62 -35.91
C LEU H 79 -4.14 -5.31 -37.03
N GLY H 80 -4.19 -6.07 -38.11
CA GLY H 80 -3.31 -5.84 -39.24
C GLY H 80 -1.84 -6.15 -39.03
N GLY H 81 -1.54 -7.04 -38.09
CA GLY H 81 -0.16 -7.41 -37.82
C GLY H 81 -0.01 -8.24 -36.58
N PHE H 82 1.18 -8.81 -36.40
CA PHE H 82 1.48 -9.65 -35.24
C PHE H 82 2.98 -9.58 -34.99
N ASP H 83 3.38 -8.92 -33.91
CA ASP H 83 4.79 -8.76 -33.60
C ASP H 83 5.22 -9.32 -32.25
N VAL H 84 4.31 -9.42 -31.29
CA VAL H 84 4.67 -9.92 -29.97
C VAL H 84 3.59 -10.76 -29.30
N LEU H 85 4.01 -11.90 -28.76
CA LEU H 85 3.10 -12.80 -28.06
C LEU H 85 3.54 -12.89 -26.61
N VAL H 86 2.59 -12.71 -25.70
CA VAL H 86 2.89 -12.80 -24.29
C VAL H 86 2.10 -13.95 -23.70
N ASN H 87 2.75 -15.11 -23.60
CA ASN H 87 2.11 -16.29 -23.02
C ASN H 87 1.98 -16.04 -21.53
N ASN H 88 0.92 -15.34 -21.14
CA ASN H 88 0.69 -14.99 -19.75
C ASN H 88 -0.33 -15.90 -19.05
N ALA H 89 -1.24 -16.48 -19.84
CA ALA H 89 -2.27 -17.35 -19.31
C ALA H 89 -1.68 -18.51 -18.53
N GLY H 90 -2.25 -18.75 -17.34
CA GLY H 90 -1.78 -19.83 -16.50
C GLY H 90 -2.62 -19.92 -15.24
N ILE H 91 -2.55 -21.05 -14.55
CA ILE H 91 -3.30 -21.24 -13.33
C ILE H 91 -2.37 -21.69 -12.21
N ALA H 92 -2.85 -21.60 -10.98
CA ALA H 92 -2.05 -22.02 -9.84
C ALA H 92 -2.79 -23.09 -9.04
N GLN H 93 -2.02 -24.07 -8.54
CA GLN H 93 -2.59 -25.14 -7.73
C GLN H 93 -1.87 -25.10 -6.40
N ILE H 94 -2.63 -25.34 -5.33
CA ILE H 94 -2.08 -25.34 -3.99
C ILE H 94 -2.50 -26.65 -3.34
N LYS H 95 -1.55 -27.57 -3.18
CA LYS H 95 -1.83 -28.86 -2.59
C LYS H 95 -0.53 -29.56 -2.19
N PRO H 96 -0.49 -30.15 -0.99
CA PRO H 96 0.70 -30.86 -0.53
C PRO H 96 1.10 -31.89 -1.58
N LEU H 97 2.41 -32.03 -1.79
CA LEU H 97 2.95 -32.96 -2.76
C LEU H 97 2.32 -34.36 -2.74
N LEU H 98 2.24 -34.94 -1.54
CA LEU H 98 1.70 -36.29 -1.38
C LEU H 98 0.26 -36.46 -1.85
N GLU H 99 -0.48 -35.37 -1.93
CA GLU H 99 -1.87 -35.40 -2.36
C GLU H 99 -2.02 -35.14 -3.86
N VAL H 100 -1.00 -34.55 -4.47
CA VAL H 100 -1.04 -34.25 -5.89
C VAL H 100 -1.46 -35.47 -6.69
N THR H 101 -2.47 -35.32 -7.52
CA THR H 101 -3.00 -36.42 -8.34
C THR H 101 -2.55 -36.31 -9.79
N GLU H 102 -2.66 -37.41 -10.54
CA GLU H 102 -2.29 -37.40 -11.94
C GLU H 102 -3.23 -36.43 -12.65
N GLU H 103 -4.47 -36.36 -12.16
CA GLU H 103 -5.46 -35.45 -12.72
C GLU H 103 -4.95 -34.02 -12.59
N ASP H 104 -4.48 -33.66 -11.40
CA ASP H 104 -3.96 -32.32 -11.16
C ASP H 104 -2.83 -32.04 -12.15
N LEU H 105 -1.88 -32.97 -12.22
CA LEU H 105 -0.72 -32.84 -13.09
C LEU H 105 -1.08 -32.58 -14.55
N LYS H 106 -1.92 -33.44 -15.12
CA LYS H 106 -2.35 -33.27 -16.50
C LYS H 106 -2.98 -31.90 -16.76
N GLN H 107 -3.81 -31.45 -15.83
CA GLN H 107 -4.50 -30.17 -15.96
C GLN H 107 -3.55 -28.97 -15.94
N ILE H 108 -2.69 -28.89 -14.92
CA ILE H 108 -1.78 -27.76 -14.81
C ILE H 108 -0.71 -27.73 -15.91
N TYR H 109 -0.27 -28.90 -16.36
CA TYR H 109 0.74 -28.93 -17.41
C TYR H 109 0.16 -28.52 -18.74
N SER H 110 -1.10 -28.85 -18.96
CA SER H 110 -1.75 -28.47 -20.20
C SER H 110 -1.86 -26.95 -20.30
N VAL H 111 -2.38 -26.33 -19.25
CA VAL H 111 -2.57 -24.88 -19.21
C VAL H 111 -1.29 -24.06 -19.02
N ASN H 112 -0.40 -24.55 -18.15
CA ASN H 112 0.83 -23.84 -17.87
C ASN H 112 2.05 -24.14 -18.74
N VAL H 113 2.07 -25.29 -19.39
CA VAL H 113 3.21 -25.66 -20.22
C VAL H 113 2.91 -25.98 -21.68
N PHE H 114 1.99 -26.89 -21.93
CA PHE H 114 1.65 -27.26 -23.31
C PHE H 114 1.22 -26.02 -24.10
N SER H 115 0.42 -25.17 -23.47
CA SER H 115 -0.07 -23.96 -24.10
C SER H 115 1.07 -23.07 -24.60
N VAL H 116 2.12 -22.95 -23.79
CA VAL H 116 3.26 -22.14 -24.17
C VAL H 116 3.95 -22.72 -25.41
N PHE H 117 4.04 -24.04 -25.49
CA PHE H 117 4.64 -24.68 -26.67
C PHE H 117 3.78 -24.28 -27.88
N PHE H 118 2.47 -24.29 -27.68
CA PHE H 118 1.50 -23.95 -28.73
C PHE H 118 1.63 -22.49 -29.14
N GLY H 119 1.67 -21.60 -28.16
CA GLY H 119 1.79 -20.18 -28.42
C GLY H 119 3.07 -19.88 -29.18
N ILE H 120 4.15 -20.55 -28.78
CA ILE H 120 5.45 -20.36 -29.43
C ILE H 120 5.40 -20.81 -30.89
N GLN H 121 4.79 -21.97 -31.13
CA GLN H 121 4.66 -22.50 -32.50
C GLN H 121 3.79 -21.58 -33.33
N ALA H 122 2.59 -21.29 -32.84
CA ALA H 122 1.65 -20.42 -33.55
C ALA H 122 2.26 -19.06 -33.87
N ALA H 123 2.75 -18.38 -32.84
CA ALA H 123 3.36 -17.06 -33.02
C ALA H 123 4.47 -17.13 -34.05
N SER H 124 5.31 -18.16 -33.92
CA SER H 124 6.42 -18.36 -34.84
C SER H 124 5.91 -18.37 -36.26
N ARG H 125 4.88 -19.17 -36.52
CA ARG H 125 4.27 -19.28 -37.84
C ARG H 125 3.90 -17.90 -38.36
N LYS H 126 3.13 -17.16 -37.56
CA LYS H 126 2.68 -15.84 -37.94
C LYS H 126 3.83 -14.90 -38.27
N PHE H 127 4.78 -14.76 -37.35
CA PHE H 127 5.93 -13.90 -37.57
C PHE H 127 6.51 -14.17 -38.96
N ASP H 128 6.87 -15.41 -39.22
CA ASP H 128 7.44 -15.79 -40.51
C ASP H 128 6.48 -15.49 -41.67
N GLU H 129 5.22 -15.88 -41.51
CA GLU H 129 4.21 -15.65 -42.53
C GLU H 129 4.20 -14.17 -42.93
N LEU H 130 4.21 -13.30 -41.93
CA LEU H 130 4.21 -11.86 -42.15
C LEU H 130 5.61 -11.37 -42.54
N GLY H 131 6.57 -12.28 -42.56
CA GLY H 131 7.93 -11.91 -42.90
C GLY H 131 8.51 -10.88 -41.96
N VAL H 132 8.51 -11.19 -40.67
CA VAL H 132 9.03 -10.26 -39.67
C VAL H 132 9.68 -11.00 -38.50
N LYS H 133 10.45 -10.28 -37.71
CA LYS H 133 11.12 -10.84 -36.54
C LYS H 133 10.26 -10.53 -35.34
N GLY H 134 9.80 -11.57 -34.64
CA GLY H 134 8.94 -11.35 -33.49
C GLY H 134 9.54 -11.63 -32.14
N LYS H 135 8.83 -11.23 -31.10
CA LYS H 135 9.24 -11.43 -29.73
C LYS H 135 8.20 -12.24 -28.99
N ILE H 136 8.65 -13.30 -28.32
CA ILE H 136 7.75 -14.15 -27.55
C ILE H 136 8.15 -13.95 -26.10
N ILE H 137 7.17 -13.62 -25.27
CA ILE H 137 7.40 -13.37 -23.84
C ILE H 137 6.55 -14.30 -23.00
N ASN H 138 7.22 -15.17 -22.24
CA ASN H 138 6.52 -16.13 -21.40
C ASN H 138 6.46 -15.74 -19.94
N ALA H 139 5.38 -16.13 -19.29
CA ALA H 139 5.18 -15.84 -17.88
C ALA H 139 5.81 -16.94 -17.02
N ALA H 140 6.92 -16.62 -16.39
CA ALA H 140 7.60 -17.56 -15.51
C ALA H 140 7.17 -17.21 -14.10
N SER H 141 8.07 -17.35 -13.13
CA SER H 141 7.76 -17.05 -11.74
C SER H 141 8.99 -17.30 -10.88
N ILE H 142 8.99 -16.77 -9.66
CA ILE H 142 10.11 -17.03 -8.77
C ILE H 142 10.08 -18.54 -8.55
N ALA H 143 8.90 -19.13 -8.71
CA ALA H 143 8.71 -20.57 -8.55
C ALA H 143 9.37 -21.33 -9.69
N ALA H 144 9.95 -20.60 -10.65
CA ALA H 144 10.63 -21.23 -11.75
C ALA H 144 12.13 -21.24 -11.45
N ILE H 145 12.51 -20.47 -10.44
CA ILE H 145 13.91 -20.36 -10.03
C ILE H 145 14.17 -21.19 -8.76
N GLN H 146 13.17 -21.29 -7.90
CA GLN H 146 13.28 -22.09 -6.70
C GLN H 146 11.94 -22.75 -6.46
N GLY H 147 11.94 -24.08 -6.30
CA GLY H 147 10.70 -24.80 -6.06
C GLY H 147 10.08 -24.43 -4.73
N PHE H 148 8.75 -24.36 -4.70
CA PHE H 148 8.07 -24.01 -3.47
C PHE H 148 7.25 -25.14 -2.86
N PRO H 149 7.41 -25.39 -1.55
CA PRO H 149 6.68 -26.44 -0.86
C PRO H 149 5.20 -26.10 -0.96
N ILE H 150 4.35 -27.11 -1.02
CA ILE H 150 2.90 -26.93 -1.12
C ILE H 150 2.44 -26.51 -2.52
N LEU H 151 3.37 -25.96 -3.31
CA LEU H 151 3.05 -25.55 -4.67
C LEU H 151 4.01 -26.23 -5.63
N SER H 152 4.26 -27.51 -5.38
CA SER H 152 5.18 -28.30 -6.22
C SER H 152 4.69 -28.45 -7.66
N ALA H 153 3.42 -28.83 -7.82
CA ALA H 153 2.86 -28.99 -9.16
C ALA H 153 3.09 -27.71 -9.93
N TYR H 154 2.68 -26.60 -9.34
CA TYR H 154 2.83 -25.28 -9.96
C TYR H 154 4.30 -24.99 -10.27
N SER H 155 5.15 -25.17 -9.27
CA SER H 155 6.58 -24.91 -9.43
C SER H 155 7.18 -25.68 -10.61
N THR H 156 6.86 -26.97 -10.73
CA THR H 156 7.40 -27.77 -11.81
C THR H 156 6.98 -27.28 -13.19
N THR H 157 5.77 -26.73 -13.31
CA THR H 157 5.34 -26.23 -14.61
C THR H 157 6.13 -24.98 -14.98
N LYS H 158 6.34 -24.10 -14.01
CA LYS H 158 7.09 -22.88 -14.26
C LYS H 158 8.55 -23.18 -14.57
N PHE H 159 9.10 -24.23 -13.97
CA PHE H 159 10.49 -24.62 -14.25
C PHE H 159 10.52 -25.08 -15.71
N ALA H 160 9.46 -25.76 -16.13
CA ALA H 160 9.36 -26.26 -17.49
C ALA H 160 9.34 -25.06 -18.45
N VAL H 161 8.59 -24.03 -18.07
CA VAL H 161 8.48 -22.80 -18.85
C VAL H 161 9.86 -22.18 -18.99
N ARG H 162 10.62 -22.22 -17.90
CA ARG H 162 11.97 -21.68 -17.86
C ARG H 162 12.83 -22.34 -18.94
N GLY H 163 12.85 -23.67 -18.94
CA GLY H 163 13.63 -24.41 -19.92
C GLY H 163 13.08 -24.25 -21.33
N LEU H 164 11.77 -24.10 -21.44
CA LEU H 164 11.17 -23.93 -22.76
C LEU H 164 11.72 -22.64 -23.37
N THR H 165 11.73 -21.58 -22.56
CA THR H 165 12.23 -20.29 -23.01
C THR H 165 13.65 -20.43 -23.56
N GLN H 166 14.51 -21.14 -22.84
CA GLN H 166 15.89 -21.37 -23.23
C GLN H 166 16.00 -22.16 -24.53
N ALA H 167 15.29 -23.28 -24.62
CA ALA H 167 15.33 -24.11 -25.81
C ALA H 167 14.77 -23.36 -27.04
N ALA H 168 13.61 -22.75 -26.86
CA ALA H 168 12.95 -22.01 -27.94
C ALA H 168 13.79 -20.85 -28.47
N ALA H 169 14.42 -20.12 -27.59
CA ALA H 169 15.26 -19.00 -27.98
C ALA H 169 16.40 -19.46 -28.87
N GLN H 170 17.00 -20.60 -28.53
CA GLN H 170 18.11 -21.14 -29.30
C GLN H 170 17.68 -21.73 -30.64
N GLU H 171 16.45 -22.20 -30.72
CA GLU H 171 15.97 -22.80 -31.96
C GLU H 171 15.41 -21.77 -32.94
N LEU H 172 14.76 -20.73 -32.42
CA LEU H 172 14.19 -19.71 -33.28
C LEU H 172 15.16 -18.58 -33.60
N ALA H 173 16.26 -18.53 -32.85
CA ALA H 173 17.28 -17.50 -33.04
C ALA H 173 17.64 -17.25 -34.52
N PRO H 174 18.00 -18.31 -35.25
CA PRO H 174 18.36 -18.14 -36.66
C PRO H 174 17.32 -17.42 -37.53
N LYS H 175 16.09 -17.31 -37.03
CA LYS H 175 15.03 -16.63 -37.78
C LYS H 175 14.87 -15.19 -37.30
N GLY H 176 15.65 -14.81 -36.30
CA GLY H 176 15.58 -13.46 -35.80
C GLY H 176 14.51 -13.29 -34.73
N HIS H 177 13.94 -14.40 -34.30
CA HIS H 177 12.93 -14.37 -33.27
C HIS H 177 13.57 -14.61 -31.91
N THR H 178 13.07 -13.92 -30.89
CA THR H 178 13.61 -14.08 -29.55
C THR H 178 12.55 -14.67 -28.64
N VAL H 179 13.00 -15.23 -27.53
CA VAL H 179 12.10 -15.82 -26.55
C VAL H 179 12.68 -15.56 -25.17
N ASN H 180 11.94 -14.81 -24.35
CA ASN H 180 12.39 -14.50 -23.00
C ASN H 180 11.20 -14.69 -22.07
N ALA H 181 11.44 -14.61 -20.76
CA ALA H 181 10.38 -14.77 -19.78
C ALA H 181 10.53 -13.81 -18.62
N TYR H 182 9.42 -13.52 -17.95
CA TYR H 182 9.42 -12.64 -16.81
C TYR H 182 9.03 -13.46 -15.59
N ALA H 183 9.68 -13.20 -14.46
CA ALA H 183 9.40 -13.94 -13.24
C ALA H 183 9.00 -13.01 -12.11
N PRO H 184 7.69 -12.76 -11.96
CA PRO H 184 7.26 -11.87 -10.88
C PRO H 184 7.38 -12.55 -9.50
N GLY H 185 7.22 -11.76 -8.45
CA GLY H 185 7.31 -12.32 -7.11
C GLY H 185 5.95 -12.66 -6.54
N ILE H 186 5.46 -11.84 -5.62
CA ILE H 186 4.16 -12.05 -5.00
C ILE H 186 3.27 -10.90 -5.48
N VAL H 187 2.45 -11.17 -6.50
CA VAL H 187 1.56 -10.16 -7.05
C VAL H 187 0.12 -10.35 -6.56
N GLY H 188 -0.39 -9.35 -5.85
CA GLY H 188 -1.74 -9.42 -5.31
C GLY H 188 -2.84 -9.40 -6.36
N THR H 189 -3.05 -10.55 -6.98
CA THR H 189 -4.07 -10.70 -8.02
C THR H 189 -5.08 -11.73 -7.53
N GLY H 190 -5.95 -12.16 -8.42
CA GLY H 190 -6.93 -13.17 -8.06
C GLY H 190 -6.20 -14.46 -7.75
N MET H 191 -5.08 -14.69 -8.45
CA MET H 191 -4.31 -15.90 -8.23
C MET H 191 -3.87 -16.02 -6.78
N TRP H 192 -3.43 -14.92 -6.18
CA TRP H 192 -3.01 -14.98 -4.79
C TRP H 192 -4.16 -14.87 -3.79
N GLU H 193 -5.34 -14.49 -4.28
CA GLU H 193 -6.51 -14.43 -3.39
C GLU H 193 -6.78 -15.90 -3.13
N GLN H 194 -6.66 -16.68 -4.20
CA GLN H 194 -6.86 -18.12 -4.18
C GLN H 194 -5.75 -18.86 -3.42
N ILE H 195 -4.50 -18.56 -3.75
CA ILE H 195 -3.39 -19.21 -3.08
C ILE H 195 -3.48 -19.00 -1.57
N ASP H 196 -3.73 -17.77 -1.16
CA ASP H 196 -3.83 -17.47 0.27
C ASP H 196 -5.01 -18.20 0.89
N ALA H 197 -6.10 -18.29 0.15
CA ALA H 197 -7.31 -18.96 0.63
C ALA H 197 -7.04 -20.45 0.83
N GLU H 198 -6.49 -21.09 -0.20
CA GLU H 198 -6.18 -22.51 -0.15
C GLU H 198 -5.10 -22.80 0.89
N LEU H 199 -4.21 -21.85 1.09
CA LEU H 199 -3.14 -22.01 2.07
C LEU H 199 -3.78 -21.93 3.45
N SER H 200 -4.82 -21.13 3.57
CA SER H 200 -5.54 -20.95 4.83
C SER H 200 -6.21 -22.26 5.22
N LYS H 201 -6.83 -22.92 4.24
CA LYS H 201 -7.50 -24.19 4.50
C LYS H 201 -6.48 -25.22 4.97
N ILE H 202 -5.23 -25.06 4.54
CA ILE H 202 -4.16 -25.98 4.91
C ILE H 202 -3.53 -25.69 6.26
N ASN H 203 -3.07 -24.45 6.47
CA ASN H 203 -2.41 -24.09 7.70
C ASN H 203 -3.32 -23.37 8.71
N GLY H 204 -4.56 -23.12 8.30
CA GLY H 204 -5.51 -22.46 9.19
C GLY H 204 -5.33 -20.97 9.39
N LYS H 205 -4.16 -20.44 9.05
CA LYS H 205 -3.89 -19.01 9.22
C LYS H 205 -5.01 -18.15 8.66
N PRO H 206 -5.45 -17.14 9.43
CA PRO H 206 -6.54 -16.27 8.95
C PRO H 206 -6.29 -15.74 7.54
N ILE H 207 -7.36 -15.41 6.84
CA ILE H 207 -7.26 -14.90 5.48
C ILE H 207 -6.32 -13.71 5.34
N GLY H 208 -5.61 -13.67 4.21
CA GLY H 208 -4.67 -12.60 3.95
C GLY H 208 -3.34 -12.78 4.66
N GLU H 209 -3.35 -13.56 5.74
CA GLU H 209 -2.14 -13.79 6.53
C GLU H 209 -1.04 -14.50 5.73
N ASN H 210 -1.41 -15.52 4.97
CA ASN H 210 -0.45 -16.26 4.16
C ASN H 210 0.15 -15.35 3.10
N PHE H 211 -0.66 -14.45 2.56
CA PHE H 211 -0.19 -13.51 1.55
C PHE H 211 0.93 -12.66 2.18
N LYS H 212 0.66 -12.13 3.36
CA LYS H 212 1.64 -11.30 4.08
C LYS H 212 2.92 -12.07 4.38
N GLU H 213 2.77 -13.26 4.94
CA GLU H 213 3.92 -14.10 5.29
C GLU H 213 4.84 -14.28 4.09
N TYR H 214 4.29 -14.71 2.96
CA TYR H 214 5.10 -14.91 1.76
C TYR H 214 5.71 -13.60 1.24
N SER H 215 5.16 -12.47 1.68
CA SER H 215 5.64 -11.16 1.25
C SER H 215 6.69 -10.57 2.20
N SER H 216 6.67 -11.03 3.45
CA SER H 216 7.58 -10.55 4.48
C SER H 216 9.07 -10.50 4.13
N SER H 217 9.48 -11.23 3.08
CA SER H 217 10.90 -11.26 2.71
C SER H 217 11.28 -10.47 1.47
N ILE H 218 10.36 -9.67 0.95
CA ILE H 218 10.66 -8.89 -0.24
C ILE H 218 11.62 -7.77 0.13
N ALA H 219 12.72 -7.67 -0.62
CA ALA H 219 13.73 -6.65 -0.34
C ALA H 219 13.15 -5.24 -0.40
N LEU H 220 12.42 -4.93 -1.46
CA LEU H 220 11.85 -3.60 -1.61
C LEU H 220 10.64 -3.38 -0.70
N GLY H 221 10.43 -4.31 0.23
CA GLY H 221 9.35 -4.19 1.19
C GLY H 221 7.94 -4.56 0.76
N ARG H 222 7.33 -3.72 -0.07
CA ARG H 222 5.95 -3.97 -0.50
C ARG H 222 5.78 -5.04 -1.56
N PRO H 223 4.62 -5.72 -1.53
CA PRO H 223 4.31 -6.78 -2.50
C PRO H 223 4.16 -6.15 -3.88
N SER H 224 3.97 -6.98 -4.89
CA SER H 224 3.86 -6.49 -6.25
C SER H 224 2.43 -6.27 -6.74
N VAL H 225 2.30 -5.40 -7.74
CA VAL H 225 1.03 -5.09 -8.38
C VAL H 225 1.32 -5.32 -9.87
N PRO H 226 0.28 -5.59 -10.67
CA PRO H 226 0.47 -5.82 -12.10
C PRO H 226 1.37 -4.83 -12.82
N GLU H 227 1.40 -3.59 -12.33
CA GLU H 227 2.22 -2.56 -12.96
C GLU H 227 3.72 -2.87 -12.89
N ASP H 228 4.16 -3.39 -11.74
CA ASP H 228 5.57 -3.73 -11.57
C ASP H 228 6.03 -4.66 -12.69
N VAL H 229 5.26 -5.72 -12.91
CA VAL H 229 5.57 -6.70 -13.93
C VAL H 229 5.50 -6.12 -15.34
N ALA H 230 4.52 -5.26 -15.56
CA ALA H 230 4.38 -4.62 -16.87
C ALA H 230 5.68 -3.90 -17.22
N GLY H 231 6.34 -3.39 -16.19
CA GLY H 231 7.61 -2.69 -16.38
C GLY H 231 8.63 -3.51 -17.13
N LEU H 232 8.85 -4.75 -16.69
CA LEU H 232 9.81 -5.63 -17.35
C LEU H 232 9.33 -6.07 -18.73
N VAL H 233 8.07 -6.49 -18.79
CA VAL H 233 7.50 -6.95 -20.06
C VAL H 233 7.62 -5.82 -21.09
N SER H 234 7.43 -4.58 -20.63
CA SER H 234 7.53 -3.42 -21.48
C SER H 234 8.88 -3.45 -22.20
N PHE H 235 9.95 -3.63 -21.43
CA PHE H 235 11.30 -3.71 -21.97
C PHE H 235 11.44 -4.89 -22.93
N LEU H 236 10.91 -6.03 -22.53
CA LEU H 236 10.98 -7.26 -23.32
C LEU H 236 10.20 -7.14 -24.63
N ALA H 237 9.23 -6.22 -24.67
CA ALA H 237 8.44 -6.00 -25.87
C ALA H 237 9.10 -4.97 -26.79
N SER H 238 9.89 -4.08 -26.20
CA SER H 238 10.57 -3.02 -26.95
C SER H 238 11.80 -3.50 -27.69
N GLU H 239 12.36 -2.60 -28.51
CA GLU H 239 13.55 -2.90 -29.30
C GLU H 239 14.82 -2.85 -28.47
N ASN H 240 14.72 -2.34 -27.25
CA ASN H 240 15.86 -2.25 -26.34
C ASN H 240 16.29 -3.63 -25.85
N SER H 241 15.53 -4.65 -26.22
CA SER H 241 15.84 -6.02 -25.80
C SER H 241 16.18 -6.91 -26.99
N ASN H 242 16.41 -6.29 -28.14
CA ASN H 242 16.72 -7.04 -29.35
C ASN H 242 17.91 -7.98 -29.22
N TYR H 243 18.78 -7.76 -28.24
CA TYR H 243 19.95 -8.63 -28.08
C TYR H 243 19.86 -9.52 -26.84
N VAL H 244 18.65 -9.64 -26.31
CA VAL H 244 18.39 -10.46 -25.12
C VAL H 244 17.50 -11.63 -25.52
N THR H 245 17.99 -12.86 -25.34
CA THR H 245 17.20 -14.03 -25.69
C THR H 245 17.52 -15.25 -24.84
N GLY H 246 16.47 -16.00 -24.51
CA GLY H 246 16.64 -17.21 -23.71
C GLY H 246 16.79 -16.94 -22.24
N GLN H 247 16.38 -15.75 -21.80
CA GLN H 247 16.52 -15.38 -20.40
C GLN H 247 15.19 -15.36 -19.64
N VAL H 248 15.28 -15.61 -18.34
CA VAL H 248 14.13 -15.58 -17.44
C VAL H 248 14.52 -14.52 -16.43
N MET H 249 13.94 -13.32 -16.58
CA MET H 249 14.29 -12.21 -15.70
C MET H 249 13.33 -12.00 -14.54
N LEU H 250 13.91 -11.88 -13.34
CA LEU H 250 13.16 -11.67 -12.11
C LEU H 250 12.76 -10.22 -11.87
N VAL H 251 11.49 -10.04 -11.50
CA VAL H 251 10.92 -8.75 -11.17
C VAL H 251 10.10 -9.10 -9.95
N ASP H 252 10.80 -9.31 -8.83
CA ASP H 252 10.16 -9.72 -7.58
C ASP H 252 10.42 -8.77 -6.41
N GLY H 253 10.97 -7.59 -6.70
CA GLY H 253 11.25 -6.66 -5.64
C GLY H 253 12.37 -7.16 -4.73
N GLY H 254 13.11 -8.16 -5.20
CA GLY H 254 14.20 -8.71 -4.41
C GLY H 254 13.78 -9.88 -3.52
N MET H 255 13.73 -11.07 -4.10
CA MET H 255 13.36 -12.29 -3.39
C MET H 255 14.36 -13.40 -3.74
N LEU H 256 14.59 -13.56 -5.04
CA LEU H 256 15.54 -14.56 -5.54
C LEU H 256 16.52 -13.79 -6.41
N TYR H 257 17.76 -14.28 -6.50
CA TYR H 257 18.76 -13.57 -7.27
C TYR H 257 19.43 -14.37 -8.38
N ASN H 258 19.07 -15.65 -8.46
CA ASN H 258 19.62 -16.54 -9.49
C ASN H 258 21.14 -16.53 -9.44
#